data_3MMT
#
_entry.id   3MMT
#
_cell.length_a   72.390
_cell.length_b   127.710
_cell.length_c   157.630
_cell.angle_alpha   90.00
_cell.angle_beta   90.00
_cell.angle_gamma   90.00
#
_symmetry.space_group_name_H-M   'P 21 21 21'
#
loop_
_entity.id
_entity.type
_entity.pdbx_description
1 polymer 'Fructose-bisphosphate aldolase'
2 non-polymer '1,6-FRUCTOSE DIPHOSPHATE (LINEAR FORM)'
3 water water
#
_entity_poly.entity_id   1
_entity_poly.type   'polypeptide(L)'
_entity_poly.pdbx_seq_one_letter_code
;GPGSMNERLEDIALTLVGAGKGILAADESTATIGKRFESIGVECTEDNRRAYREMLFTAKEAMESAISGVILFDETLRQK
ASTGQMLTDLIRDAGAVPGIKVDTGAKPLAAFPQETITEGLDGLRERLKDYYTLGARFAKWRAVIAIDAQTLPTRGAISQ
NAQALARYAALCQEAGLVPIVEPEVLMDGPSRQHSITRCFEVTKVVLHTVFKELFEARVLFEGMILKPNMVIDGKDARIA
SVEEVAEKTVHVLKQTVPAAVPGIAFLSGGQTDEEATAHLSAMNALGALPWKLTFSYGRALQAAALKAWAGKNENIVVAQ
KAFCHRARMNHLAALGQWTKDQEKSCA
;
_entity_poly.pdbx_strand_id   A,B,C,D
#
# COMPACT_ATOMS: atom_id res chain seq x y z
N GLY A 3 -12.07 7.46 -24.91
CA GLY A 3 -11.85 6.95 -26.30
C GLY A 3 -11.44 8.06 -27.28
N SER A 4 -12.43 8.69 -27.91
CA SER A 4 -12.19 9.94 -28.64
C SER A 4 -11.83 11.04 -27.65
N MET A 5 -12.43 10.99 -26.46
CA MET A 5 -12.20 11.99 -25.41
C MET A 5 -10.81 11.90 -24.79
N ASN A 6 -10.35 10.68 -24.51
CA ASN A 6 -8.96 10.46 -24.16
C ASN A 6 -8.03 11.05 -25.22
N GLU A 7 -8.30 10.74 -26.48
CA GLU A 7 -7.50 11.24 -27.60
C GLU A 7 -7.43 12.77 -27.59
N ARG A 8 -8.55 13.40 -27.28
CA ARG A 8 -8.64 14.85 -27.16
C ARG A 8 -7.82 15.39 -26.00
N LEU A 9 -7.88 14.73 -24.84
CA LEU A 9 -7.07 15.14 -23.70
C LEU A 9 -5.57 15.13 -24.07
N GLU A 10 -5.14 14.16 -24.88
CA GLU A 10 -3.72 14.09 -25.29
C GLU A 10 -3.41 15.28 -26.16
N ASP A 11 -4.27 15.54 -27.14
CA ASP A 11 -4.08 16.63 -28.07
C ASP A 11 -3.93 17.96 -27.32
N ILE A 12 -4.79 18.21 -26.33
CA ILE A 12 -4.70 19.43 -25.53
C ILE A 12 -3.39 19.43 -24.75
N ALA A 13 -3.07 18.32 -24.10
CA ALA A 13 -1.84 18.19 -23.33
C ALA A 13 -0.60 18.43 -24.21
N LEU A 14 -0.56 17.81 -25.37
CA LEU A 14 0.54 18.01 -26.32
C LEU A 14 0.66 19.48 -26.75
N THR A 15 -0.47 20.13 -27.05
CA THR A 15 -0.40 21.55 -27.43
C THR A 15 0.23 22.40 -26.34
N LEU A 16 -0.12 22.11 -25.08
CA LEU A 16 0.40 22.88 -23.95
C LEU A 16 1.91 22.77 -23.75
N VAL A 17 2.54 21.72 -24.28
CA VAL A 17 3.99 21.56 -24.09
C VAL A 17 4.75 21.43 -25.42
N GLY A 18 4.08 21.71 -26.53
CA GLY A 18 4.69 21.53 -27.86
C GLY A 18 5.39 22.75 -28.45
N ALA A 19 6.23 22.52 -29.46
CA ALA A 19 6.81 23.60 -30.27
C ALA A 19 7.64 24.61 -29.47
N GLY A 20 8.35 24.13 -28.46
CA GLY A 20 9.18 25.00 -27.62
C GLY A 20 8.43 26.10 -26.89
N LYS A 21 7.15 25.91 -26.64
CA LYS A 21 6.35 26.88 -25.91
C LYS A 21 6.15 26.41 -24.46
N GLY A 22 5.60 27.29 -23.62
CA GLY A 22 5.35 26.96 -22.21
C GLY A 22 4.22 27.75 -21.56
N ILE A 23 3.97 27.48 -20.29
CA ILE A 23 2.79 28.01 -19.62
C ILE A 23 3.09 29.25 -18.79
N LEU A 24 2.20 30.24 -18.89
CA LEU A 24 2.23 31.38 -17.98
C LEU A 24 1.38 31.07 -16.76
N ALA A 25 2.04 30.91 -15.62
CA ALA A 25 1.38 30.66 -14.35
C ALA A 25 0.86 31.98 -13.74
N ALA A 26 -0.32 32.42 -14.19
CA ALA A 26 -0.90 33.70 -13.79
C ALA A 26 -2.05 33.53 -12.82
N ASP A 27 -1.99 32.46 -12.03
CA ASP A 27 -3.14 31.98 -11.26
C ASP A 27 -3.07 32.32 -9.75
N GLU A 28 -2.23 33.28 -9.39
CA GLU A 28 -2.07 33.68 -8.00
C GLU A 28 -3.44 33.99 -7.40
N SER A 29 -3.70 33.44 -6.20
CA SER A 29 -4.94 33.74 -5.50
C SER A 29 -4.91 35.21 -5.05
N THR A 30 -6.03 35.67 -4.54
CA THR A 30 -6.16 37.04 -4.06
C THR A 30 -5.08 37.38 -3.02
N ALA A 31 -4.97 36.54 -1.99
CA ALA A 31 -3.94 36.69 -0.95
C ALA A 31 -2.51 36.69 -1.51
N THR A 32 -2.22 35.78 -2.44
CA THR A 32 -0.88 35.68 -3.03
C THR A 32 -0.49 36.87 -3.91
N ILE A 33 -1.29 37.17 -4.94
CA ILE A 33 -1.04 38.33 -5.81
C ILE A 33 -0.98 39.63 -4.99
N GLY A 34 -1.79 39.71 -3.92
CA GLY A 34 -1.74 40.85 -3.00
C GLY A 34 -0.38 41.02 -2.36
N LYS A 35 0.21 39.91 -1.92
CA LYS A 35 1.56 39.92 -1.36
C LYS A 35 2.57 40.46 -2.40
N ARG A 36 2.41 40.05 -3.65
CA ARG A 36 3.31 40.45 -4.74
C ARG A 36 3.15 41.93 -5.09
N PHE A 37 1.92 42.43 -4.97
CA PHE A 37 1.63 43.85 -5.18
C PHE A 37 2.19 44.71 -4.05
N GLU A 38 2.05 44.23 -2.81
CA GLU A 38 2.50 44.95 -1.62
C GLU A 38 4.02 45.13 -1.62
N SER A 39 4.75 44.20 -2.20
CA SER A 39 6.21 44.34 -2.30
C SER A 39 6.62 45.54 -3.17
N ILE A 40 5.87 45.82 -4.23
CA ILE A 40 6.14 46.96 -5.11
C ILE A 40 5.26 48.18 -4.82
N GLY A 41 4.56 48.16 -3.69
CA GLY A 41 3.79 49.32 -3.22
C GLY A 41 2.48 49.59 -3.92
N VAL A 42 1.94 48.61 -4.65
CA VAL A 42 0.67 48.80 -5.39
C VAL A 42 -0.50 48.21 -4.61
N GLU A 43 -1.56 49.00 -4.41
CA GLU A 43 -2.75 48.54 -3.68
C GLU A 43 -3.44 47.37 -4.41
N CYS A 44 -3.73 46.30 -3.69
CA CYS A 44 -4.34 45.12 -4.31
C CYS A 44 -5.86 45.27 -4.36
N THR A 45 -6.35 45.73 -5.50
CA THR A 45 -7.78 45.87 -5.77
C THR A 45 -8.11 45.08 -7.03
N GLU A 46 -9.40 44.74 -7.19
CA GLU A 46 -9.86 44.00 -8.37
C GLU A 46 -9.37 44.66 -9.66
N ASP A 47 -9.55 45.98 -9.75
CA ASP A 47 -9.20 46.73 -10.96
C ASP A 47 -7.70 46.72 -11.28
N ASN A 48 -6.85 46.79 -10.25
CA ASN A 48 -5.39 46.72 -10.44
C ASN A 48 -4.95 45.31 -10.85
N ARG A 49 -5.65 44.30 -10.33
CA ARG A 49 -5.41 42.93 -10.76
C ARG A 49 -5.85 42.73 -12.21
N ARG A 50 -6.90 43.44 -12.62
CA ARG A 50 -7.40 43.36 -13.99
C ARG A 50 -6.44 44.06 -14.95
N ALA A 51 -5.98 45.25 -14.59
CA ALA A 51 -5.01 45.98 -15.39
C ALA A 51 -3.71 45.21 -15.55
N TYR A 52 -3.17 44.71 -14.44
CA TYR A 52 -1.91 43.99 -14.44
C TYR A 52 -1.98 42.80 -15.39
N ARG A 53 -3.02 42.00 -15.25
CA ARG A 53 -3.13 40.81 -16.07
C ARG A 53 -3.43 41.14 -17.51
N GLU A 54 -4.21 42.20 -17.75
CA GLU A 54 -4.49 42.63 -19.12
C GLU A 54 -3.18 43.03 -19.80
N MET A 55 -2.29 43.68 -19.06
CA MET A 55 -0.99 44.08 -19.60
C MET A 55 -0.21 42.84 -20.05
N LEU A 56 -0.19 41.79 -19.24
CA LEU A 56 0.48 40.56 -19.62
C LEU A 56 -0.15 39.97 -20.89
N PHE A 57 -1.47 39.81 -20.90
CA PHE A 57 -2.15 39.13 -22.01
C PHE A 57 -2.17 39.90 -23.35
N THR A 58 -1.80 41.18 -23.33
CA THR A 58 -1.76 42.01 -24.55
C THR A 58 -0.30 42.24 -25.00
N ALA A 59 0.64 41.52 -24.39
CA ALA A 59 2.02 41.45 -24.89
C ALA A 59 2.02 40.44 -26.05
N LYS A 60 1.62 40.92 -27.23
CA LYS A 60 1.26 40.07 -28.35
C LYS A 60 2.37 39.10 -28.74
N GLU A 61 3.59 39.61 -28.91
CA GLU A 61 4.73 38.81 -29.37
C GLU A 61 5.10 37.72 -28.37
N ALA A 62 5.11 38.08 -27.09
CA ALA A 62 5.37 37.10 -26.02
C ALA A 62 4.28 36.03 -26.00
N MET A 63 3.03 36.47 -26.00
CA MET A 63 1.90 35.56 -25.94
C MET A 63 1.78 34.70 -27.19
N GLU A 64 2.10 35.25 -28.34
CA GLU A 64 1.89 34.54 -29.61
C GLU A 64 2.97 33.50 -29.82
N SER A 65 4.19 33.84 -29.42
CA SER A 65 5.37 33.07 -29.81
C SER A 65 5.92 32.16 -28.72
N ALA A 66 5.65 32.48 -27.45
CA ALA A 66 6.26 31.76 -26.34
C ALA A 66 5.27 30.98 -25.46
N ILE A 67 4.05 31.49 -25.30
CA ILE A 67 3.11 30.96 -24.32
C ILE A 67 1.98 30.12 -24.93
N SER A 68 1.96 28.84 -24.57
CA SER A 68 0.98 27.88 -25.10
C SER A 68 -0.32 27.95 -24.32
N GLY A 69 -0.22 28.30 -23.05
CA GLY A 69 -1.37 28.34 -22.18
C GLY A 69 -1.17 29.25 -20.98
N VAL A 70 -2.27 29.74 -20.44
CA VAL A 70 -2.23 30.59 -19.25
C VAL A 70 -3.08 30.00 -18.13
N ILE A 71 -2.48 29.82 -16.96
CA ILE A 71 -3.24 29.39 -15.78
C ILE A 71 -3.86 30.62 -15.12
N LEU A 72 -5.17 30.59 -14.91
CA LEU A 72 -5.88 31.75 -14.37
C LEU A 72 -6.53 31.40 -13.05
N PHE A 73 -6.74 32.44 -12.22
CA PHE A 73 -7.52 32.31 -11.00
C PHE A 73 -8.98 32.59 -11.33
N ASP A 74 -9.88 32.03 -10.52
CA ASP A 74 -11.32 32.13 -10.77
C ASP A 74 -11.75 33.52 -11.24
N GLU A 75 -11.40 34.53 -10.45
CA GLU A 75 -11.72 35.91 -10.76
C GLU A 75 -11.36 36.28 -12.18
N THR A 76 -10.10 36.03 -12.55
CA THR A 76 -9.59 36.47 -13.85
C THR A 76 -10.34 35.81 -15.02
N LEU A 77 -10.75 34.56 -14.84
CA LEU A 77 -11.45 33.82 -15.87
C LEU A 77 -12.78 34.51 -16.24
N ARG A 78 -13.39 35.17 -15.25
CA ARG A 78 -14.67 35.88 -15.44
C ARG A 78 -14.56 37.39 -15.72
N GLN A 79 -13.33 37.90 -15.84
CA GLN A 79 -13.07 39.34 -15.98
C GLN A 79 -13.02 39.83 -17.42
N LYS A 80 -13.57 41.02 -17.64
CA LYS A 80 -13.46 41.71 -18.92
C LYS A 80 -12.18 42.54 -18.99
N ALA A 81 -11.59 42.62 -20.18
CA ALA A 81 -10.55 43.60 -20.48
C ALA A 81 -11.19 44.98 -20.58
N SER A 82 -10.37 46.02 -20.48
CA SER A 82 -10.84 47.40 -20.57
C SER A 82 -11.45 47.72 -21.94
N THR A 83 -11.07 46.97 -22.96
CA THR A 83 -11.64 47.14 -24.30
C THR A 83 -13.00 46.44 -24.50
N GLY A 84 -13.48 45.73 -23.48
CA GLY A 84 -14.83 45.15 -23.49
C GLY A 84 -14.88 43.65 -23.74
N GLN A 85 -13.83 43.07 -24.33
CA GLN A 85 -13.79 41.63 -24.49
C GLN A 85 -13.43 41.01 -23.17
N MET A 86 -13.65 39.71 -23.08
CA MET A 86 -13.19 38.91 -21.95
C MET A 86 -11.67 38.85 -21.98
N LEU A 87 -11.02 38.83 -20.82
CA LEU A 87 -9.57 38.61 -20.79
C LEU A 87 -9.21 37.31 -21.52
N THR A 88 -10.06 36.27 -21.42
CA THR A 88 -9.82 35.00 -22.11
C THR A 88 -9.86 35.10 -23.64
N ASP A 89 -10.65 36.05 -24.17
CA ASP A 89 -10.65 36.29 -25.62
C ASP A 89 -9.28 36.71 -26.09
N LEU A 90 -8.62 37.59 -25.34
CA LEU A 90 -7.28 38.06 -25.68
C LEU A 90 -6.31 36.91 -25.70
N ILE A 91 -6.43 36.04 -24.71
CA ILE A 91 -5.55 34.88 -24.59
C ILE A 91 -5.71 33.99 -25.81
N ARG A 92 -6.95 33.68 -26.17
CA ARG A 92 -7.25 32.87 -27.36
C ARG A 92 -6.88 33.53 -28.70
N ASP A 93 -7.04 34.85 -28.80
CA ASP A 93 -6.62 35.57 -30.00
C ASP A 93 -5.11 35.49 -30.22
N ALA A 94 -4.37 35.23 -29.16
CA ALA A 94 -2.93 35.08 -29.26
C ALA A 94 -2.50 33.62 -29.48
N GLY A 95 -3.45 32.72 -29.73
CA GLY A 95 -3.15 31.30 -29.98
C GLY A 95 -2.83 30.52 -28.71
N ALA A 96 -3.07 31.14 -27.55
CA ALA A 96 -2.83 30.48 -26.26
C ALA A 96 -4.14 29.89 -25.70
N VAL A 97 -4.03 28.84 -24.90
CA VAL A 97 -5.17 28.14 -24.31
C VAL A 97 -5.35 28.58 -22.87
N PRO A 98 -6.60 28.89 -22.46
CA PRO A 98 -6.80 29.25 -21.06
C PRO A 98 -7.01 28.05 -20.15
N GLY A 99 -6.50 28.16 -18.93
CA GLY A 99 -6.67 27.15 -17.89
C GLY A 99 -7.00 27.77 -16.54
N ILE A 100 -7.34 26.92 -15.58
CA ILE A 100 -7.95 27.37 -14.34
C ILE A 100 -7.38 26.62 -13.15
N LYS A 101 -6.86 27.35 -12.17
CA LYS A 101 -6.46 26.77 -10.90
C LYS A 101 -7.72 26.51 -10.08
N VAL A 102 -7.87 25.31 -9.55
CA VAL A 102 -9.13 24.90 -8.91
C VAL A 102 -9.02 24.59 -7.42
N ASP A 103 -7.81 24.45 -6.89
CA ASP A 103 -7.66 24.23 -5.45
C ASP A 103 -7.99 25.50 -4.69
N THR A 104 -8.30 25.34 -3.41
CA THR A 104 -8.74 26.45 -2.56
C THR A 104 -7.66 26.81 -1.55
N GLY A 105 -6.42 26.36 -1.78
CA GLY A 105 -5.26 26.69 -0.92
C GLY A 105 -4.76 25.53 -0.10
N ALA A 106 -3.51 25.62 0.35
CA ALA A 106 -2.89 24.58 1.17
C ALA A 106 -3.13 24.89 2.64
N LYS A 107 -3.91 24.05 3.31
CA LYS A 107 -4.30 24.28 4.70
C LYS A 107 -3.52 23.38 5.64
N PRO A 108 -3.43 23.75 6.92
CA PRO A 108 -2.72 22.88 7.87
C PRO A 108 -3.36 21.48 7.97
N LEU A 109 -2.49 20.47 8.06
CA LEU A 109 -2.90 19.06 8.07
C LEU A 109 -3.00 18.59 9.52
N ALA A 110 -4.20 18.24 9.94
CA ALA A 110 -4.48 17.72 11.27
C ALA A 110 -3.54 16.58 11.63
N ALA A 111 -2.93 16.67 12.82
CA ALA A 111 -1.98 15.67 13.32
C ALA A 111 -0.60 15.66 12.62
N PHE A 112 -0.39 16.53 11.63
CA PHE A 112 0.93 16.65 11.00
C PHE A 112 1.43 18.09 11.10
N PRO A 113 1.95 18.48 12.28
CA PRO A 113 2.39 19.88 12.44
C PRO A 113 3.38 20.29 11.39
N GLN A 114 3.25 21.52 10.88
CA GLN A 114 4.13 22.13 9.87
C GLN A 114 3.95 21.58 8.46
N GLU A 115 2.92 20.77 8.25
CA GLU A 115 2.63 20.28 6.92
C GLU A 115 1.22 20.63 6.57
N THR A 116 0.95 20.63 5.28
CA THR A 116 -0.30 21.07 4.76
C THR A 116 -0.98 20.00 3.93
N ILE A 117 -2.29 20.19 3.74
CA ILE A 117 -3.10 19.42 2.83
C ILE A 117 -3.91 20.42 2.02
N THR A 118 -4.02 20.18 0.73
CA THR A 118 -4.67 21.13 -0.16
C THR A 118 -6.14 20.78 -0.24
N GLU A 119 -7.00 21.79 -0.10
CA GLU A 119 -8.44 21.64 -0.17
C GLU A 119 -8.95 22.05 -1.54
N GLY A 120 -10.20 21.69 -1.84
CA GLY A 120 -10.86 22.11 -3.07
C GLY A 120 -11.64 21.06 -3.85
N LEU A 121 -11.77 19.85 -3.31
CA LEU A 121 -12.53 18.80 -3.99
C LEU A 121 -14.03 18.96 -3.92
N ASP A 122 -14.55 19.65 -2.91
CA ASP A 122 -16.01 19.74 -2.75
C ASP A 122 -16.62 20.58 -3.86
N GLY A 123 -17.59 19.98 -4.56
CA GLY A 123 -18.30 20.62 -5.63
C GLY A 123 -17.46 20.80 -6.87
N LEU A 124 -16.31 20.12 -6.94
CA LEU A 124 -15.38 20.36 -8.04
C LEU A 124 -15.94 19.89 -9.38
N ARG A 125 -16.80 18.87 -9.39
CA ARG A 125 -17.39 18.39 -10.66
C ARG A 125 -18.14 19.52 -11.34
N GLU A 126 -18.98 20.19 -10.57
CA GLU A 126 -19.84 21.26 -11.07
C GLU A 126 -19.01 22.48 -11.43
N ARG A 127 -17.98 22.77 -10.65
CA ARG A 127 -17.11 23.91 -10.97
CA ARG A 127 -17.09 23.90 -10.96
C ARG A 127 -16.32 23.67 -12.26
N LEU A 128 -15.90 22.43 -12.49
CA LEU A 128 -15.15 22.09 -13.70
C LEU A 128 -16.04 22.26 -14.92
N LYS A 129 -17.28 21.78 -14.83
CA LYS A 129 -18.22 21.89 -15.94
C LYS A 129 -18.45 23.38 -16.33
N ASP A 130 -18.60 24.23 -15.31
CA ASP A 130 -18.74 25.68 -15.48
C ASP A 130 -17.50 26.30 -16.15
N TYR A 131 -16.33 25.89 -15.68
CA TYR A 131 -15.07 26.42 -16.19
C TYR A 131 -14.84 26.03 -17.66
N TYR A 132 -15.24 24.82 -18.03
CA TYR A 132 -15.15 24.40 -19.42
C TYR A 132 -16.00 25.31 -20.32
N THR A 133 -17.22 25.63 -19.89
CA THR A 133 -18.08 26.52 -20.67
C THR A 133 -17.51 27.96 -20.72
N LEU A 134 -16.66 28.31 -19.75
CA LEU A 134 -15.96 29.60 -19.77
C LEU A 134 -14.63 29.60 -20.55
N GLY A 135 -14.32 28.49 -21.26
CA GLY A 135 -13.16 28.41 -22.11
C GLY A 135 -11.91 27.75 -21.52
N ALA A 136 -11.99 27.31 -20.26
CA ALA A 136 -10.85 26.60 -19.67
C ALA A 136 -10.73 25.21 -20.29
N ARG A 137 -9.52 24.85 -20.71
CA ARG A 137 -9.26 23.56 -21.32
C ARG A 137 -8.22 22.75 -20.56
N PHE A 138 -7.72 23.28 -19.46
CA PHE A 138 -6.83 22.55 -18.59
C PHE A 138 -6.94 23.16 -17.21
N ALA A 139 -6.44 22.46 -16.20
CA ALA A 139 -6.63 22.88 -14.80
C ALA A 139 -5.35 22.75 -13.99
N LYS A 140 -5.40 23.17 -12.73
CA LYS A 140 -4.20 23.13 -11.89
C LYS A 140 -4.52 23.00 -10.40
N TRP A 141 -3.72 22.17 -9.73
CA TRP A 141 -3.86 21.93 -8.30
C TRP A 141 -2.45 21.84 -7.73
N ARG A 142 -2.14 22.72 -6.79
CA ARG A 142 -0.84 22.71 -6.11
C ARG A 142 -0.91 21.97 -4.77
N ALA A 143 -0.05 20.96 -4.60
CA ALA A 143 0.25 20.34 -3.30
C ALA A 143 1.55 20.94 -2.79
N VAL A 144 1.54 21.43 -1.55
CA VAL A 144 2.74 22.01 -0.94
C VAL A 144 3.43 21.00 -0.03
N ILE A 145 4.67 20.62 -0.36
CA ILE A 145 5.42 19.62 0.39
C ILE A 145 6.56 20.30 1.16
N ALA A 146 6.45 20.30 2.47
CA ALA A 146 7.46 20.88 3.34
C ALA A 146 8.71 20.01 3.32
N ILE A 147 9.84 20.59 3.68
CA ILE A 147 11.09 19.84 3.70
C ILE A 147 12.02 20.42 4.75
N ASP A 148 12.75 19.53 5.41
CA ASP A 148 13.90 19.88 6.24
C ASP A 148 14.91 18.72 6.16
N ALA A 149 15.91 18.72 7.05
CA ALA A 149 17.04 17.79 6.92
C ALA A 149 16.69 16.33 7.12
N GLN A 150 15.66 16.04 7.93
CA GLN A 150 15.41 14.65 8.40
C GLN A 150 13.96 14.28 8.79
N THR A 151 13.16 15.22 9.32
CA THR A 151 11.78 14.86 9.72
C THR A 151 10.67 15.21 8.71
N LEU A 152 10.83 16.29 7.96
CA LEU A 152 9.82 16.70 6.97
C LEU A 152 10.37 16.46 5.56
N PRO A 153 9.51 15.99 4.64
CA PRO A 153 8.10 15.65 4.80
C PRO A 153 7.87 14.22 5.25
N THR A 154 6.76 14.01 5.97
CA THR A 154 6.33 12.68 6.39
C THR A 154 5.69 11.90 5.23
N ARG A 155 5.82 10.59 5.26
CA ARG A 155 5.06 9.69 4.37
C ARG A 155 3.56 10.04 4.34
N GLY A 156 2.99 10.26 5.52
CA GLY A 156 1.57 10.55 5.65
C GLY A 156 1.15 11.81 4.93
N ALA A 157 1.90 12.89 5.14
CA ALA A 157 1.62 14.15 4.44
C ALA A 157 1.75 14.00 2.94
N ILE A 158 2.72 13.23 2.47
CA ILE A 158 2.91 13.05 1.03
C ILE A 158 1.77 12.24 0.42
N SER A 159 1.48 11.09 1.00
CA SER A 159 0.42 10.24 0.49
C SER A 159 -0.94 10.97 0.51
N GLN A 160 -1.25 11.69 1.59
CA GLN A 160 -2.55 12.40 1.63
C GLN A 160 -2.64 13.49 0.56
N ASN A 161 -1.54 14.18 0.31
CA ASN A 161 -1.53 15.16 -0.76
C ASN A 161 -1.62 14.51 -2.13
N ALA A 162 -0.90 13.40 -2.31
CA ALA A 162 -0.91 12.66 -3.56
C ALA A 162 -2.33 12.16 -3.85
N GLN A 163 -3.01 11.71 -2.80
CA GLN A 163 -4.38 11.23 -2.92
C GLN A 163 -5.36 12.32 -3.35
N ALA A 164 -5.23 13.52 -2.78
CA ALA A 164 -6.10 14.63 -3.19
C ALA A 164 -5.79 15.06 -4.62
N LEU A 165 -4.51 15.01 -5.00
CA LEU A 165 -4.14 15.37 -6.37
C LEU A 165 -4.82 14.40 -7.37
N ALA A 166 -4.84 13.12 -7.03
CA ALA A 166 -5.43 12.10 -7.91
C ALA A 166 -6.94 12.28 -8.04
N ARG A 167 -7.59 12.57 -6.91
CA ARG A 167 -9.04 12.83 -6.90
C ARG A 167 -9.35 13.98 -7.84
N TYR A 168 -8.53 15.03 -7.75
CA TYR A 168 -8.62 16.19 -8.63
C TYR A 168 -8.42 15.82 -10.09
N ALA A 169 -7.40 15.04 -10.38
CA ALA A 169 -7.02 14.74 -11.75
C ALA A 169 -8.11 13.94 -12.44
N ALA A 170 -8.62 12.91 -11.77
CA ALA A 170 -9.71 12.11 -12.32
C ALA A 170 -10.93 12.96 -12.64
N LEU A 171 -11.23 13.93 -11.78
CA LEU A 171 -12.36 14.84 -11.98
C LEU A 171 -12.18 15.75 -13.19
N CYS A 172 -10.96 16.25 -13.37
CA CYS A 172 -10.64 17.13 -14.50
C CYS A 172 -10.86 16.38 -15.80
N GLN A 173 -10.26 15.21 -15.88
CA GLN A 173 -10.30 14.42 -17.10
C GLN A 173 -11.72 14.00 -17.46
N GLU A 174 -12.55 13.72 -16.47
CA GLU A 174 -13.94 13.38 -16.71
C GLU A 174 -14.70 14.59 -17.29
N ALA A 175 -14.27 15.79 -16.90
CA ALA A 175 -14.87 17.05 -17.37
C ALA A 175 -14.34 17.50 -18.72
N GLY A 176 -13.22 16.95 -19.16
CA GLY A 176 -12.64 17.32 -20.45
C GLY A 176 -11.50 18.30 -20.35
N LEU A 177 -10.99 18.49 -19.13
CA LEU A 177 -9.84 19.37 -18.86
C LEU A 177 -8.59 18.55 -18.57
N VAL A 178 -7.48 18.91 -19.21
CA VAL A 178 -6.19 18.33 -18.88
C VAL A 178 -5.75 18.88 -17.53
N PRO A 179 -5.46 18.00 -16.57
CA PRO A 179 -5.03 18.51 -15.27
C PRO A 179 -3.53 18.66 -15.17
N ILE A 180 -3.08 19.86 -14.78
CA ILE A 180 -1.71 20.05 -14.36
C ILE A 180 -1.59 19.58 -12.92
N VAL A 181 -0.75 18.57 -12.69
CA VAL A 181 -0.46 18.04 -11.35
C VAL A 181 0.80 18.73 -10.78
N GLU A 182 0.63 19.57 -9.76
CA GLU A 182 1.74 20.34 -9.17
C GLU A 182 2.04 19.97 -7.71
N PRO A 183 2.95 19.00 -7.49
CA PRO A 183 3.43 18.71 -6.16
C PRO A 183 4.79 19.38 -5.96
N GLU A 184 4.80 20.48 -5.21
CA GLU A 184 5.99 21.29 -5.02
C GLU A 184 6.70 20.99 -3.72
N VAL A 185 7.93 20.49 -3.82
CA VAL A 185 8.81 20.44 -2.66
C VAL A 185 9.45 21.82 -2.53
N LEU A 186 9.16 22.53 -1.43
CA LEU A 186 9.54 23.92 -1.27
C LEU A 186 11.05 24.11 -1.14
N MET A 187 11.64 24.92 -2.01
CA MET A 187 13.02 25.37 -1.79
C MET A 187 13.05 26.62 -0.91
N ASP A 188 11.92 27.33 -0.83
CA ASP A 188 11.85 28.64 -0.15
C ASP A 188 10.85 28.63 1.01
N GLY A 189 10.77 27.50 1.71
CA GLY A 189 9.85 27.35 2.83
C GLY A 189 10.46 27.80 4.15
N PRO A 190 9.79 27.47 5.27
CA PRO A 190 10.27 27.80 6.62
C PRO A 190 11.66 27.25 6.91
N SER A 191 11.99 26.11 6.31
CA SER A 191 13.36 25.59 6.35
C SER A 191 13.85 25.52 4.91
N ARG A 192 15.03 26.07 4.66
CA ARG A 192 15.53 26.20 3.29
C ARG A 192 17.07 26.18 3.22
N GLN A 193 17.68 25.41 4.11
CA GLN A 193 19.12 25.20 4.10
C GLN A 193 19.45 23.72 3.83
N HIS A 194 18.47 22.99 3.28
CA HIS A 194 18.67 21.58 2.91
C HIS A 194 19.56 21.42 1.67
N SER A 195 20.22 20.27 1.56
CA SER A 195 21.10 20.00 0.42
C SER A 195 20.34 19.51 -0.82
N ILE A 196 21.03 19.48 -1.95
CA ILE A 196 20.42 19.03 -3.19
C ILE A 196 20.21 17.52 -3.17
N THR A 197 21.03 16.81 -2.40
CA THR A 197 20.85 15.36 -2.26
C THR A 197 19.58 15.07 -1.47
N ARG A 198 19.31 15.90 -0.48
CA ARG A 198 18.09 15.80 0.30
C ARG A 198 16.87 16.11 -0.58
N CYS A 199 16.95 17.14 -1.41
CA CYS A 199 15.85 17.43 -2.34
C CYS A 199 15.64 16.30 -3.35
N PHE A 200 16.72 15.66 -3.77
CA PHE A 200 16.63 14.57 -4.72
C PHE A 200 15.83 13.43 -4.13
N GLU A 201 16.21 13.01 -2.92
CA GLU A 201 15.57 11.89 -2.25
C GLU A 201 14.11 12.19 -1.93
N VAL A 202 13.84 13.38 -1.39
CA VAL A 202 12.48 13.76 -1.08
C VAL A 202 11.64 13.80 -2.35
N THR A 203 12.14 14.46 -3.40
CA THR A 203 11.36 14.60 -4.63
C THR A 203 11.06 13.22 -5.26
N LYS A 204 11.99 12.29 -5.08
CA LYS A 204 11.87 10.94 -5.63
C LYS A 204 10.66 10.22 -5.03
N VAL A 205 10.50 10.34 -3.72
CA VAL A 205 9.41 9.70 -3.00
C VAL A 205 8.09 10.42 -3.26
N VAL A 206 8.13 11.74 -3.39
CA VAL A 206 6.94 12.50 -3.75
C VAL A 206 6.40 12.11 -5.13
N LEU A 207 7.26 12.12 -6.15
CA LEU A 207 6.79 11.84 -7.50
C LEU A 207 6.35 10.38 -7.64
N HIS A 208 7.08 9.49 -6.96
CA HIS A 208 6.70 8.09 -6.93
C HIS A 208 5.30 7.89 -6.38
N THR A 209 5.00 8.58 -5.28
CA THR A 209 3.74 8.40 -4.58
C THR A 209 2.63 9.06 -5.37
N VAL A 210 2.91 10.25 -5.89
CA VAL A 210 1.94 10.95 -6.75
C VAL A 210 1.51 10.05 -7.91
N PHE A 211 2.47 9.39 -8.56
CA PHE A 211 2.12 8.61 -9.74
C PHE A 211 1.48 7.28 -9.39
N LYS A 212 1.82 6.74 -8.23
CA LYS A 212 1.16 5.57 -7.71
C LYS A 212 -0.33 5.89 -7.49
N GLU A 213 -0.61 7.04 -6.90
CA GLU A 213 -2.00 7.42 -6.60
C GLU A 213 -2.74 7.81 -7.87
N LEU A 214 -2.09 8.54 -8.78
CA LEU A 214 -2.71 8.80 -10.09
C LEU A 214 -3.11 7.50 -10.74
N PHE A 215 -2.22 6.51 -10.67
CA PHE A 215 -2.49 5.21 -11.25
C PHE A 215 -3.74 4.54 -10.66
N GLU A 216 -3.79 4.52 -9.33
CA GLU A 216 -4.90 3.86 -8.65
C GLU A 216 -6.22 4.56 -8.87
N ALA A 217 -6.18 5.86 -9.15
CA ALA A 217 -7.39 6.61 -9.42
C ALA A 217 -7.76 6.61 -10.92
N ARG A 218 -7.06 5.80 -11.73
CA ARG A 218 -7.37 5.60 -13.15
C ARG A 218 -7.21 6.88 -13.96
N VAL A 219 -6.22 7.69 -13.59
CA VAL A 219 -5.92 8.90 -14.34
C VAL A 219 -5.23 8.51 -15.65
N LEU A 220 -5.56 9.19 -16.73
CA LEU A 220 -4.90 8.92 -18.01
C LEU A 220 -3.57 9.68 -18.08
N PHE A 221 -2.45 8.99 -18.00
CA PHE A 221 -1.14 9.65 -18.02
C PHE A 221 -0.93 10.45 -19.30
N GLU A 222 -1.45 9.96 -20.41
CA GLU A 222 -1.31 10.64 -21.70
C GLU A 222 -2.07 11.96 -21.75
N GLY A 223 -3.00 12.16 -20.82
CA GLY A 223 -3.81 13.37 -20.79
C GLY A 223 -3.56 14.25 -19.59
N MET A 224 -2.30 14.37 -19.17
CA MET A 224 -1.95 15.23 -18.03
C MET A 224 -0.59 15.89 -18.20
N ILE A 225 -0.33 16.92 -17.39
CA ILE A 225 0.98 17.59 -17.35
C ILE A 225 1.49 17.58 -15.91
N LEU A 226 2.77 17.31 -15.74
CA LEU A 226 3.39 17.40 -14.41
C LEU A 226 4.06 18.75 -14.29
N LYS A 227 3.92 19.36 -13.12
CA LYS A 227 4.60 20.60 -12.83
C LYS A 227 5.35 20.48 -11.51
N PRO A 228 6.54 19.89 -11.56
CA PRO A 228 7.31 19.67 -10.35
C PRO A 228 8.33 20.76 -10.11
N ASN A 229 8.85 20.79 -8.90
CA ASN A 229 10.07 21.52 -8.63
C ASN A 229 11.22 20.84 -9.36
N MET A 230 12.30 21.57 -9.57
CA MET A 230 13.55 20.99 -10.02
C MET A 230 14.26 20.48 -8.78
N VAL A 231 15.16 19.52 -8.96
CA VAL A 231 15.98 19.03 -7.86
C VAL A 231 17.05 20.07 -7.60
N ILE A 232 16.90 20.78 -6.49
CA ILE A 232 17.72 21.94 -6.21
C ILE A 232 17.91 22.02 -4.70
N ASP A 233 19.03 22.61 -4.28
CA ASP A 233 19.27 22.88 -2.87
C ASP A 233 18.38 24.01 -2.39
N GLY A 234 18.30 24.17 -1.07
CA GLY A 234 17.46 25.19 -0.45
C GLY A 234 17.93 26.59 -0.80
N LYS A 235 17.01 27.55 -0.74
CA LYS A 235 17.28 28.92 -1.16
C LYS A 235 18.46 29.55 -0.40
N ASP A 236 18.65 29.17 0.86
CA ASP A 236 19.71 29.73 1.69
C ASP A 236 20.95 28.85 1.80
N ALA A 237 21.05 27.82 0.95
CA ALA A 237 22.27 27.02 0.84
C ALA A 237 22.51 26.58 -0.62
N ARG A 238 22.44 27.55 -1.53
CA ARG A 238 22.62 27.32 -2.97
C ARG A 238 24.09 27.21 -3.34
N ILE A 239 24.57 25.98 -3.47
CA ILE A 239 25.92 25.73 -3.96
C ILE A 239 25.93 24.88 -5.23
N ALA A 240 24.82 24.20 -5.53
CA ALA A 240 24.76 23.30 -6.69
C ALA A 240 24.79 24.09 -8.00
N SER A 241 25.58 23.60 -8.95
CA SER A 241 25.75 24.26 -10.24
C SER A 241 24.54 24.05 -11.14
N VAL A 242 24.49 24.82 -12.22
CA VAL A 242 23.47 24.69 -13.24
C VAL A 242 23.44 23.26 -13.78
N GLU A 243 24.62 22.75 -14.14
CA GLU A 243 24.76 21.39 -14.67
C GLU A 243 24.26 20.29 -13.74
N GLU A 244 24.51 20.45 -12.43
CA GLU A 244 24.17 19.45 -11.43
C GLU A 244 22.66 19.46 -11.18
N VAL A 245 22.07 20.64 -11.13
CA VAL A 245 20.62 20.79 -11.04
C VAL A 245 19.95 20.16 -12.25
N ALA A 246 20.46 20.43 -13.43
CA ALA A 246 19.88 19.86 -14.66
C ALA A 246 19.98 18.34 -14.64
N GLU A 247 21.17 17.82 -14.32
CA GLU A 247 21.41 16.39 -14.33
C GLU A 247 20.55 15.65 -13.28
N LYS A 248 20.61 16.12 -12.04
CA LYS A 248 19.90 15.45 -10.96
C LYS A 248 18.40 15.55 -11.12
N THR A 249 17.92 16.64 -11.72
CA THR A 249 16.49 16.75 -12.02
C THR A 249 16.07 15.75 -13.10
N VAL A 250 16.81 15.70 -14.20
CA VAL A 250 16.48 14.76 -15.28
C VAL A 250 16.53 13.32 -14.77
N HIS A 251 17.52 13.05 -13.92
CA HIS A 251 17.69 11.73 -13.32
C HIS A 251 16.45 11.27 -12.55
N VAL A 252 15.98 12.12 -11.65
CA VAL A 252 14.88 11.75 -10.79
C VAL A 252 13.60 11.54 -11.61
N LEU A 253 13.40 12.36 -12.63
CA LEU A 253 12.22 12.24 -13.49
C LEU A 253 12.22 10.95 -14.33
N LYS A 254 13.38 10.54 -14.84
CA LYS A 254 13.47 9.29 -15.58
C LYS A 254 13.16 8.09 -14.69
N GLN A 255 13.42 8.23 -13.40
CA GLN A 255 13.08 7.20 -12.44
C GLN A 255 11.62 7.20 -12.00
N THR A 256 10.97 8.35 -12.02
CA THR A 256 9.65 8.43 -11.39
C THR A 256 8.51 8.87 -12.28
N VAL A 257 8.79 9.56 -13.38
CA VAL A 257 7.72 10.09 -14.26
C VAL A 257 7.55 9.22 -15.53
N PRO A 258 6.42 8.50 -15.64
CA PRO A 258 6.18 7.64 -16.79
C PRO A 258 6.33 8.34 -18.14
N ALA A 259 6.85 7.60 -19.12
CA ALA A 259 7.05 8.13 -20.44
C ALA A 259 5.71 8.49 -21.10
N ALA A 260 4.63 7.89 -20.65
CA ALA A 260 3.32 8.21 -21.20
C ALA A 260 2.91 9.66 -20.92
N VAL A 261 3.44 10.27 -19.87
CA VAL A 261 3.16 11.68 -19.61
C VAL A 261 3.79 12.51 -20.76
N PRO A 262 2.98 13.34 -21.44
CA PRO A 262 3.50 14.07 -22.60
C PRO A 262 4.52 15.17 -22.28
N GLY A 263 4.36 15.81 -21.13
CA GLY A 263 5.16 16.98 -20.83
C GLY A 263 5.33 17.27 -19.36
N ILE A 264 6.49 17.87 -19.04
CA ILE A 264 6.81 18.34 -17.71
C ILE A 264 7.10 19.84 -17.78
N ALA A 265 6.29 20.64 -17.08
CA ALA A 265 6.44 22.10 -17.06
C ALA A 265 6.84 22.57 -15.66
N PHE A 266 8.11 22.94 -15.50
CA PHE A 266 8.66 23.22 -14.17
C PHE A 266 8.14 24.52 -13.55
N LEU A 267 7.95 24.49 -12.23
CA LEU A 267 7.73 25.71 -11.43
C LEU A 267 9.08 26.31 -11.14
N SER A 268 9.14 27.63 -11.04
CA SER A 268 10.42 28.30 -10.77
C SER A 268 10.75 28.21 -9.28
N GLY A 269 9.72 28.20 -8.43
CA GLY A 269 9.86 27.90 -7.00
C GLY A 269 10.59 28.90 -6.13
N GLY A 270 10.99 30.04 -6.68
CA GLY A 270 11.77 31.02 -5.94
C GLY A 270 13.19 31.19 -6.48
N GLN A 271 13.52 30.43 -7.53
CA GLN A 271 14.73 30.65 -8.29
C GLN A 271 14.71 32.04 -8.91
N THR A 272 15.89 32.57 -9.25
CA THR A 272 15.97 33.84 -9.96
C THR A 272 15.48 33.60 -11.37
N ASP A 273 15.15 34.69 -12.06
CA ASP A 273 14.73 34.61 -13.44
C ASP A 273 15.74 33.81 -14.27
N GLU A 274 17.03 34.11 -14.10
CA GLU A 274 18.07 33.52 -14.94
C GLU A 274 18.38 32.06 -14.60
N GLU A 275 18.36 31.72 -13.31
CA GLU A 275 18.48 30.33 -12.87
C GLU A 275 17.43 29.44 -13.53
N ALA A 276 16.18 29.83 -13.38
CA ALA A 276 15.07 29.03 -13.91
C ALA A 276 15.24 28.81 -15.41
N THR A 277 15.69 29.83 -16.13
CA THR A 277 15.90 29.74 -17.56
C THR A 277 17.07 28.83 -17.89
N ALA A 278 18.21 29.08 -17.24
CA ALA A 278 19.45 28.32 -17.47
C ALA A 278 19.24 26.86 -17.19
N HIS A 279 18.55 26.56 -16.07
CA HIS A 279 18.30 25.18 -15.69
C HIS A 279 17.46 24.50 -16.76
N LEU A 280 16.35 25.11 -17.16
CA LEU A 280 15.53 24.51 -18.21
C LEU A 280 16.33 24.25 -19.50
N SER A 281 17.19 25.19 -19.89
CA SER A 281 17.94 25.06 -21.14
C SER A 281 18.97 23.94 -21.07
N ALA A 282 19.63 23.83 -19.92
CA ALA A 282 20.65 22.81 -19.71
C ALA A 282 20.03 21.41 -19.63
N MET A 283 18.75 21.31 -19.25
CA MET A 283 18.04 20.03 -19.23
C MET A 283 17.69 19.57 -20.64
N ASN A 284 17.35 20.51 -21.52
CA ASN A 284 17.07 20.19 -22.92
C ASN A 284 18.38 20.05 -23.75
N ALA A 285 19.53 20.25 -23.13
CA ALA A 285 20.82 20.00 -23.80
C ALA A 285 21.39 18.61 -23.48
N LEU A 286 20.65 17.82 -22.69
CA LEU A 286 21.12 16.48 -22.28
C LEU A 286 20.75 15.36 -23.26
N GLY A 287 20.36 15.70 -24.49
CA GLY A 287 19.93 14.69 -25.45
C GLY A 287 18.46 14.34 -25.33
N ALA A 288 18.08 13.22 -25.96
CA ALA A 288 16.67 12.88 -26.15
C ALA A 288 16.02 12.42 -24.86
N LEU A 289 14.78 12.84 -24.66
CA LEU A 289 14.03 12.51 -23.46
C LEU A 289 12.63 12.01 -23.84
N PRO A 290 12.00 11.26 -22.93
CA PRO A 290 10.70 10.67 -23.21
C PRO A 290 9.51 11.64 -23.13
N TRP A 291 9.70 12.79 -22.48
CA TRP A 291 8.67 13.80 -22.42
C TRP A 291 9.27 15.14 -22.84
N LYS A 292 8.40 16.10 -23.14
CA LYS A 292 8.82 17.49 -23.30
C LYS A 292 9.16 18.15 -21.95
N LEU A 293 10.24 18.93 -21.95
CA LEU A 293 10.63 19.73 -20.80
C LEU A 293 10.50 21.23 -21.14
N THR A 294 9.63 21.90 -20.41
CA THR A 294 9.33 23.29 -20.65
C THR A 294 8.99 23.90 -19.30
N PHE A 295 8.35 25.06 -19.32
CA PHE A 295 8.13 25.85 -18.11
C PHE A 295 6.66 26.08 -17.80
N SER A 296 6.37 26.25 -16.52
CA SER A 296 5.11 26.79 -16.06
C SER A 296 5.47 27.75 -14.92
N TYR A 297 6.01 28.90 -15.30
CA TYR A 297 6.58 29.83 -14.34
C TYR A 297 5.63 30.96 -13.98
N GLY A 298 5.62 31.31 -12.71
CA GLY A 298 4.88 32.45 -12.22
C GLY A 298 5.89 33.55 -12.07
N ARG A 299 6.62 33.50 -10.96
CA ARG A 299 7.60 34.53 -10.64
C ARG A 299 8.66 34.73 -11.74
N ALA A 300 9.17 33.64 -12.28
CA ALA A 300 10.28 33.71 -13.25
C ALA A 300 9.89 34.29 -14.59
N LEU A 301 8.58 34.41 -14.83
CA LEU A 301 8.05 35.11 -16.00
C LEU A 301 7.53 36.52 -15.67
N GLN A 302 7.26 36.79 -14.38
CA GLN A 302 6.46 37.97 -13.98
C GLN A 302 7.14 39.01 -13.12
N ALA A 303 8.05 38.59 -12.24
CA ALA A 303 8.61 39.50 -11.22
C ALA A 303 9.11 40.80 -11.83
N ALA A 304 9.81 40.70 -12.96
CA ALA A 304 10.44 41.86 -13.59
C ALA A 304 9.41 42.80 -14.19
N ALA A 305 8.45 42.23 -14.91
CA ALA A 305 7.35 42.99 -15.53
C ALA A 305 6.55 43.75 -14.47
N LEU A 306 6.27 43.07 -13.35
CA LEU A 306 5.53 43.64 -12.24
C LEU A 306 6.26 44.84 -11.64
N LYS A 307 7.58 44.70 -11.48
CA LYS A 307 8.42 45.80 -11.00
C LYS A 307 8.37 46.98 -11.96
N ALA A 308 8.47 46.70 -13.27
CA ALA A 308 8.42 47.75 -14.30
C ALA A 308 7.02 48.38 -14.40
N TRP A 309 5.98 47.57 -14.24
CA TRP A 309 4.59 48.07 -14.24
C TRP A 309 4.39 49.04 -13.09
N ALA A 310 4.77 48.62 -11.89
CA ALA A 310 4.70 49.47 -10.69
C ALA A 310 3.32 50.11 -10.46
N GLY A 311 2.27 49.40 -10.87
CA GLY A 311 0.91 49.88 -10.72
C GLY A 311 0.44 51.03 -11.62
N LYS A 312 1.25 51.44 -12.60
CA LYS A 312 0.97 52.65 -13.41
C LYS A 312 0.73 52.37 -14.90
N ASN A 313 -0.34 52.97 -15.43
CA ASN A 313 -0.75 52.82 -16.84
C ASN A 313 0.32 53.30 -17.84
N GLU A 314 1.12 54.28 -17.43
CA GLU A 314 2.20 54.79 -18.27
C GLU A 314 3.24 53.70 -18.61
N ASN A 315 3.40 52.73 -17.71
CA ASN A 315 4.45 51.72 -17.80
C ASN A 315 4.05 50.40 -18.48
N ILE A 316 2.85 50.37 -19.09
CA ILE A 316 2.40 49.16 -19.79
C ILE A 316 3.40 48.74 -20.85
N VAL A 317 3.90 49.71 -21.62
CA VAL A 317 4.87 49.46 -22.69
C VAL A 317 6.16 48.80 -22.19
N VAL A 318 6.75 49.39 -21.14
CA VAL A 318 8.03 48.93 -20.60
C VAL A 318 7.88 47.59 -19.90
N ALA A 319 6.83 47.46 -19.09
CA ALA A 319 6.56 46.21 -18.38
C ALA A 319 6.31 45.09 -19.38
N GLN A 320 5.65 45.40 -20.50
CA GLN A 320 5.46 44.43 -21.57
C GLN A 320 6.79 44.02 -22.19
N LYS A 321 7.70 44.99 -22.40
CA LYS A 321 9.05 44.69 -22.90
C LYS A 321 9.75 43.64 -22.03
N ALA A 322 9.75 43.89 -20.72
CA ALA A 322 10.44 43.01 -19.77
C ALA A 322 9.76 41.61 -19.66
N PHE A 323 8.46 41.55 -19.90
CA PHE A 323 7.78 40.25 -19.96
C PHE A 323 8.06 39.55 -21.29
N CYS A 324 8.08 40.30 -22.38
CA CYS A 324 8.40 39.73 -23.70
C CYS A 324 9.79 39.10 -23.71
N HIS A 325 10.73 39.71 -23.00
CA HIS A 325 12.09 39.23 -22.96
C HIS A 325 12.16 37.88 -22.26
N ARG A 326 11.64 37.83 -21.04
CA ARG A 326 11.66 36.59 -20.26
C ARG A 326 10.93 35.47 -20.98
N ALA A 327 9.76 35.79 -21.54
CA ALA A 327 9.02 34.83 -22.38
C ALA A 327 9.90 34.28 -23.49
N ARG A 328 10.59 35.17 -24.20
CA ARG A 328 11.47 34.73 -25.29
C ARG A 328 12.67 33.90 -24.80
N MET A 329 13.25 34.27 -23.66
CA MET A 329 14.40 33.52 -23.13
C MET A 329 13.96 32.10 -22.77
N ASN A 330 12.87 31.98 -22.02
CA ASN A 330 12.35 30.67 -21.63
C ASN A 330 11.85 29.88 -22.83
N HIS A 331 11.45 30.57 -23.89
CA HIS A 331 11.10 29.92 -25.16
C HIS A 331 12.32 29.26 -25.73
N LEU A 332 13.44 29.99 -25.73
CA LEU A 332 14.72 29.43 -26.19
C LEU A 332 15.19 28.29 -25.28
N ALA A 333 14.97 28.43 -23.98
CA ALA A 333 15.34 27.40 -23.02
C ALA A 333 14.58 26.10 -23.34
N ALA A 334 13.28 26.22 -23.61
CA ALA A 334 12.46 25.06 -24.00
C ALA A 334 13.01 24.35 -25.24
N LEU A 335 13.61 25.09 -26.16
CA LEU A 335 14.21 24.49 -27.36
C LEU A 335 15.65 24.04 -27.14
N GLY A 336 16.20 24.32 -25.96
CA GLY A 336 17.60 24.02 -25.65
C GLY A 336 18.58 24.91 -26.40
N GLN A 337 18.18 26.15 -26.63
CA GLN A 337 18.93 27.09 -27.46
C GLN A 337 19.26 28.40 -26.73
N TRP A 338 19.07 28.42 -25.42
CA TRP A 338 19.40 29.60 -24.63
C TRP A 338 20.89 29.64 -24.34
N THR A 339 21.44 30.85 -24.34
CA THR A 339 22.76 31.11 -23.81
C THR A 339 22.66 32.39 -23.00
N LYS A 340 23.63 32.61 -22.11
CA LYS A 340 23.69 33.83 -21.33
C LYS A 340 23.85 35.05 -22.25
N ASP A 341 24.43 34.79 -23.43
CA ASP A 341 24.62 35.78 -24.49
C ASP A 341 23.32 36.33 -25.06
N GLN A 342 22.31 35.48 -25.21
CA GLN A 342 21.01 35.88 -25.77
C GLN A 342 20.30 36.84 -24.79
N GLU A 343 20.85 36.88 -23.58
CA GLU A 343 20.75 37.96 -22.60
C GLU A 343 19.94 37.58 -21.39
N SER B 4 30.12 3.31 -8.41
CA SER B 4 31.00 2.45 -9.27
C SER B 4 30.43 1.04 -9.44
N MET B 5 29.74 0.53 -8.41
CA MET B 5 28.94 -0.67 -8.59
C MET B 5 27.80 -0.36 -9.57
N ASN B 6 27.14 0.78 -9.32
CA ASN B 6 26.12 1.34 -10.21
C ASN B 6 26.60 1.48 -11.67
N GLU B 7 27.79 2.08 -11.86
CA GLU B 7 28.34 2.24 -13.20
C GLU B 7 28.56 0.87 -13.85
N ARG B 8 29.10 -0.09 -13.12
CA ARG B 8 29.35 -1.41 -13.70
C ARG B 8 28.05 -2.11 -14.10
N LEU B 9 27.03 -1.98 -13.26
CA LEU B 9 25.72 -2.56 -13.54
C LEU B 9 25.09 -1.90 -14.73
N GLU B 10 25.18 -0.57 -14.80
CA GLU B 10 24.65 0.19 -15.92
CA GLU B 10 24.62 0.17 -15.94
C GLU B 10 25.28 -0.27 -17.24
N ASP B 11 26.61 -0.45 -17.24
CA ASP B 11 27.33 -0.87 -18.44
C ASP B 11 26.98 -2.30 -18.87
N ILE B 12 26.80 -3.20 -17.91
CA ILE B 12 26.38 -4.55 -18.23
C ILE B 12 24.98 -4.54 -18.88
N ALA B 13 24.05 -3.81 -18.27
CA ALA B 13 22.67 -3.73 -18.77
C ALA B 13 22.61 -3.20 -20.21
N LEU B 14 23.36 -2.13 -20.48
CA LEU B 14 23.43 -1.52 -21.80
C LEU B 14 23.99 -2.50 -22.84
N THR B 15 25.07 -3.18 -22.52
CA THR B 15 25.64 -4.18 -23.43
C THR B 15 24.62 -5.26 -23.78
N LEU B 16 23.84 -5.72 -22.81
CA LEU B 16 22.84 -6.77 -23.09
C LEU B 16 21.72 -6.31 -24.06
N VAL B 17 21.44 -5.01 -24.10
CA VAL B 17 20.39 -4.53 -25.00
C VAL B 17 20.92 -3.68 -26.13
N GLY B 18 22.24 -3.68 -26.34
CA GLY B 18 22.86 -2.75 -27.28
C GLY B 18 22.92 -3.25 -28.70
N ALA B 19 23.06 -2.30 -29.65
CA ALA B 19 23.45 -2.58 -31.05
C ALA B 19 22.57 -3.61 -31.76
N GLY B 20 21.27 -3.56 -31.48
CA GLY B 20 20.32 -4.49 -32.09
C GLY B 20 20.50 -5.95 -31.69
N LYS B 21 21.20 -6.22 -30.60
CA LYS B 21 21.44 -7.58 -30.15
C LYS B 21 20.43 -7.98 -29.06
N GLY B 22 20.40 -9.25 -28.72
CA GLY B 22 19.44 -9.73 -27.75
C GLY B 22 19.87 -11.02 -27.08
N ILE B 23 19.00 -11.50 -26.20
CA ILE B 23 19.36 -12.53 -25.26
C ILE B 23 18.80 -13.86 -25.73
N LEU B 24 19.66 -14.88 -25.73
CA LEU B 24 19.24 -16.24 -25.95
C LEU B 24 18.85 -16.80 -24.59
N ALA B 25 17.58 -17.16 -24.43
CA ALA B 25 17.10 -17.77 -23.20
C ALA B 25 17.24 -19.28 -23.30
N ALA B 26 18.37 -19.81 -22.84
CA ALA B 26 18.67 -21.24 -22.88
C ALA B 26 18.68 -21.86 -21.47
N ASP B 27 17.90 -21.26 -20.59
CA ASP B 27 17.97 -21.56 -19.15
C ASP B 27 16.90 -22.54 -18.65
N GLU B 28 16.36 -23.36 -19.52
CA GLU B 28 15.31 -24.31 -19.14
C GLU B 28 15.82 -25.29 -18.07
N SER B 29 15.05 -25.44 -17.00
CA SER B 29 15.35 -26.42 -15.97
C SER B 29 15.15 -27.82 -16.54
N THR B 30 15.67 -28.80 -15.80
CA THR B 30 15.60 -30.21 -16.19
C THR B 30 14.22 -30.66 -16.67
N ALA B 31 13.15 -30.34 -15.94
CA ALA B 31 11.80 -30.77 -16.37
C ALA B 31 11.32 -30.04 -17.62
N THR B 32 11.68 -28.76 -17.74
CA THR B 32 11.23 -27.97 -18.86
C THR B 32 11.93 -28.40 -20.16
N ILE B 33 13.26 -28.54 -20.12
CA ILE B 33 13.99 -29.05 -21.28
C ILE B 33 13.56 -30.49 -21.60
N GLY B 34 13.29 -31.31 -20.58
CA GLY B 34 12.72 -32.65 -20.78
C GLY B 34 11.42 -32.66 -21.59
N LYS B 35 10.54 -31.69 -21.30
CA LYS B 35 9.31 -31.49 -22.06
C LYS B 35 9.60 -31.17 -23.54
N ARG B 36 10.55 -30.28 -23.77
CA ARG B 36 10.91 -29.89 -25.15
C ARG B 36 11.49 -31.07 -25.89
N PHE B 37 12.43 -31.75 -25.25
CA PHE B 37 13.08 -32.93 -25.83
C PHE B 37 12.08 -34.03 -26.11
N GLU B 38 11.17 -34.28 -25.17
CA GLU B 38 10.11 -35.30 -25.37
C GLU B 38 9.20 -35.00 -26.57
N SER B 39 8.96 -33.72 -26.87
CA SER B 39 8.13 -33.38 -28.04
C SER B 39 8.77 -33.77 -29.37
N ILE B 40 10.10 -33.90 -29.41
CA ILE B 40 10.78 -34.43 -30.61
C ILE B 40 11.31 -35.85 -30.41
N GLY B 41 10.77 -36.56 -29.42
CA GLY B 41 11.16 -37.94 -29.16
C GLY B 41 12.63 -38.16 -28.84
N VAL B 42 13.25 -37.19 -28.16
CA VAL B 42 14.66 -37.32 -27.76
C VAL B 42 14.72 -37.56 -26.25
N GLU B 43 15.58 -38.48 -25.83
CA GLU B 43 15.75 -38.82 -24.42
C GLU B 43 16.46 -37.70 -23.71
N CYS B 44 15.96 -37.34 -22.53
CA CYS B 44 16.53 -36.22 -21.78
C CYS B 44 17.64 -36.68 -20.82
N THR B 45 18.80 -36.96 -21.37
CA THR B 45 19.97 -37.28 -20.58
C THR B 45 20.82 -36.04 -20.42
N GLU B 46 21.75 -36.09 -19.50
CA GLU B 46 22.67 -35.00 -19.32
C GLU B 46 23.52 -34.74 -20.58
N ASP B 47 23.98 -35.80 -21.25
CA ASP B 47 24.80 -35.66 -22.45
C ASP B 47 24.05 -35.02 -23.61
N ASN B 48 22.77 -35.39 -23.77
CA ASN B 48 21.94 -34.78 -24.79
C ASN B 48 21.71 -33.29 -24.51
N ARG B 49 21.53 -32.93 -23.23
CA ARG B 49 21.36 -31.52 -22.86
C ARG B 49 22.64 -30.74 -23.20
N ARG B 50 23.80 -31.29 -22.84
CA ARG B 50 25.10 -30.67 -23.17
C ARG B 50 25.26 -30.48 -24.68
N ALA B 51 25.01 -31.56 -25.40
CA ALA B 51 25.18 -31.59 -26.86
C ALA B 51 24.26 -30.58 -27.54
N TYR B 52 23.00 -30.54 -27.13
CA TYR B 52 22.06 -29.56 -27.68
C TYR B 52 22.50 -28.12 -27.42
N ARG B 53 22.91 -27.84 -26.17
CA ARG B 53 23.37 -26.50 -25.81
C ARG B 53 24.68 -26.15 -26.49
N GLU B 54 25.61 -27.10 -26.52
CA GLU B 54 26.86 -26.88 -27.23
C GLU B 54 26.58 -26.50 -28.68
N MET B 55 25.60 -27.15 -29.31
CA MET B 55 25.27 -26.88 -30.71
C MET B 55 24.84 -25.44 -30.90
N LEU B 56 24.02 -24.94 -29.99
CA LEU B 56 23.61 -23.55 -30.01
C LEU B 56 24.81 -22.61 -29.81
N PHE B 57 25.66 -22.89 -28.81
CA PHE B 57 26.67 -21.91 -28.35
C PHE B 57 27.88 -21.80 -29.26
N THR B 58 28.01 -22.75 -30.19
CA THR B 58 29.08 -22.75 -31.18
C THR B 58 28.52 -22.34 -32.57
N ALA B 59 27.27 -21.90 -32.62
CA ALA B 59 26.67 -21.36 -33.84
C ALA B 59 27.20 -19.96 -34.07
N LYS B 60 28.36 -19.88 -34.71
CA LYS B 60 29.21 -18.69 -34.74
C LYS B 60 28.53 -17.39 -35.14
N GLU B 61 27.86 -17.35 -36.30
CA GLU B 61 27.23 -16.11 -36.78
C GLU B 61 26.25 -15.53 -35.76
N ALA B 62 25.35 -16.37 -35.27
CA ALA B 62 24.33 -15.94 -34.34
C ALA B 62 24.98 -15.44 -33.06
N MET B 63 25.94 -16.20 -32.55
CA MET B 63 26.59 -15.86 -31.29
C MET B 63 27.47 -14.62 -31.38
N GLU B 64 28.00 -14.30 -32.55
CA GLU B 64 28.83 -13.10 -32.70
C GLU B 64 28.02 -11.84 -33.04
N SER B 65 27.02 -11.99 -33.91
CA SER B 65 26.34 -10.84 -34.48
C SER B 65 25.00 -10.51 -33.83
N ALA B 66 24.34 -11.48 -33.20
CA ALA B 66 22.95 -11.30 -32.71
C ALA B 66 22.77 -11.44 -31.20
N ILE B 67 23.56 -12.28 -30.56
CA ILE B 67 23.34 -12.64 -29.17
C ILE B 67 24.24 -11.89 -28.20
N SER B 68 23.66 -10.96 -27.46
CA SER B 68 24.39 -10.18 -26.42
C SER B 68 24.64 -10.98 -25.16
N GLY B 69 23.73 -11.88 -24.84
CA GLY B 69 23.86 -12.68 -23.63
C GLY B 69 23.16 -14.01 -23.78
N VAL B 70 23.56 -14.96 -22.92
CA VAL B 70 22.89 -16.25 -22.83
C VAL B 70 22.49 -16.53 -21.37
N ILE B 71 21.21 -16.80 -21.17
CA ILE B 71 20.73 -17.19 -19.85
C ILE B 71 20.90 -18.69 -19.75
N LEU B 72 21.60 -19.11 -18.70
CA LEU B 72 21.95 -20.51 -18.46
C LEU B 72 21.24 -21.03 -17.24
N PHE B 73 20.94 -22.34 -17.28
CA PHE B 73 20.58 -23.13 -16.09
C PHE B 73 21.87 -23.60 -15.42
N ASP B 74 21.79 -23.80 -14.09
CA ASP B 74 22.96 -24.13 -13.27
C ASP B 74 23.83 -25.25 -13.85
N GLU B 75 23.21 -26.35 -14.26
CA GLU B 75 23.95 -27.49 -14.82
C GLU B 75 24.86 -27.02 -15.95
N THR B 76 24.26 -26.25 -16.85
CA THR B 76 24.92 -25.85 -18.09
C THR B 76 26.09 -24.91 -17.78
N LEU B 77 25.92 -24.03 -16.80
CA LEU B 77 26.95 -23.08 -16.41
C LEU B 77 28.24 -23.79 -16.02
N ARG B 78 28.08 -24.99 -15.46
CA ARG B 78 29.22 -25.78 -14.99
C ARG B 78 29.68 -26.83 -15.98
N GLN B 79 29.00 -26.93 -17.13
CA GLN B 79 29.31 -27.95 -18.14
C GLN B 79 30.41 -27.52 -19.08
N LYS B 80 31.16 -28.52 -19.57
CA LYS B 80 32.20 -28.36 -20.56
C LYS B 80 31.70 -28.79 -21.92
N ALA B 81 32.26 -28.19 -22.96
CA ALA B 81 32.03 -28.64 -24.31
C ALA B 81 32.74 -29.97 -24.51
N SER B 82 32.30 -30.73 -25.51
CA SER B 82 32.97 -31.95 -25.94
C SER B 82 34.47 -31.70 -26.18
N THR B 83 34.80 -30.52 -26.69
CA THR B 83 36.19 -30.12 -26.89
C THR B 83 37.00 -29.93 -25.60
N GLY B 84 36.33 -29.95 -24.44
CA GLY B 84 37.00 -29.79 -23.14
C GLY B 84 36.96 -28.38 -22.57
N GLN B 85 36.62 -27.42 -23.42
CA GLN B 85 36.50 -26.03 -23.04
C GLN B 85 35.20 -25.81 -22.23
N MET B 86 35.24 -24.96 -21.21
CA MET B 86 34.03 -24.59 -20.46
C MET B 86 33.04 -23.91 -21.39
N LEU B 87 31.75 -24.24 -21.25
CA LEU B 87 30.72 -23.69 -22.14
C LEU B 87 30.58 -22.17 -21.98
N THR B 88 30.83 -21.68 -20.77
CA THR B 88 30.85 -20.23 -20.52
C THR B 88 31.96 -19.55 -21.28
N ASP B 89 33.04 -20.27 -21.56
CA ASP B 89 34.20 -19.74 -22.29
C ASP B 89 33.90 -19.69 -23.78
N LEU B 90 33.15 -20.66 -24.30
CA LEU B 90 32.70 -20.59 -25.70
C LEU B 90 31.83 -19.35 -25.84
N ILE B 91 30.92 -19.15 -24.89
CA ILE B 91 29.97 -18.03 -24.96
C ILE B 91 30.75 -16.72 -24.99
N ARG B 92 31.72 -16.58 -24.10
CA ARG B 92 32.56 -15.39 -24.04
C ARG B 92 33.46 -15.19 -25.27
N ASP B 93 33.94 -16.27 -25.88
CA ASP B 93 34.76 -16.14 -27.08
C ASP B 93 33.98 -15.58 -28.28
N ALA B 94 32.66 -15.72 -28.27
CA ALA B 94 31.80 -15.10 -29.29
C ALA B 94 31.44 -13.64 -28.96
N GLY B 95 31.91 -13.14 -27.82
CA GLY B 95 31.58 -11.77 -27.41
C GLY B 95 30.21 -11.64 -26.70
N ALA B 96 29.64 -12.77 -26.27
CA ALA B 96 28.41 -12.77 -25.47
C ALA B 96 28.69 -12.93 -23.97
N VAL B 97 27.82 -12.35 -23.14
CA VAL B 97 27.93 -12.40 -21.69
C VAL B 97 27.15 -13.60 -21.14
N PRO B 98 27.80 -14.47 -20.35
CA PRO B 98 27.05 -15.53 -19.68
C PRO B 98 26.19 -14.97 -18.54
N GLY B 99 24.96 -15.48 -18.43
CA GLY B 99 24.07 -15.13 -17.33
C GLY B 99 23.44 -16.36 -16.74
N ILE B 100 22.82 -16.22 -15.57
CA ILE B 100 22.38 -17.38 -14.78
C ILE B 100 20.95 -17.23 -14.20
N LYS B 101 20.08 -18.15 -14.59
CA LYS B 101 18.76 -18.27 -13.95
C LYS B 101 18.94 -18.79 -12.53
N VAL B 102 18.37 -18.08 -11.55
CA VAL B 102 18.57 -18.42 -10.12
C VAL B 102 17.29 -18.83 -9.38
N ASP B 103 16.10 -18.64 -9.95
CA ASP B 103 14.89 -19.11 -9.26
C ASP B 103 14.85 -20.64 -9.28
N THR B 104 14.13 -21.22 -8.32
CA THR B 104 14.00 -22.68 -8.20
C THR B 104 12.62 -23.17 -8.67
N GLY B 105 11.89 -22.30 -9.35
CA GLY B 105 10.62 -22.70 -9.97
C GLY B 105 9.39 -22.03 -9.39
N ALA B 106 8.30 -22.07 -10.15
CA ALA B 106 7.03 -21.47 -9.74
C ALA B 106 6.24 -22.55 -9.06
N LYS B 107 5.92 -22.34 -7.79
CA LYS B 107 5.22 -23.34 -6.98
C LYS B 107 3.83 -22.84 -6.61
N PRO B 108 2.92 -23.75 -6.24
CA PRO B 108 1.60 -23.27 -5.81
C PRO B 108 1.69 -22.30 -4.64
N LEU B 109 0.84 -21.28 -4.69
CA LEU B 109 0.78 -20.26 -3.66
C LEU B 109 -0.31 -20.66 -2.69
N ALA B 110 0.07 -20.79 -1.43
CA ALA B 110 -0.82 -21.16 -0.35
C ALA B 110 -1.96 -20.19 -0.30
N ALA B 111 -3.18 -20.72 -0.30
CA ALA B 111 -4.42 -19.95 -0.15
C ALA B 111 -4.86 -19.21 -1.41
N PHE B 112 -4.11 -19.32 -2.50
CA PHE B 112 -4.45 -18.72 -3.78
C PHE B 112 -4.51 -19.77 -4.88
N PRO B 113 -5.61 -20.53 -4.96
CA PRO B 113 -5.69 -21.64 -5.90
C PRO B 113 -5.46 -21.24 -7.36
N GLN B 114 -4.75 -22.09 -8.08
CA GLN B 114 -4.42 -21.89 -9.50
C GLN B 114 -3.38 -20.78 -9.71
N GLU B 115 -2.80 -20.26 -8.63
CA GLU B 115 -1.74 -19.27 -8.76
C GLU B 115 -0.44 -19.75 -8.15
N THR B 116 0.66 -19.13 -8.59
CA THR B 116 1.98 -19.52 -8.13
C THR B 116 2.80 -18.41 -7.47
N ILE B 117 3.82 -18.88 -6.75
CA ILE B 117 4.84 -18.05 -6.16
C ILE B 117 6.19 -18.72 -6.46
N THR B 118 7.15 -17.93 -6.92
CA THR B 118 8.47 -18.41 -7.29
C THR B 118 9.43 -18.43 -6.09
N GLU B 119 10.17 -19.53 -6.00
CA GLU B 119 11.06 -19.75 -4.86
C GLU B 119 12.49 -19.57 -5.33
N GLY B 120 13.42 -19.48 -4.39
CA GLY B 120 14.84 -19.34 -4.72
C GLY B 120 15.63 -18.30 -3.96
N LEU B 121 15.02 -17.58 -3.03
CA LEU B 121 15.73 -16.55 -2.25
C LEU B 121 16.71 -17.11 -1.22
N ASP B 122 16.50 -18.33 -0.74
CA ASP B 122 17.33 -18.86 0.35
C ASP B 122 18.74 -19.22 -0.14
N GLY B 123 19.74 -18.68 0.54
CA GLY B 123 21.15 -18.91 0.20
C GLY B 123 21.58 -18.21 -1.07
N LEU B 124 20.76 -17.28 -1.55
CA LEU B 124 20.97 -16.70 -2.86
C LEU B 124 22.19 -15.78 -2.91
N ARG B 125 22.45 -15.08 -1.82
CA ARG B 125 23.63 -14.24 -1.74
C ARG B 125 24.86 -15.08 -2.05
N GLU B 126 24.94 -16.25 -1.44
CA GLU B 126 26.11 -17.13 -1.58
C GLU B 126 26.17 -17.77 -2.99
N ARG B 127 25.03 -18.15 -3.54
CA ARG B 127 25.00 -18.68 -4.90
CA ARG B 127 24.99 -18.67 -4.91
C ARG B 127 25.44 -17.60 -5.89
N LEU B 128 25.02 -16.36 -5.68
CA LEU B 128 25.38 -15.28 -6.58
C LEU B 128 26.91 -15.03 -6.58
N LYS B 129 27.54 -15.03 -5.40
CA LYS B 129 29.00 -14.83 -5.33
C LYS B 129 29.76 -15.90 -6.11
N ASP B 130 29.32 -17.15 -5.99
CA ASP B 130 29.86 -18.28 -6.73
C ASP B 130 29.65 -18.09 -8.24
N TYR B 131 28.43 -17.76 -8.63
CA TYR B 131 28.14 -17.54 -10.03
C TYR B 131 28.97 -16.40 -10.63
N TYR B 132 29.16 -15.32 -9.88
CA TYR B 132 30.00 -14.21 -10.33
C TYR B 132 31.42 -14.68 -10.59
N THR B 133 31.98 -15.45 -9.64
CA THR B 133 33.32 -16.06 -9.79
C THR B 133 33.43 -16.94 -11.05
N LEU B 134 32.35 -17.65 -11.41
CA LEU B 134 32.33 -18.51 -12.60
C LEU B 134 32.10 -17.76 -13.91
N GLY B 135 31.82 -16.45 -13.80
CA GLY B 135 31.79 -15.54 -14.97
C GLY B 135 30.42 -15.01 -15.35
N ALA B 136 29.39 -15.36 -14.59
CA ALA B 136 28.05 -14.86 -14.86
C ALA B 136 28.03 -13.40 -14.50
N ARG B 137 27.46 -12.56 -15.37
CA ARG B 137 27.34 -11.13 -15.09
C ARG B 137 25.90 -10.66 -15.16
N PHE B 138 24.97 -11.59 -15.31
CA PHE B 138 23.56 -11.26 -15.07
C PHE B 138 22.81 -12.49 -14.60
N ALA B 139 21.63 -12.27 -14.05
CA ALA B 139 20.83 -13.34 -13.48
C ALA B 139 19.41 -13.22 -14.00
N LYS B 140 18.56 -14.21 -13.75
CA LYS B 140 17.17 -14.12 -14.19
C LYS B 140 16.25 -14.81 -13.16
N TRP B 141 15.06 -14.25 -12.98
CA TRP B 141 14.03 -14.79 -12.10
C TRP B 141 12.68 -14.66 -12.78
N ARG B 142 11.93 -15.75 -12.82
CA ARG B 142 10.66 -15.77 -13.53
C ARG B 142 9.52 -15.87 -12.55
N ALA B 143 8.59 -14.92 -12.64
CA ALA B 143 7.32 -14.92 -11.92
C ALA B 143 6.21 -15.32 -12.89
N VAL B 144 5.43 -16.32 -12.54
CA VAL B 144 4.37 -16.80 -13.41
C VAL B 144 3.05 -16.26 -12.91
N ILE B 145 2.40 -15.46 -13.75
CA ILE B 145 1.13 -14.84 -13.42
C ILE B 145 0.02 -15.53 -14.23
N ALA B 146 -0.87 -16.23 -13.53
CA ALA B 146 -2.02 -16.88 -14.15
C ALA B 146 -3.05 -15.82 -14.56
N ILE B 147 -3.87 -16.13 -15.56
CA ILE B 147 -4.86 -15.18 -16.06
C ILE B 147 -6.14 -15.86 -16.57
N ASP B 148 -7.28 -15.27 -16.22
CA ASP B 148 -8.54 -15.57 -16.91
C ASP B 148 -9.38 -14.29 -17.08
N ALA B 149 -10.66 -14.44 -17.42
CA ALA B 149 -11.46 -13.28 -17.81
C ALA B 149 -11.67 -12.28 -16.68
N GLN B 150 -11.72 -12.74 -15.43
CA GLN B 150 -12.12 -11.86 -14.34
C GLN B 150 -11.48 -12.13 -12.97
N THR B 151 -11.42 -13.41 -12.58
CA THR B 151 -10.98 -13.78 -11.22
C THR B 151 -9.43 -13.82 -11.07
N LEU B 152 -8.73 -14.35 -12.07
CA LEU B 152 -7.27 -14.43 -12.02
C LEU B 152 -6.63 -13.41 -12.97
N PRO B 153 -5.51 -12.78 -12.55
CA PRO B 153 -4.81 -12.99 -11.28
C PRO B 153 -5.38 -12.15 -10.14
N THR B 154 -5.09 -12.58 -8.92
CA THR B 154 -5.45 -11.79 -7.74
C THR B 154 -4.35 -10.76 -7.47
N ARG B 155 -4.71 -9.68 -6.77
CA ARG B 155 -3.73 -8.67 -6.34
C ARG B 155 -2.71 -9.30 -5.40
N GLY B 156 -3.18 -10.15 -4.50
CA GLY B 156 -2.28 -10.95 -3.65
C GLY B 156 -1.19 -11.70 -4.38
N ALA B 157 -1.52 -12.48 -5.41
CA ALA B 157 -0.51 -13.22 -6.16
C ALA B 157 0.45 -12.27 -6.84
N ILE B 158 -0.07 -11.16 -7.37
CA ILE B 158 0.78 -10.21 -8.08
C ILE B 158 1.80 -9.58 -7.12
N SER B 159 1.30 -9.16 -5.97
CA SER B 159 2.12 -8.46 -4.98
CA SER B 159 2.11 -8.48 -4.97
C SER B 159 3.19 -9.39 -4.39
N GLN B 160 2.81 -10.61 -4.05
CA GLN B 160 3.75 -11.55 -3.50
C GLN B 160 4.85 -11.91 -4.51
N ASN B 161 4.49 -12.11 -5.78
CA ASN B 161 5.51 -12.35 -6.80
C ASN B 161 6.40 -11.16 -7.06
N ALA B 162 5.82 -9.95 -7.09
CA ALA B 162 6.60 -8.73 -7.25
C ALA B 162 7.54 -8.50 -6.06
N GLN B 163 7.09 -8.87 -4.87
CA GLN B 163 7.93 -8.71 -3.68
C GLN B 163 9.15 -9.62 -3.72
N ALA B 164 8.93 -10.86 -4.16
CA ALA B 164 10.03 -11.83 -4.30
C ALA B 164 10.97 -11.42 -5.43
N LEU B 165 10.43 -10.90 -6.53
CA LEU B 165 11.28 -10.35 -7.59
C LEU B 165 12.21 -9.25 -7.05
N ALA B 166 11.65 -8.35 -6.23
CA ALA B 166 12.42 -7.22 -5.66
C ALA B 166 13.53 -7.70 -4.76
N ARG B 167 13.23 -8.73 -3.97
CA ARG B 167 14.24 -9.31 -3.08
C ARG B 167 15.36 -9.93 -3.89
N TYR B 168 14.99 -10.60 -4.97
CA TYR B 168 15.95 -11.22 -5.88
C TYR B 168 16.77 -10.15 -6.56
N ALA B 169 16.13 -9.10 -7.04
CA ALA B 169 16.81 -8.03 -7.74
C ALA B 169 17.84 -7.29 -6.87
N ALA B 170 17.50 -6.98 -5.63
CA ALA B 170 18.44 -6.25 -4.75
C ALA B 170 19.70 -7.07 -4.46
N LEU B 171 19.52 -8.36 -4.21
CA LEU B 171 20.62 -9.30 -3.97
C LEU B 171 21.57 -9.35 -5.16
N CYS B 172 21.01 -9.49 -6.37
CA CYS B 172 21.80 -9.55 -7.59
C CYS B 172 22.72 -8.35 -7.71
N GLN B 173 22.10 -7.17 -7.59
CA GLN B 173 22.82 -5.92 -7.75
C GLN B 173 23.91 -5.80 -6.71
N GLU B 174 23.64 -6.32 -5.52
CA GLU B 174 24.64 -6.33 -4.44
C GLU B 174 25.85 -7.20 -4.81
N ALA B 175 25.63 -8.24 -5.62
CA ALA B 175 26.70 -9.17 -5.97
C ALA B 175 27.39 -8.79 -7.28
N GLY B 176 26.97 -7.70 -7.91
CA GLY B 176 27.53 -7.26 -9.19
C GLY B 176 26.86 -7.84 -10.43
N LEU B 177 25.73 -8.53 -10.26
CA LEU B 177 25.02 -9.08 -11.41
C LEU B 177 23.79 -8.24 -11.76
N VAL B 178 23.56 -7.99 -13.06
CA VAL B 178 22.35 -7.32 -13.50
C VAL B 178 21.17 -8.29 -13.49
N PRO B 179 20.11 -8.01 -12.73
CA PRO B 179 18.94 -8.88 -12.78
C PRO B 179 18.06 -8.64 -13.98
N ILE B 180 17.78 -9.73 -14.71
CA ILE B 180 16.62 -9.75 -15.60
C ILE B 180 15.38 -10.08 -14.77
N VAL B 181 14.40 -9.16 -14.80
CA VAL B 181 13.18 -9.28 -14.03
C VAL B 181 12.10 -9.72 -15.00
N GLU B 182 11.61 -10.96 -14.83
CA GLU B 182 10.65 -11.60 -15.72
C GLU B 182 9.28 -11.84 -15.05
N PRO B 183 8.33 -10.91 -15.21
CA PRO B 183 6.96 -11.18 -14.77
C PRO B 183 6.09 -11.59 -15.95
N GLU B 184 5.85 -12.89 -16.11
CA GLU B 184 5.14 -13.40 -17.26
C GLU B 184 3.65 -13.58 -17.01
N VAL B 185 2.85 -12.71 -17.62
CA VAL B 185 1.42 -12.97 -17.74
C VAL B 185 1.25 -14.01 -18.84
N LEU B 186 0.68 -15.16 -18.49
CA LEU B 186 0.69 -16.33 -19.38
C LEU B 186 -0.31 -16.20 -20.49
N MET B 187 0.13 -16.37 -21.73
CA MET B 187 -0.81 -16.43 -22.85
C MET B 187 -1.25 -17.85 -23.09
N ASP B 188 -0.46 -18.82 -22.61
CA ASP B 188 -0.66 -20.24 -22.91
C ASP B 188 -0.80 -21.10 -21.65
N GLY B 189 -1.39 -20.53 -20.61
CA GLY B 189 -1.62 -21.27 -19.37
C GLY B 189 -2.88 -22.12 -19.50
N PRO B 190 -3.32 -22.70 -18.37
CA PRO B 190 -4.50 -23.55 -18.31
C PRO B 190 -5.76 -22.84 -18.78
N SER B 191 -5.90 -21.56 -18.47
CA SER B 191 -6.93 -20.70 -19.05
C SER B 191 -6.25 -19.75 -20.03
N ARG B 192 -6.65 -19.82 -21.30
CA ARG B 192 -6.01 -19.05 -22.36
C ARG B 192 -6.97 -18.60 -23.45
N GLN B 193 -8.18 -18.20 -23.05
CA GLN B 193 -9.18 -17.64 -23.98
C GLN B 193 -9.44 -16.14 -23.75
N HIS B 194 -8.63 -15.52 -22.90
CA HIS B 194 -8.75 -14.08 -22.62
C HIS B 194 -8.44 -13.20 -23.84
N SER B 195 -9.01 -12.01 -23.84
CA SER B 195 -8.84 -11.06 -24.92
C SER B 195 -7.55 -10.30 -24.74
N ILE B 196 -7.16 -9.56 -25.77
CA ILE B 196 -5.97 -8.71 -25.70
C ILE B 196 -6.24 -7.53 -24.76
N THR B 197 -7.49 -7.12 -24.65
CA THR B 197 -7.86 -6.05 -23.73
C THR B 197 -7.64 -6.49 -22.28
N ARG B 198 -8.10 -7.70 -21.98
CA ARG B 198 -7.87 -8.27 -20.65
C ARG B 198 -6.38 -8.38 -20.35
N CYS B 199 -5.57 -8.85 -21.31
CA CYS B 199 -4.13 -8.94 -21.10
C CYS B 199 -3.50 -7.57 -20.85
N PHE B 200 -3.97 -6.54 -21.57
CA PHE B 200 -3.51 -5.16 -21.34
C PHE B 200 -3.75 -4.70 -19.91
N GLU B 201 -4.96 -4.90 -19.38
CA GLU B 201 -5.29 -4.44 -18.04
C GLU B 201 -4.50 -5.21 -16.97
N VAL B 202 -4.36 -6.52 -17.14
CA VAL B 202 -3.57 -7.32 -16.22
C VAL B 202 -2.08 -7.00 -16.31
N THR B 203 -1.52 -6.95 -17.51
CA THR B 203 -0.09 -6.61 -17.64
C THR B 203 0.22 -5.25 -17.00
N LYS B 204 -0.67 -4.29 -17.17
CA LYS B 204 -0.50 -2.95 -16.62
C LYS B 204 -0.38 -2.99 -15.08
N VAL B 205 -1.31 -3.68 -14.43
CA VAL B 205 -1.28 -3.82 -12.98
C VAL B 205 -0.02 -4.57 -12.55
N VAL B 206 0.34 -5.62 -13.30
CA VAL B 206 1.54 -6.41 -12.98
C VAL B 206 2.81 -5.55 -13.01
N LEU B 207 3.03 -4.87 -14.14
CA LEU B 207 4.23 -4.05 -14.27
C LEU B 207 4.25 -2.94 -13.23
N HIS B 208 3.10 -2.32 -12.96
CA HIS B 208 3.02 -1.26 -11.96
C HIS B 208 3.49 -1.75 -10.61
N THR B 209 2.96 -2.90 -10.20
CA THR B 209 3.28 -3.49 -8.90
C THR B 209 4.72 -3.93 -8.85
N VAL B 210 5.19 -4.55 -9.91
CA VAL B 210 6.59 -4.94 -9.99
C VAL B 210 7.49 -3.73 -9.72
N PHE B 211 7.26 -2.63 -10.40
CA PHE B 211 8.17 -1.49 -10.28
C PHE B 211 8.04 -0.73 -8.97
N LYS B 212 6.84 -0.79 -8.38
CA LYS B 212 6.61 -0.25 -7.04
C LYS B 212 7.45 -1.00 -5.99
N GLU B 213 7.46 -2.33 -6.09
CA GLU B 213 8.24 -3.15 -5.17
C GLU B 213 9.74 -3.02 -5.40
N LEU B 214 10.19 -2.97 -6.66
CA LEU B 214 11.61 -2.73 -6.95
C LEU B 214 12.05 -1.37 -6.35
N PHE B 215 11.20 -0.36 -6.49
CA PHE B 215 11.47 0.94 -5.89
C PHE B 215 11.64 0.88 -4.37
N GLU B 216 10.68 0.25 -3.69
CA GLU B 216 10.71 0.15 -2.22
C GLU B 216 11.89 -0.67 -1.72
N ALA B 217 12.36 -1.61 -2.54
CA ALA B 217 13.50 -2.45 -2.18
C ALA B 217 14.84 -1.87 -2.64
N ARG B 218 14.83 -0.64 -3.15
CA ARG B 218 16.04 0.12 -3.50
C ARG B 218 16.83 -0.48 -4.65
N VAL B 219 16.10 -1.04 -5.62
CA VAL B 219 16.73 -1.59 -6.82
C VAL B 219 17.09 -0.47 -7.79
N LEU B 220 18.31 -0.49 -8.32
CA LEU B 220 18.73 0.48 -9.33
C LEU B 220 18.08 0.17 -10.67
N PHE B 221 17.21 1.07 -11.12
CA PHE B 221 16.48 0.87 -12.37
C PHE B 221 17.43 0.86 -13.55
N GLU B 222 18.48 1.67 -13.45
CA GLU B 222 19.49 1.77 -14.48
C GLU B 222 20.29 0.48 -14.61
N GLY B 223 20.29 -0.37 -13.60
CA GLY B 223 21.07 -1.60 -13.64
C GLY B 223 20.25 -2.87 -13.65
N MET B 224 19.14 -2.85 -14.37
CA MET B 224 18.31 -4.04 -14.53
C MET B 224 17.74 -4.09 -15.93
N ILE B 225 17.18 -5.26 -16.26
CA ILE B 225 16.48 -5.49 -17.51
C ILE B 225 15.12 -6.13 -17.23
N LEU B 226 14.08 -5.65 -17.91
CA LEU B 226 12.75 -6.22 -17.81
C LEU B 226 12.52 -7.21 -18.94
N LYS B 227 11.98 -8.38 -18.60
CA LYS B 227 11.61 -9.39 -19.59
C LYS B 227 10.13 -9.72 -19.39
N PRO B 228 9.25 -8.93 -20.01
CA PRO B 228 7.83 -9.13 -19.91
C PRO B 228 7.23 -9.83 -21.11
N ASN B 229 6.00 -10.33 -20.95
CA ASN B 229 5.19 -10.71 -22.09
C ASN B 229 4.81 -9.50 -22.91
N MET B 230 4.48 -9.72 -24.17
CA MET B 230 3.85 -8.69 -24.95
C MET B 230 2.39 -8.64 -24.55
N VAL B 231 1.72 -7.55 -24.90
CA VAL B 231 0.28 -7.47 -24.70
C VAL B 231 -0.32 -8.17 -25.89
N ILE B 232 -0.96 -9.30 -25.64
CA ILE B 232 -1.44 -10.18 -26.69
C ILE B 232 -2.59 -11.00 -26.12
N ASP B 233 -3.50 -11.42 -27.00
CA ASP B 233 -4.62 -12.25 -26.57
C ASP B 233 -4.16 -13.66 -26.25
N GLY B 234 -4.99 -14.42 -25.57
CA GLY B 234 -4.66 -15.80 -25.21
C GLY B 234 -4.51 -16.68 -26.45
N LYS B 235 -3.64 -17.68 -26.33
CA LYS B 235 -3.28 -18.57 -27.43
C LYS B 235 -4.47 -19.24 -28.14
N ASP B 236 -5.51 -19.53 -27.37
CA ASP B 236 -6.71 -20.15 -27.89
C ASP B 236 -7.77 -19.13 -28.33
N ALA B 237 -7.40 -17.86 -28.44
CA ALA B 237 -8.34 -16.82 -28.90
C ALA B 237 -7.60 -15.68 -29.58
N ARG B 238 -6.66 -16.03 -30.45
CA ARG B 238 -5.80 -15.06 -31.10
C ARG B 238 -6.49 -14.38 -32.28
N ILE B 239 -6.85 -13.10 -32.11
CA ILE B 239 -7.35 -12.29 -33.20
C ILE B 239 -6.59 -10.95 -33.38
N ALA B 240 -5.87 -10.50 -32.37
CA ALA B 240 -5.15 -9.24 -32.47
C ALA B 240 -4.10 -9.30 -33.59
N SER B 241 -4.13 -8.31 -34.47
CA SER B 241 -3.17 -8.16 -35.57
C SER B 241 -1.79 -7.81 -35.03
N VAL B 242 -0.76 -7.97 -35.87
CA VAL B 242 0.61 -7.58 -35.50
C VAL B 242 0.66 -6.13 -35.00
N GLU B 243 -0.03 -5.25 -35.72
CA GLU B 243 -0.04 -3.83 -35.43
C GLU B 243 -0.65 -3.54 -34.08
N GLU B 244 -1.80 -4.17 -33.80
CA GLU B 244 -2.49 -3.99 -32.54
C GLU B 244 -1.61 -4.49 -31.40
N VAL B 245 -0.98 -5.65 -31.59
CA VAL B 245 -0.11 -6.21 -30.55
C VAL B 245 1.01 -5.24 -30.23
N ALA B 246 1.66 -4.74 -31.29
CA ALA B 246 2.78 -3.78 -31.11
C ALA B 246 2.33 -2.47 -30.43
N GLU B 247 1.21 -1.93 -30.86
CA GLU B 247 0.73 -0.64 -30.38
C GLU B 247 0.35 -0.71 -28.90
N LYS B 248 -0.42 -1.72 -28.55
CA LYS B 248 -0.85 -1.91 -27.17
C LYS B 248 0.32 -2.25 -26.24
N THR B 249 1.24 -3.08 -26.73
CA THR B 249 2.40 -3.47 -25.90
C THR B 249 3.23 -2.23 -25.52
N VAL B 250 3.53 -1.39 -26.51
CA VAL B 250 4.35 -0.22 -26.28
C VAL B 250 3.60 0.80 -25.42
N HIS B 251 2.31 0.94 -25.66
CA HIS B 251 1.43 1.77 -24.82
C HIS B 251 1.51 1.36 -23.34
N VAL B 252 1.39 0.06 -23.03
CA VAL B 252 1.46 -0.38 -21.63
C VAL B 252 2.83 -0.08 -21.00
N LEU B 253 3.89 -0.23 -21.78
CA LEU B 253 5.25 -0.01 -21.28
C LEU B 253 5.51 1.46 -21.01
N LYS B 254 4.98 2.34 -21.86
CA LYS B 254 5.11 3.78 -21.66
C LYS B 254 4.49 4.19 -20.32
N GLN B 255 3.40 3.52 -19.96
CA GLN B 255 2.68 3.82 -18.73
C GLN B 255 3.37 3.30 -17.48
N THR B 256 4.06 2.17 -17.57
CA THR B 256 4.49 1.45 -16.36
C THR B 256 6.00 1.15 -16.19
N VAL B 257 6.78 1.21 -17.26
CA VAL B 257 8.22 0.96 -17.15
C VAL B 257 9.02 2.26 -17.16
N PRO B 258 9.66 2.62 -16.03
CA PRO B 258 10.39 3.87 -15.97
C PRO B 258 11.42 4.00 -17.10
N ALA B 259 11.61 5.23 -17.58
CA ALA B 259 12.62 5.52 -18.60
C ALA B 259 14.03 5.16 -18.16
N ALA B 260 14.26 5.13 -16.85
CA ALA B 260 15.55 4.77 -16.27
C ALA B 260 15.97 3.34 -16.58
N VAL B 261 15.01 2.47 -16.84
CA VAL B 261 15.34 1.11 -17.23
C VAL B 261 15.97 1.19 -18.62
N PRO B 262 17.13 0.54 -18.83
CA PRO B 262 17.80 0.67 -20.12
C PRO B 262 17.20 -0.18 -21.24
N GLY B 263 16.58 -1.31 -20.90
CA GLY B 263 16.06 -2.17 -21.93
C GLY B 263 14.95 -3.08 -21.48
N ILE B 264 14.14 -3.49 -22.45
CA ILE B 264 13.07 -4.43 -22.27
C ILE B 264 13.33 -5.53 -23.32
N ALA B 265 13.52 -6.76 -22.86
CA ALA B 265 13.81 -7.89 -23.75
C ALA B 265 12.67 -8.88 -23.62
N PHE B 266 11.81 -8.96 -24.63
CA PHE B 266 10.53 -9.66 -24.44
C PHE B 266 10.71 -11.16 -24.40
N LEU B 267 9.80 -11.83 -23.69
CA LEU B 267 9.66 -13.29 -23.79
C LEU B 267 8.78 -13.61 -25.00
N SER B 268 8.92 -14.82 -25.58
CA SER B 268 8.12 -15.22 -26.75
C SER B 268 6.79 -15.85 -26.32
N GLY B 269 6.80 -16.57 -25.20
CA GLY B 269 5.59 -16.88 -24.43
C GLY B 269 4.58 -17.86 -25.01
N GLY B 270 4.97 -18.57 -26.06
CA GLY B 270 4.05 -19.45 -26.76
C GLY B 270 3.76 -18.98 -28.17
N GLN B 271 4.15 -17.75 -28.49
CA GLN B 271 4.01 -17.21 -29.86
C GLN B 271 4.77 -18.08 -30.86
N THR B 272 4.33 -18.07 -32.12
CA THR B 272 5.09 -18.71 -33.19
C THR B 272 6.41 -17.98 -33.41
N ASP B 273 7.36 -18.67 -34.03
CA ASP B 273 8.66 -18.07 -34.37
C ASP B 273 8.52 -16.72 -35.08
N GLU B 274 7.65 -16.68 -36.09
CA GLU B 274 7.51 -15.52 -36.98
C GLU B 274 6.78 -14.35 -36.31
N GLU B 275 5.72 -14.67 -35.57
CA GLU B 275 5.05 -13.72 -34.69
C GLU B 275 6.00 -12.98 -33.76
N ALA B 276 6.82 -13.73 -33.04
CA ALA B 276 7.71 -13.13 -32.07
C ALA B 276 8.58 -12.09 -32.78
N THR B 277 9.01 -12.41 -34.01
CA THR B 277 9.85 -11.50 -34.77
C THR B 277 9.04 -10.31 -35.29
N ALA B 278 7.90 -10.58 -35.92
CA ALA B 278 7.07 -9.52 -36.49
C ALA B 278 6.64 -8.52 -35.42
N HIS B 279 6.22 -9.01 -34.28
CA HIS B 279 5.78 -8.14 -33.19
C HIS B 279 6.89 -7.19 -32.73
N LEU B 280 8.08 -7.75 -32.52
CA LEU B 280 9.21 -6.98 -32.04
C LEU B 280 9.60 -5.93 -33.06
N SER B 281 9.61 -6.33 -34.34
CA SER B 281 9.96 -5.42 -35.43
C SER B 281 9.02 -4.22 -35.53
N ALA B 282 7.72 -4.48 -35.47
CA ALA B 282 6.72 -3.41 -35.57
C ALA B 282 6.77 -2.43 -34.39
N MET B 283 7.12 -2.93 -33.20
CA MET B 283 7.31 -2.04 -32.07
C MET B 283 8.50 -1.11 -32.27
N ASN B 284 9.53 -1.60 -32.96
CA ASN B 284 10.72 -0.80 -33.21
C ASN B 284 10.60 0.19 -34.39
N ALA B 285 9.45 0.23 -35.04
CA ALA B 285 9.16 1.27 -36.05
C ALA B 285 8.09 2.26 -35.56
N LEU B 286 7.79 2.25 -34.26
CA LEU B 286 6.76 3.15 -33.71
C LEU B 286 7.33 4.49 -33.19
N GLY B 287 8.52 4.88 -33.66
CA GLY B 287 9.13 6.13 -33.22
C GLY B 287 10.03 5.92 -32.02
N ALA B 288 10.69 6.98 -31.57
CA ALA B 288 11.74 6.87 -30.56
C ALA B 288 11.16 6.48 -29.21
N LEU B 289 11.84 5.55 -28.54
CA LEU B 289 11.39 5.01 -27.27
C LEU B 289 12.45 5.26 -26.19
N PRO B 290 12.01 5.43 -24.93
CA PRO B 290 12.93 5.73 -23.84
C PRO B 290 13.79 4.55 -23.40
N TRP B 291 13.46 3.35 -23.85
CA TRP B 291 14.32 2.18 -23.62
C TRP B 291 14.45 1.40 -24.91
N LYS B 292 15.49 0.60 -24.98
CA LYS B 292 15.68 -0.30 -26.11
C LYS B 292 14.62 -1.38 -26.02
N LEU B 293 14.11 -1.83 -27.16
CA LEU B 293 13.24 -3.02 -27.20
C LEU B 293 13.93 -4.11 -27.97
N THR B 294 14.11 -5.26 -27.33
CA THR B 294 14.77 -6.39 -27.98
C THR B 294 14.14 -7.69 -27.50
N PHE B 295 14.85 -8.79 -27.72
CA PHE B 295 14.33 -10.12 -27.42
C PHE B 295 15.13 -10.78 -26.31
N SER B 296 14.43 -11.59 -25.51
CA SER B 296 15.04 -12.62 -24.68
C SER B 296 14.18 -13.85 -24.93
N TYR B 297 14.45 -14.52 -26.05
CA TYR B 297 13.64 -15.60 -26.54
C TYR B 297 14.23 -16.96 -26.23
N GLY B 298 13.35 -17.85 -25.75
CA GLY B 298 13.65 -19.24 -25.64
C GLY B 298 13.13 -19.98 -26.86
N ARG B 299 11.87 -20.38 -26.79
CA ARG B 299 11.19 -21.07 -27.89
C ARG B 299 11.37 -20.41 -29.25
N ALA B 300 11.13 -19.11 -29.35
CA ALA B 300 11.19 -18.40 -30.64
C ALA B 300 12.59 -18.33 -31.25
N LEU B 301 13.61 -18.64 -30.47
CA LEU B 301 14.96 -18.76 -31.02
C LEU B 301 15.39 -20.21 -31.23
N GLN B 302 14.74 -21.15 -30.53
CA GLN B 302 15.26 -22.52 -30.40
C GLN B 302 14.43 -23.57 -31.07
N ALA B 303 13.12 -23.35 -31.20
CA ALA B 303 12.20 -24.44 -31.51
C ALA B 303 12.54 -25.08 -32.86
N ALA B 304 12.87 -24.25 -33.84
CA ALA B 304 13.31 -24.71 -35.16
C ALA B 304 14.64 -25.48 -35.09
N ALA B 305 15.60 -24.97 -34.31
CA ALA B 305 16.88 -25.66 -34.13
C ALA B 305 16.68 -27.03 -33.49
N LEU B 306 15.80 -27.09 -32.51
CA LEU B 306 15.59 -28.31 -31.77
C LEU B 306 15.00 -29.35 -32.68
N LYS B 307 13.96 -28.99 -33.43
CA LYS B 307 13.35 -29.90 -34.42
C LYS B 307 14.34 -30.40 -35.48
N ALA B 308 15.21 -29.53 -35.97
CA ALA B 308 16.17 -29.90 -37.02
C ALA B 308 17.28 -30.78 -36.45
N TRP B 309 17.69 -30.50 -35.22
CA TRP B 309 18.67 -31.32 -34.49
C TRP B 309 18.21 -32.76 -34.28
N ALA B 310 17.02 -32.95 -33.74
CA ALA B 310 16.43 -34.28 -33.55
C ALA B 310 17.31 -35.26 -32.75
N GLY B 311 18.15 -34.74 -31.86
CA GLY B 311 19.02 -35.56 -31.02
C GLY B 311 20.26 -36.15 -31.68
N LYS B 312 20.47 -35.86 -32.96
CA LYS B 312 21.50 -36.54 -33.75
C LYS B 312 22.70 -35.64 -34.07
N ASN B 313 23.91 -36.14 -33.82
CA ASN B 313 25.17 -35.44 -34.15
C ASN B 313 25.27 -35.00 -35.61
N GLU B 314 24.82 -35.86 -36.52
CA GLU B 314 24.89 -35.55 -37.97
C GLU B 314 24.00 -34.33 -38.35
N ASN B 315 23.08 -33.93 -37.48
CA ASN B 315 22.19 -32.79 -37.73
C ASN B 315 22.68 -31.45 -37.15
N ILE B 316 23.89 -31.41 -36.59
CA ILE B 316 24.42 -30.20 -35.97
C ILE B 316 24.37 -28.98 -36.91
N VAL B 317 24.93 -29.11 -38.11
CA VAL B 317 25.01 -27.99 -39.03
C VAL B 317 23.60 -27.48 -39.37
N VAL B 318 22.72 -28.37 -39.78
CA VAL B 318 21.36 -27.98 -40.17
C VAL B 318 20.58 -27.39 -38.98
N ALA B 319 20.86 -27.86 -37.76
CA ALA B 319 20.31 -27.23 -36.55
C ALA B 319 20.85 -25.81 -36.32
N GLN B 320 22.16 -25.66 -36.47
CA GLN B 320 22.78 -24.35 -36.33
C GLN B 320 22.26 -23.37 -37.37
N LYS B 321 21.99 -23.86 -38.58
CA LYS B 321 21.45 -22.98 -39.63
C LYS B 321 20.12 -22.38 -39.19
N ALA B 322 19.22 -23.23 -38.69
CA ALA B 322 17.89 -22.77 -38.24
C ALA B 322 18.03 -21.74 -37.11
N PHE B 323 18.91 -22.03 -36.16
CA PHE B 323 19.16 -21.10 -35.07
C PHE B 323 19.72 -19.77 -35.61
N CYS B 324 20.78 -19.83 -36.42
CA CYS B 324 21.34 -18.60 -36.97
C CYS B 324 20.31 -17.79 -37.73
N HIS B 325 19.45 -18.46 -38.52
CA HIS B 325 18.44 -17.75 -39.28
C HIS B 325 17.47 -16.99 -38.38
N ARG B 326 17.00 -17.65 -37.31
CA ARG B 326 16.07 -16.98 -36.37
C ARG B 326 16.77 -15.90 -35.57
N ALA B 327 18.03 -16.15 -35.19
CA ALA B 327 18.82 -15.14 -34.50
C ALA B 327 18.92 -13.87 -35.34
N ARG B 328 19.19 -14.05 -36.63
CA ARG B 328 19.34 -12.93 -37.55
C ARG B 328 18.01 -12.20 -37.83
N MET B 329 16.92 -12.93 -37.93
CA MET B 329 15.62 -12.28 -38.15
C MET B 329 15.30 -11.40 -36.92
N ASN B 330 15.65 -11.89 -35.74
CA ASN B 330 15.35 -11.18 -34.53
C ASN B 330 16.32 -10.01 -34.29
N HIS B 331 17.55 -10.17 -34.73
CA HIS B 331 18.47 -9.04 -34.84
C HIS B 331 17.86 -7.92 -35.67
N LEU B 332 17.38 -8.27 -36.88
CA LEU B 332 16.73 -7.29 -37.75
C LEU B 332 15.49 -6.71 -37.06
N ALA B 333 14.76 -7.56 -36.34
CA ALA B 333 13.58 -7.10 -35.59
C ALA B 333 13.99 -6.09 -34.52
N ALA B 334 15.09 -6.36 -33.82
CA ALA B 334 15.61 -5.43 -32.80
C ALA B 334 16.02 -4.08 -33.40
N LEU B 335 16.38 -4.08 -34.69
CA LEU B 335 16.69 -2.84 -35.42
C LEU B 335 15.47 -2.21 -36.13
N GLY B 336 14.30 -2.86 -36.05
CA GLY B 336 13.09 -2.44 -36.79
C GLY B 336 13.18 -2.66 -38.30
N GLN B 337 14.04 -3.59 -38.71
CA GLN B 337 14.37 -3.77 -40.14
C GLN B 337 13.85 -5.06 -40.79
N TRP B 338 13.12 -5.86 -40.01
CA TRP B 338 12.61 -7.14 -40.49
C TRP B 338 11.39 -6.94 -41.37
N THR B 339 11.31 -7.77 -42.40
CA THR B 339 10.14 -7.84 -43.25
C THR B 339 9.89 -9.32 -43.57
N LYS B 340 8.65 -9.63 -43.91
CA LYS B 340 8.28 -10.99 -44.30
C LYS B 340 9.19 -11.54 -45.41
N ASP B 341 9.56 -10.66 -46.33
CA ASP B 341 10.39 -11.00 -47.50
C ASP B 341 11.76 -11.58 -47.13
N GLN B 342 12.31 -11.18 -45.97
CA GLN B 342 13.64 -11.62 -45.57
C GLN B 342 13.71 -13.04 -44.99
N GLU B 343 12.55 -13.59 -44.62
CA GLU B 343 12.48 -14.96 -44.15
C GLU B 343 12.84 -15.93 -45.26
N SER C 4 -13.42 -26.78 8.90
CA SER C 4 -13.05 -27.94 9.77
C SER C 4 -11.54 -28.06 9.99
N MET C 5 -10.74 -27.92 8.94
N MET C 5 -10.76 -27.90 8.92
CA MET C 5 -9.30 -27.81 9.13
CA MET C 5 -9.30 -27.76 9.05
C MET C 5 -8.95 -26.42 9.70
C MET C 5 -9.00 -26.44 9.74
N ASN C 6 -9.73 -25.39 9.36
CA ASN C 6 -9.71 -24.11 10.08
C ASN C 6 -10.03 -24.30 11.58
N GLU C 7 -11.08 -25.09 11.85
CA GLU C 7 -11.50 -25.36 13.22
C GLU C 7 -10.42 -26.11 14.01
N ARG C 8 -9.73 -27.02 13.35
CA ARG C 8 -8.60 -27.72 13.95
C ARG C 8 -7.41 -26.81 14.31
N LEU C 9 -7.06 -25.88 13.44
CA LEU C 9 -6.04 -24.88 13.73
C LEU C 9 -6.43 -24.08 14.96
N GLU C 10 -7.69 -23.64 15.00
CA GLU C 10 -8.20 -22.89 16.16
C GLU C 10 -8.00 -23.70 17.45
N ASP C 11 -8.39 -24.97 17.42
CA ASP C 11 -8.25 -25.87 18.59
C ASP C 11 -6.80 -26.00 19.06
N ILE C 12 -5.86 -26.20 18.15
CA ILE C 12 -4.46 -26.35 18.53
C ILE C 12 -3.95 -25.05 19.13
N ALA C 13 -4.27 -23.93 18.47
CA ALA C 13 -3.84 -22.62 18.96
C ALA C 13 -4.36 -22.34 20.37
N LEU C 14 -5.66 -22.59 20.58
CA LEU C 14 -6.28 -22.43 21.90
C LEU C 14 -5.59 -23.29 22.95
N THR C 15 -5.33 -24.55 22.60
CA THR C 15 -4.59 -25.44 23.50
C THR C 15 -3.22 -24.85 23.87
N LEU C 16 -2.54 -24.24 22.91
CA LEU C 16 -1.19 -23.70 23.16
C LEU C 16 -1.11 -22.51 24.13
N VAL C 17 -2.21 -21.79 24.29
CA VAL C 17 -2.24 -20.63 25.19
C VAL C 17 -3.26 -20.78 26.32
N GLY C 18 -3.81 -21.98 26.50
CA GLY C 18 -4.90 -22.20 27.46
C GLY C 18 -4.47 -22.47 28.89
N ALA C 19 -5.43 -22.37 29.81
CA ALA C 19 -5.28 -22.88 31.18
C ALA C 19 -4.05 -22.36 31.95
N GLY C 20 -3.66 -21.11 31.69
CA GLY C 20 -2.45 -20.53 32.29
C GLY C 20 -1.16 -21.30 31.96
N LYS C 21 -1.15 -21.99 30.83
CA LYS C 21 0.04 -22.66 30.37
C LYS C 21 0.76 -21.77 29.35
N GLY C 22 2.01 -22.10 29.06
CA GLY C 22 2.79 -21.37 28.08
C GLY C 22 3.78 -22.25 27.33
N ILE C 23 4.56 -21.62 26.48
CA ILE C 23 5.44 -22.33 25.54
C ILE C 23 6.89 -22.25 26.01
N LEU C 24 7.53 -23.41 26.11
CA LEU C 24 8.97 -23.45 26.25
C LEU C 24 9.60 -23.26 24.86
N ALA C 25 10.34 -22.17 24.71
CA ALA C 25 11.06 -21.93 23.46
C ALA C 25 12.44 -22.56 23.55
N ALA C 26 12.55 -23.78 23.04
CA ALA C 26 13.79 -24.53 23.11
C ALA C 26 14.46 -24.72 21.74
N ASP C 27 14.09 -23.84 20.79
CA ASP C 27 14.43 -23.97 19.36
C ASP C 27 15.73 -23.32 18.91
N GLU C 28 16.65 -23.05 19.83
CA GLU C 28 17.93 -22.44 19.50
C GLU C 28 18.65 -23.21 18.39
N SER C 29 19.04 -22.51 17.32
CA SER C 29 19.89 -23.10 16.28
C SER C 29 21.28 -23.36 16.80
N THR C 30 22.05 -24.13 16.04
CA THR C 30 23.36 -24.57 16.46
C THR C 30 24.24 -23.42 16.97
N ALA C 31 24.37 -22.37 16.18
CA ALA C 31 25.19 -21.22 16.60
C ALA C 31 24.66 -20.57 17.90
N THR C 32 23.33 -20.41 17.99
CA THR C 32 22.71 -19.76 19.16
C THR C 32 22.86 -20.61 20.43
N ILE C 33 22.59 -21.90 20.35
CA ILE C 33 22.78 -22.77 21.51
C ILE C 33 24.26 -22.90 21.83
N GLY C 34 25.12 -22.81 20.81
CA GLY C 34 26.57 -22.77 21.01
C GLY C 34 27.01 -21.60 21.87
N LYS C 35 26.49 -20.41 21.55
CA LYS C 35 26.77 -19.21 22.33
C LYS C 35 26.34 -19.39 23.79
N ARG C 36 25.21 -20.06 24.02
CA ARG C 36 24.69 -20.22 25.38
C ARG C 36 25.53 -21.23 26.18
N PHE C 37 25.97 -22.31 25.52
CA PHE C 37 26.83 -23.30 26.16
C PHE C 37 28.22 -22.73 26.44
N GLU C 38 28.71 -21.88 25.55
CA GLU C 38 30.06 -21.29 25.70
C GLU C 38 30.15 -20.40 26.93
N SER C 39 29.06 -19.67 27.22
CA SER C 39 28.99 -18.83 28.43
C SER C 39 29.31 -19.59 29.72
N ILE C 40 28.74 -20.79 29.85
CA ILE C 40 29.02 -21.67 31.00
C ILE C 40 30.16 -22.69 30.73
N GLY C 41 31.04 -22.38 29.77
CA GLY C 41 32.19 -23.24 29.46
C GLY C 41 31.89 -24.69 29.13
N VAL C 42 30.80 -24.93 28.39
CA VAL C 42 30.44 -26.30 27.96
C VAL C 42 30.58 -26.43 26.43
N GLU C 43 31.25 -27.50 25.99
CA GLU C 43 31.47 -27.75 24.57
C GLU C 43 30.12 -27.99 23.92
N CYS C 44 29.93 -27.44 22.72
CA CYS C 44 28.66 -27.60 22.02
C CYS C 44 28.74 -28.78 21.08
N THR C 45 28.52 -29.97 21.62
CA THR C 45 28.44 -31.19 20.83
C THR C 45 26.98 -31.59 20.67
N GLU C 46 26.70 -32.42 19.66
CA GLU C 46 25.37 -32.99 19.51
C GLU C 46 24.93 -33.69 20.80
N ASP C 47 25.81 -34.49 21.39
CA ASP C 47 25.44 -35.22 22.60
C ASP C 47 25.03 -34.27 23.76
N ASN C 48 25.83 -33.24 24.02
CA ASN C 48 25.52 -32.28 25.09
C ASN C 48 24.20 -31.55 24.84
N ARG C 49 23.91 -31.23 23.58
CA ARG C 49 22.64 -30.61 23.22
C ARG C 49 21.49 -31.56 23.52
N ARG C 50 21.66 -32.84 23.16
CA ARG C 50 20.68 -33.87 23.46
C ARG C 50 20.50 -33.97 24.97
N ALA C 51 21.61 -34.09 25.68
CA ALA C 51 21.57 -34.23 27.14
C ALA C 51 20.81 -33.06 27.79
N TYR C 52 21.13 -31.84 27.37
CA TYR C 52 20.51 -30.63 27.95
C TYR C 52 19.01 -30.55 27.68
N ARG C 53 18.60 -30.87 26.47
CA ARG C 53 17.19 -30.84 26.11
C ARG C 53 16.42 -31.96 26.82
N GLU C 54 17.04 -33.12 26.92
CA GLU C 54 16.45 -34.25 27.63
C GLU C 54 16.22 -33.94 29.12
N MET C 55 17.12 -33.15 29.71
CA MET C 55 16.97 -32.72 31.09
C MET C 55 15.71 -31.86 31.26
N LEU C 56 15.48 -30.98 30.29
CA LEU C 56 14.33 -30.11 30.31
C LEU C 56 13.05 -30.92 30.14
N PHE C 57 13.03 -31.79 29.13
CA PHE C 57 11.81 -32.50 28.77
C PHE C 57 11.42 -33.62 29.75
N THR C 58 12.35 -34.03 30.61
CA THR C 58 12.08 -35.04 31.62
C THR C 58 11.74 -34.43 32.98
N ALA C 59 11.74 -33.10 33.07
CA ALA C 59 11.34 -32.40 34.29
C ALA C 59 9.82 -32.40 34.35
N LYS C 60 9.27 -33.55 34.73
CA LYS C 60 7.85 -33.87 34.53
C LYS C 60 6.91 -32.87 35.22
N GLU C 61 7.27 -32.45 36.42
CA GLU C 61 6.50 -31.48 37.19
C GLU C 61 6.20 -30.18 36.41
N ALA C 62 7.22 -29.62 35.76
CA ALA C 62 7.07 -28.39 34.97
C ALA C 62 6.39 -28.68 33.65
N MET C 63 6.80 -29.75 33.00
CA MET C 63 6.27 -30.06 31.68
C MET C 63 4.79 -30.39 31.76
N GLU C 64 4.36 -31.08 32.82
CA GLU C 64 2.97 -31.49 32.97
C GLU C 64 2.08 -30.34 33.40
N SER C 65 2.60 -29.40 34.17
CA SER C 65 1.76 -28.34 34.72
C SER C 65 1.82 -27.03 33.98
N ALA C 66 2.99 -26.65 33.48
CA ALA C 66 3.21 -25.28 33.00
C ALA C 66 3.33 -25.13 31.49
N ILE C 67 3.66 -26.20 30.78
CA ILE C 67 4.14 -26.11 29.42
C ILE C 67 3.13 -26.70 28.43
N SER C 68 2.49 -25.82 27.66
CA SER C 68 1.50 -26.24 26.69
C SER C 68 2.19 -26.85 25.48
N GLY C 69 3.36 -26.33 25.15
CA GLY C 69 4.08 -26.70 23.95
C GLY C 69 5.56 -26.42 23.99
N VAL C 70 6.30 -27.04 23.07
CA VAL C 70 7.74 -26.86 23.01
C VAL C 70 8.18 -26.55 21.60
N ILE C 71 8.78 -25.37 21.41
CA ILE C 71 9.41 -25.04 20.12
C ILE C 71 10.75 -25.76 20.00
N LEU C 72 10.91 -26.54 18.94
CA LEU C 72 12.14 -27.30 18.68
C LEU C 72 12.88 -26.86 17.41
N PHE C 73 14.20 -27.04 17.45
CA PHE C 73 15.05 -26.94 16.27
C PHE C 73 15.02 -28.29 15.57
N ASP C 74 15.12 -28.27 14.25
CA ASP C 74 15.16 -29.48 13.44
C ASP C 74 15.87 -30.69 14.05
N GLU C 75 17.12 -30.49 14.47
CA GLU C 75 17.93 -31.58 15.07
C GLU C 75 17.16 -32.26 16.19
N THR C 76 16.69 -31.45 17.14
CA THR C 76 16.06 -31.96 18.34
C THR C 76 14.79 -32.75 18.01
N LEU C 77 14.05 -32.30 17.01
CA LEU C 77 12.81 -32.97 16.60
C LEU C 77 13.09 -34.40 16.11
N ARG C 78 14.30 -34.61 15.60
CA ARG C 78 14.74 -35.91 15.09
C ARG C 78 15.57 -36.72 16.10
N GLN C 79 15.83 -36.18 17.29
CA GLN C 79 16.73 -36.81 18.27
C GLN C 79 16.01 -37.82 19.14
N LYS C 80 16.76 -38.87 19.50
CA LYS C 80 16.34 -39.81 20.51
C LYS C 80 16.84 -39.38 21.89
N ALA C 81 16.05 -39.71 22.92
CA ALA C 81 16.48 -39.60 24.30
C ALA C 81 17.53 -40.66 24.58
N SER C 82 18.25 -40.51 25.69
CA SER C 82 19.19 -41.55 26.14
C SER C 82 18.50 -42.89 26.43
N THR C 83 17.21 -42.83 26.74
CA THR C 83 16.43 -44.01 27.08
C THR C 83 15.83 -44.69 25.84
N GLY C 84 15.98 -44.07 24.66
CA GLY C 84 15.63 -44.71 23.38
C GLY C 84 14.37 -44.20 22.71
N GLN C 85 13.49 -43.55 23.48
CA GLN C 85 12.33 -42.89 22.88
C GLN C 85 12.82 -41.71 22.09
N MET C 86 11.95 -41.21 21.20
CA MET C 86 12.17 -39.91 20.60
C MET C 86 11.99 -38.86 21.70
N LEU C 87 12.78 -37.80 21.64
CA LEU C 87 12.61 -36.68 22.57
C LEU C 87 11.19 -36.14 22.53
N THR C 88 10.56 -36.15 21.36
CA THR C 88 9.18 -35.68 21.24
C THR C 88 8.15 -36.62 21.88
N ASP C 89 8.50 -37.90 22.04
CA ASP C 89 7.68 -38.83 22.84
C ASP C 89 7.60 -38.36 24.30
N LEU C 90 8.72 -37.88 24.83
CA LEU C 90 8.76 -37.39 26.20
C LEU C 90 7.88 -36.18 26.35
N ILE C 91 8.01 -35.27 25.39
CA ILE C 91 7.19 -34.06 25.34
C ILE C 91 5.70 -34.42 25.26
N ARG C 92 5.35 -35.35 24.38
CA ARG C 92 3.93 -35.72 24.20
C ARG C 92 3.37 -36.40 25.44
N ASP C 93 4.16 -37.29 26.05
CA ASP C 93 3.77 -37.97 27.28
C ASP C 93 3.43 -37.01 28.44
N ALA C 94 4.15 -35.90 28.52
CA ALA C 94 3.89 -34.90 29.55
C ALA C 94 2.65 -34.05 29.24
N GLY C 95 1.98 -34.30 28.11
CA GLY C 95 0.80 -33.53 27.67
C GLY C 95 1.10 -32.26 26.88
N ALA C 96 2.35 -32.08 26.48
CA ALA C 96 2.78 -30.90 25.73
C ALA C 96 2.79 -31.20 24.21
N VAL C 97 2.58 -30.15 23.41
CA VAL C 97 2.55 -30.25 21.95
C VAL C 97 3.92 -29.89 21.40
N PRO C 98 4.48 -30.75 20.53
CA PRO C 98 5.77 -30.41 19.89
C PRO C 98 5.57 -29.43 18.74
N GLY C 99 6.50 -28.48 18.62
CA GLY C 99 6.48 -27.48 17.56
C GLY C 99 7.87 -27.33 16.96
N ILE C 100 7.89 -26.79 15.74
CA ILE C 100 9.11 -26.72 14.94
C ILE C 100 9.39 -25.30 14.44
N LYS C 101 10.57 -24.80 14.77
CA LYS C 101 11.07 -23.58 14.19
C LYS C 101 11.50 -23.93 12.77
N VAL C 102 11.05 -23.14 11.79
CA VAL C 102 11.28 -23.45 10.37
C VAL C 102 12.09 -22.40 9.62
N ASP C 103 12.45 -21.29 10.26
CA ASP C 103 13.23 -20.26 9.56
C ASP C 103 14.67 -20.72 9.53
N THR C 104 15.48 -20.16 8.63
CA THR C 104 16.89 -20.56 8.47
C THR C 104 17.83 -19.44 8.88
N GLY C 105 17.30 -18.46 9.60
CA GLY C 105 18.12 -17.41 10.22
C GLY C 105 17.86 -16.04 9.65
N ALA C 106 18.22 -15.02 10.43
CA ALA C 106 18.10 -13.63 10.03
C ALA C 106 19.38 -13.20 9.33
N LYS C 107 19.31 -13.05 8.01
CA LYS C 107 20.49 -12.67 7.21
C LYS C 107 20.50 -11.17 6.86
N PRO C 108 21.68 -10.63 6.53
CA PRO C 108 21.69 -9.23 6.13
C PRO C 108 20.72 -8.95 4.97
N LEU C 109 20.08 -7.79 5.00
CA LEU C 109 19.15 -7.41 3.96
C LEU C 109 19.83 -6.50 2.98
N ALA C 110 19.92 -6.97 1.73
CA ALA C 110 20.51 -6.20 0.64
C ALA C 110 19.94 -4.79 0.62
N ALA C 111 20.81 -3.80 0.50
CA ALA C 111 20.46 -2.37 0.43
C ALA C 111 19.98 -1.73 1.72
N PHE C 112 19.88 -2.49 2.82
CA PHE C 112 19.46 -1.94 4.11
C PHE C 112 20.52 -2.24 5.17
N PRO C 113 21.59 -1.44 5.22
CA PRO C 113 22.65 -1.73 6.18
C PRO C 113 22.14 -1.81 7.61
N GLN C 114 22.70 -2.78 8.35
CA GLN C 114 22.39 -2.99 9.77
C GLN C 114 21.01 -3.60 10.05
N GLU C 115 20.28 -3.99 9.00
CA GLU C 115 19.01 -4.70 9.17
C GLU C 115 19.02 -6.06 8.47
N THR C 116 18.05 -6.91 8.86
CA THR C 116 18.00 -8.27 8.40
C THR C 116 16.69 -8.67 7.71
N ILE C 117 16.77 -9.79 7.00
CA ILE C 117 15.61 -10.44 6.42
C ILE C 117 15.75 -11.92 6.75
N THR C 118 14.66 -12.56 7.16
CA THR C 118 14.68 -13.96 7.56
C THR C 118 14.44 -14.87 6.34
N GLU C 119 15.27 -15.90 6.22
CA GLU C 119 15.20 -16.85 5.12
C GLU C 119 14.53 -18.11 5.61
N GLY C 120 14.14 -18.94 4.66
CA GLY C 120 13.54 -20.23 4.96
C GLY C 120 12.34 -20.67 4.12
N LEU C 121 11.84 -19.81 3.23
CA LEU C 121 10.60 -20.13 2.53
C LEU C 121 10.78 -21.20 1.46
N ASP C 122 12.01 -21.39 0.98
CA ASP C 122 12.24 -22.32 -0.12
C ASP C 122 12.04 -23.77 0.33
N GLY C 123 11.19 -24.51 -0.36
CA GLY C 123 10.89 -25.90 0.00
C GLY C 123 10.12 -26.00 1.31
N LEU C 124 9.50 -24.91 1.74
CA LEU C 124 8.91 -24.91 3.08
C LEU C 124 7.64 -25.77 3.11
N ARG C 125 6.91 -25.87 2.01
CA ARG C 125 5.74 -26.77 1.94
C ARG C 125 6.13 -28.21 2.26
N GLU C 126 7.18 -28.70 1.60
CA GLU C 126 7.61 -30.08 1.78
C GLU C 126 8.18 -30.29 3.18
N ARG C 127 8.95 -29.33 3.72
CA ARG C 127 9.43 -29.45 5.12
C ARG C 127 8.28 -29.51 6.12
N LEU C 128 7.27 -28.68 5.96
CA LEU C 128 6.14 -28.65 6.89
C LEU C 128 5.41 -29.98 6.90
N LYS C 129 5.13 -30.51 5.71
CA LYS C 129 4.54 -31.84 5.54
C LYS C 129 5.33 -32.92 6.30
N ASP C 130 6.63 -33.00 6.03
CA ASP C 130 7.54 -33.87 6.75
C ASP C 130 7.53 -33.61 8.27
N TYR C 131 7.57 -32.35 8.66
CA TYR C 131 7.56 -32.00 10.10
C TYR C 131 6.26 -32.40 10.81
N TYR C 132 5.14 -32.36 10.08
CA TYR C 132 3.86 -32.79 10.60
C TYR C 132 3.89 -34.29 10.91
N THR C 133 4.47 -35.08 10.01
CA THR C 133 4.60 -36.52 10.24
C THR C 133 5.52 -36.85 11.44
N LEU C 134 6.47 -35.97 11.74
CA LEU C 134 7.33 -36.11 12.93
C LEU C 134 6.66 -35.62 14.24
N GLY C 135 5.38 -35.26 14.18
CA GLY C 135 4.61 -34.89 15.38
C GLY C 135 4.45 -33.40 15.66
N ALA C 136 5.04 -32.53 14.84
CA ALA C 136 4.93 -31.09 15.04
C ALA C 136 3.53 -30.63 14.68
N ARG C 137 2.87 -29.91 15.59
CA ARG C 137 1.52 -29.36 15.32
C ARG C 137 1.48 -27.84 15.27
N PHE C 138 2.62 -27.19 15.52
CA PHE C 138 2.77 -25.76 15.30
C PHE C 138 4.19 -25.45 14.86
N ALA C 139 4.40 -24.28 14.28
CA ALA C 139 5.69 -23.88 13.75
C ALA C 139 6.10 -22.53 14.27
N LYS C 140 7.33 -22.11 14.00
CA LYS C 140 7.80 -20.79 14.41
C LYS C 140 8.73 -20.15 13.39
N TRP C 141 8.64 -18.82 13.29
CA TRP C 141 9.51 -18.06 12.40
C TRP C 141 9.81 -16.73 13.05
N ARG C 142 11.09 -16.34 13.05
CA ARG C 142 11.52 -15.11 13.72
C ARG C 142 11.99 -14.03 12.74
N ALA C 143 11.33 -12.87 12.77
CA ALA C 143 11.80 -11.68 12.08
C ALA C 143 12.54 -10.84 13.13
N VAL C 144 13.74 -10.38 12.78
CA VAL C 144 14.51 -9.53 13.65
C VAL C 144 14.44 -8.08 13.18
N ILE C 145 13.88 -7.22 14.03
CA ILE C 145 13.73 -5.82 13.73
C ILE C 145 14.73 -5.07 14.61
N ALA C 146 15.70 -4.43 13.97
CA ALA C 146 16.66 -3.60 14.67
C ALA C 146 16.00 -2.28 15.07
N ILE C 147 16.63 -1.57 16.01
CA ILE C 147 16.09 -0.34 16.52
C ILE C 147 17.21 0.57 17.01
N ASP C 148 17.02 1.87 16.80
CA ASP C 148 17.80 2.91 17.45
C ASP C 148 16.93 4.17 17.63
N ALA C 149 17.54 5.30 17.98
CA ALA C 149 16.77 6.48 18.39
C ALA C 149 15.91 7.08 17.27
N GLN C 150 16.39 7.06 16.03
CA GLN C 150 15.73 7.80 14.93
C GLN C 150 15.72 7.14 13.53
N THR C 151 16.78 6.39 13.17
CA THR C 151 16.94 5.86 11.82
C THR C 151 16.48 4.39 11.66
N LEU C 152 16.72 3.53 12.65
CA LEU C 152 16.32 2.12 12.54
C LEU C 152 15.14 1.77 13.47
N PRO C 153 14.22 0.92 13.01
CA PRO C 153 14.14 0.25 11.70
C PRO C 153 13.58 1.12 10.58
N THR C 154 13.88 0.74 9.35
CA THR C 154 13.29 1.36 8.17
C THR C 154 11.95 0.70 7.87
N ARG C 155 11.08 1.43 7.19
CA ARG C 155 9.77 0.86 6.80
C ARG C 155 9.98 -0.30 5.82
N GLY C 156 10.99 -0.18 4.98
CA GLY C 156 11.31 -1.22 4.02
C GLY C 156 11.66 -2.53 4.70
N ALA C 157 12.51 -2.48 5.72
CA ALA C 157 12.88 -3.72 6.44
C ALA C 157 11.69 -4.35 7.15
N ILE C 158 10.80 -3.53 7.68
CA ILE C 158 9.63 -4.07 8.37
C ILE C 158 8.73 -4.73 7.36
N SER C 159 8.45 -4.00 6.27
CA SER C 159 7.57 -4.50 5.21
C SER C 159 8.05 -5.83 4.66
N GLN C 160 9.32 -5.89 4.28
CA GLN C 160 9.87 -7.12 3.74
C GLN C 160 9.83 -8.27 4.75
N ASN C 161 10.05 -7.96 6.01
CA ASN C 161 9.99 -8.97 7.04
C ASN C 161 8.58 -9.43 7.36
N ALA C 162 7.64 -8.50 7.38
CA ALA C 162 6.21 -8.84 7.50
C ALA C 162 5.73 -9.74 6.33
N GLN C 163 6.21 -9.44 5.13
CA GLN C 163 5.82 -10.17 3.93
C GLN C 163 6.32 -11.61 3.94
N ALA C 164 7.56 -11.83 4.40
CA ALA C 164 8.12 -13.19 4.59
C ALA C 164 7.34 -13.94 5.67
N LEU C 165 7.06 -13.27 6.78
CA LEU C 165 6.23 -13.86 7.82
C LEU C 165 4.89 -14.35 7.28
N ALA C 166 4.23 -13.52 6.46
CA ALA C 166 2.91 -13.86 5.96
C ALA C 166 2.95 -15.08 5.01
N ARG C 167 3.99 -15.15 4.19
CA ARG C 167 4.25 -16.30 3.30
C ARG C 167 4.42 -17.61 4.09
N TYR C 168 5.19 -17.50 5.16
CA TYR C 168 5.40 -18.59 6.12
C TYR C 168 4.07 -19.03 6.76
N ALA C 169 3.33 -18.08 7.30
CA ALA C 169 2.10 -18.37 8.01
C ALA C 169 1.07 -19.09 7.13
N ALA C 170 0.89 -18.62 5.90
CA ALA C 170 -0.07 -19.24 4.97
C ALA C 170 0.31 -20.69 4.64
N LEU C 171 1.59 -20.93 4.42
CA LEU C 171 2.13 -22.30 4.30
C LEU C 171 1.91 -23.18 5.52
N CYS C 172 2.20 -22.68 6.73
CA CYS C 172 1.93 -23.44 7.95
C CYS C 172 0.49 -23.91 8.02
N GLN C 173 -0.44 -23.00 7.77
CA GLN C 173 -1.86 -23.32 7.93
C GLN C 173 -2.33 -24.30 6.86
N GLU C 174 -1.81 -24.18 5.64
CA GLU C 174 -2.06 -25.13 4.57
C GLU C 174 -1.61 -26.54 4.97
N ALA C 175 -0.53 -26.61 5.73
CA ALA C 175 0.10 -27.92 6.05
C ALA C 175 -0.54 -28.57 7.28
N GLY C 176 -1.34 -27.80 8.01
CA GLY C 176 -2.03 -28.29 9.21
C GLY C 176 -1.38 -27.89 10.52
N LEU C 177 -0.37 -27.01 10.48
CA LEU C 177 0.31 -26.54 11.69
C LEU C 177 -0.06 -25.08 12.01
N VAL C 178 -0.14 -24.75 13.29
CA VAL C 178 -0.38 -23.38 13.73
C VAL C 178 0.96 -22.60 13.69
N PRO C 179 0.99 -21.46 13.00
CA PRO C 179 2.21 -20.70 12.98
C PRO C 179 2.31 -19.77 14.17
N ILE C 180 3.48 -19.75 14.83
CA ILE C 180 3.82 -18.66 15.73
C ILE C 180 4.51 -17.59 14.89
N VAL C 181 4.01 -16.37 15.00
CA VAL C 181 4.52 -15.25 14.24
C VAL C 181 5.34 -14.42 15.21
N GLU C 182 6.67 -14.44 15.04
CA GLU C 182 7.59 -13.74 15.94
C GLU C 182 8.31 -12.52 15.33
N PRO C 183 7.70 -11.33 15.46
CA PRO C 183 8.40 -10.11 15.08
C PRO C 183 8.98 -9.46 16.31
N GLU C 184 10.28 -9.62 16.51
CA GLU C 184 10.95 -9.08 17.70
C GLU C 184 11.65 -7.76 17.40
N VAL C 185 11.17 -6.68 18.02
CA VAL C 185 11.95 -5.46 18.14
C VAL C 185 12.94 -5.71 19.27
N LEU C 186 14.24 -5.64 18.95
CA LEU C 186 15.29 -6.08 19.86
C LEU C 186 15.57 -5.06 20.94
N MET C 187 15.53 -5.49 22.19
CA MET C 187 15.94 -4.61 23.30
C MET C 187 17.44 -4.74 23.54
N ASP C 188 18.04 -5.80 23.02
CA ASP C 188 19.42 -6.12 23.36
C ASP C 188 20.32 -6.27 22.12
N GLY C 189 20.03 -5.49 21.08
CA GLY C 189 20.87 -5.44 19.89
C GLY C 189 21.99 -4.45 20.09
N PRO C 190 22.66 -4.05 19.01
CA PRO C 190 23.74 -3.05 19.12
C PRO C 190 23.32 -1.75 19.81
N SER C 191 22.15 -1.20 19.47
CA SER C 191 21.64 -0.04 20.22
C SER C 191 20.68 -0.51 21.30
N ARG C 192 21.00 -0.24 22.56
CA ARG C 192 20.19 -0.66 23.72
C ARG C 192 19.91 0.47 24.70
N GLN C 193 20.03 1.72 24.26
CA GLN C 193 19.83 2.87 25.15
C GLN C 193 18.62 3.72 24.71
N HIS C 194 17.77 3.11 23.90
CA HIS C 194 16.56 3.74 23.40
C HIS C 194 15.46 3.71 24.45
N SER C 195 14.51 4.63 24.35
CA SER C 195 13.45 4.78 25.34
C SER C 195 12.29 3.79 25.12
N ILE C 196 11.44 3.66 26.14
CA ILE C 196 10.24 2.83 26.05
C ILE C 196 9.25 3.46 25.08
N THR C 197 9.26 4.79 24.99
CA THR C 197 8.44 5.52 24.02
C THR C 197 8.87 5.17 22.61
N ARG C 198 10.18 5.15 22.38
CA ARG C 198 10.70 4.78 21.08
C ARG C 198 10.31 3.33 20.71
N CYS C 199 10.40 2.42 21.67
CA CYS C 199 9.98 1.03 21.45
C CYS C 199 8.48 0.95 21.18
N PHE C 200 7.71 1.72 21.94
CA PHE C 200 6.28 1.79 21.72
C PHE C 200 5.97 2.15 20.27
N GLU C 201 6.63 3.20 19.75
CA GLU C 201 6.27 3.69 18.43
C GLU C 201 6.71 2.69 17.36
N VAL C 202 7.87 2.09 17.54
CA VAL C 202 8.39 1.11 16.60
C VAL C 202 7.58 -0.19 16.61
N THR C 203 7.26 -0.70 17.79
CA THR C 203 6.44 -1.92 17.89
C THR C 203 5.04 -1.69 17.25
N LYS C 204 4.50 -0.50 17.41
CA LYS C 204 3.19 -0.17 16.82
C LYS C 204 3.19 -0.37 15.30
N VAL C 205 4.17 0.26 14.64
CA VAL C 205 4.36 0.15 13.20
C VAL C 205 4.70 -1.29 12.78
N VAL C 206 5.49 -2.00 13.58
CA VAL C 206 5.85 -3.39 13.23
C VAL C 206 4.64 -4.30 13.24
N LEU C 207 3.86 -4.25 14.32
CA LEU C 207 2.69 -5.12 14.46
C LEU C 207 1.60 -4.78 13.46
N HIS C 208 1.37 -3.49 13.24
CA HIS C 208 0.43 -3.04 12.23
C HIS C 208 0.79 -3.59 10.87
N THR C 209 2.06 -3.46 10.50
CA THR C 209 2.51 -3.94 9.19
C THR C 209 2.39 -5.45 9.11
N VAL C 210 2.74 -6.14 10.18
CA VAL C 210 2.64 -7.60 10.25
C VAL C 210 1.21 -8.06 10.00
N PHE C 211 0.24 -7.49 10.72
CA PHE C 211 -1.14 -7.94 10.54
C PHE C 211 -1.78 -7.56 9.21
N LYS C 212 -1.28 -6.49 8.61
CA LYS C 212 -1.72 -6.09 7.28
C LYS C 212 -1.33 -7.17 6.24
N GLU C 213 -0.10 -7.68 6.36
CA GLU C 213 0.43 -8.64 5.38
C GLU C 213 -0.15 -10.03 5.58
N LEU C 214 -0.35 -10.41 6.83
CA LEU C 214 -1.06 -11.64 7.15
C LEU C 214 -2.45 -11.58 6.52
N PHE C 215 -3.08 -10.43 6.63
CA PHE C 215 -4.42 -10.24 6.07
C PHE C 215 -4.41 -10.37 4.56
N GLU C 216 -3.42 -9.76 3.91
CA GLU C 216 -3.38 -9.85 2.43
C GLU C 216 -3.06 -11.25 1.96
N ALA C 217 -2.29 -12.00 2.75
CA ALA C 217 -1.98 -13.39 2.41
C ALA C 217 -3.00 -14.44 2.90
N ARG C 218 -4.17 -13.97 3.36
CA ARG C 218 -5.33 -14.83 3.73
C ARG C 218 -5.01 -15.77 4.88
N VAL C 219 -4.24 -15.26 5.83
CA VAL C 219 -3.93 -16.02 7.02
C VAL C 219 -5.16 -16.00 7.93
N LEU C 220 -5.46 -17.15 8.52
CA LEU C 220 -6.58 -17.25 9.44
C LEU C 220 -6.08 -16.77 10.79
N PHE C 221 -6.56 -15.60 11.22
CA PHE C 221 -6.13 -15.04 12.48
C PHE C 221 -6.46 -15.97 13.67
N GLU C 222 -7.57 -16.69 13.56
CA GLU C 222 -8.03 -17.52 14.66
C GLU C 222 -7.15 -18.76 14.83
N GLY C 223 -6.25 -19.02 13.88
CA GLY C 223 -5.38 -20.21 13.89
C GLY C 223 -3.89 -19.91 13.85
N MET C 224 -3.50 -18.83 14.55
CA MET C 224 -2.11 -18.44 14.71
C MET C 224 -1.87 -17.91 16.14
N ILE C 225 -0.61 -17.82 16.52
CA ILE C 225 -0.18 -17.24 17.78
C ILE C 225 0.82 -16.12 17.46
N LEU C 226 0.73 -15.01 18.18
CA LEU C 226 1.69 -13.92 18.07
C LEU C 226 2.68 -14.06 19.19
N LYS C 227 3.97 -13.93 18.86
CA LYS C 227 5.04 -13.88 19.84
C LYS C 227 5.86 -12.60 19.65
N PRO C 228 5.42 -11.49 20.28
CA PRO C 228 6.09 -10.20 20.17
C PRO C 228 7.00 -9.90 21.35
N ASN C 229 7.85 -8.89 21.19
CA ASN C 229 8.51 -8.29 22.34
C ASN C 229 7.47 -7.57 23.16
N MET C 230 7.74 -7.42 24.44
CA MET C 230 6.98 -6.50 25.25
C MET C 230 7.44 -5.11 24.86
N VAL C 231 6.61 -4.11 25.12
CA VAL C 231 7.06 -2.73 24.95
C VAL C 231 7.93 -2.36 26.14
N ILE C 232 9.20 -2.09 25.86
CA ILE C 232 10.19 -1.92 26.91
C ILE C 232 11.37 -1.11 26.40
N ASP C 233 11.97 -0.33 27.29
CA ASP C 233 13.16 0.43 26.94
C ASP C 233 14.35 -0.50 26.69
N GLY C 234 15.40 0.05 26.10
CA GLY C 234 16.59 -0.72 25.80
C GLY C 234 17.24 -1.28 27.07
N LYS C 235 17.96 -2.37 26.87
CA LYS C 235 18.58 -3.10 27.97
C LYS C 235 19.51 -2.24 28.82
N ASP C 236 20.17 -1.24 28.22
CA ASP C 236 21.15 -0.43 28.97
C ASP C 236 20.55 0.92 29.41
N ALA C 237 19.24 1.11 29.25
CA ALA C 237 18.59 2.35 29.71
C ALA C 237 17.22 2.06 30.32
N ARG C 238 17.21 1.12 31.25
CA ARG C 238 15.98 0.61 31.84
C ARG C 238 15.43 1.51 32.93
N ILE C 239 14.35 2.22 32.60
CA ILE C 239 13.66 3.10 33.53
C ILE C 239 12.23 2.64 33.84
N ALA C 240 11.54 2.13 32.81
CA ALA C 240 10.13 1.81 32.93
C ALA C 240 9.86 0.84 34.06
N SER C 241 8.92 1.21 34.91
CA SER C 241 8.45 0.32 35.96
C SER C 241 7.73 -0.90 35.39
N VAL C 242 7.44 -1.86 36.27
CA VAL C 242 6.69 -3.05 35.87
C VAL C 242 5.32 -2.65 35.32
N GLU C 243 4.66 -1.72 36.03
CA GLU C 243 3.35 -1.23 35.62
C GLU C 243 3.38 -0.58 34.23
N GLU C 244 4.40 0.22 33.96
CA GLU C 244 4.45 0.97 32.70
C GLU C 244 4.70 0.03 31.52
N VAL C 245 5.58 -0.93 31.69
CA VAL C 245 5.77 -1.94 30.66
C VAL C 245 4.47 -2.71 30.39
N ALA C 246 3.79 -3.13 31.45
CA ALA C 246 2.55 -3.91 31.28
C ALA C 246 1.47 -3.09 30.58
N GLU C 247 1.32 -1.86 31.03
CA GLU C 247 0.31 -0.96 30.52
C GLU C 247 0.54 -0.58 29.05
N LYS C 248 1.78 -0.23 28.73
CA LYS C 248 2.11 0.20 27.37
C LYS C 248 2.03 -0.97 26.38
N THR C 249 2.48 -2.15 26.80
CA THR C 249 2.40 -3.35 25.99
C THR C 249 0.94 -3.70 25.65
N VAL C 250 0.10 -3.82 26.67
CA VAL C 250 -1.31 -4.09 26.42
C VAL C 250 -1.93 -3.02 25.51
N HIS C 251 -1.58 -1.76 25.74
CA HIS C 251 -2.03 -0.65 24.91
C HIS C 251 -1.68 -0.82 23.42
N VAL C 252 -0.41 -1.14 23.10
CA VAL C 252 0.00 -1.35 21.69
C VAL C 252 -0.72 -2.55 21.06
N LEU C 253 -0.96 -3.60 21.85
CA LEU C 253 -1.64 -4.78 21.37
C LEU C 253 -3.13 -4.50 21.08
N LYS C 254 -3.79 -3.76 21.97
CA LYS C 254 -5.19 -3.37 21.75
C LYS C 254 -5.34 -2.54 20.46
N GLN C 255 -4.29 -1.81 20.11
CA GLN C 255 -4.27 -0.99 18.89
C GLN C 255 -3.97 -1.76 17.61
N THR C 256 -3.23 -2.87 17.69
CA THR C 256 -2.72 -3.55 16.50
C THR C 256 -3.05 -5.03 16.33
N VAL C 257 -3.33 -5.76 17.41
CA VAL C 257 -3.55 -7.20 17.31
C VAL C 257 -5.03 -7.52 17.35
N PRO C 258 -5.60 -7.98 16.22
CA PRO C 258 -7.00 -8.34 16.15
C PRO C 258 -7.48 -9.23 17.28
N ALA C 259 -8.69 -8.95 17.77
CA ALA C 259 -9.36 -9.78 18.75
C ALA C 259 -9.50 -11.23 18.32
N ALA C 260 -9.58 -11.46 17.00
CA ALA C 260 -9.67 -12.84 16.45
C ALA C 260 -8.48 -13.73 16.79
N VAL C 261 -7.31 -13.14 17.03
CA VAL C 261 -6.12 -13.89 17.43
C VAL C 261 -6.39 -14.45 18.84
N PRO C 262 -6.13 -15.76 19.06
CA PRO C 262 -6.49 -16.39 20.35
C PRO C 262 -5.50 -16.18 21.49
N GLY C 263 -4.22 -16.06 21.19
CA GLY C 263 -3.22 -15.94 22.23
C GLY C 263 -2.01 -15.13 21.80
N ILE C 264 -1.37 -14.49 22.77
CA ILE C 264 -0.15 -13.75 22.54
C ILE C 264 0.84 -14.29 23.54
N ALA C 265 1.94 -14.87 23.03
CA ALA C 265 2.93 -15.55 23.88
C ALA C 265 4.23 -14.78 23.76
N PHE C 266 4.54 -13.97 24.77
CA PHE C 266 5.65 -13.04 24.66
C PHE C 266 7.02 -13.70 24.63
N LEU C 267 7.97 -13.06 23.96
CA LEU C 267 9.39 -13.40 24.10
C LEU C 267 9.98 -12.69 25.31
N SER C 268 11.02 -13.27 25.91
CA SER C 268 11.66 -12.62 27.07
C SER C 268 12.64 -11.57 26.59
N GLY C 269 13.39 -11.86 25.53
CA GLY C 269 14.12 -10.83 24.78
C GLY C 269 15.36 -10.20 25.38
N GLY C 270 15.85 -10.74 26.48
CA GLY C 270 17.00 -10.16 27.17
C GLY C 270 16.66 -9.71 28.57
N GLN C 271 15.38 -9.63 28.89
CA GLN C 271 14.95 -9.26 30.23
C GLN C 271 15.45 -10.30 31.19
N THR C 272 15.61 -9.92 32.45
CA THR C 272 15.93 -10.89 33.48
C THR C 272 14.78 -11.87 33.67
N ASP C 273 15.08 -12.98 34.32
CA ASP C 273 14.10 -14.04 34.56
C ASP C 273 12.90 -13.47 35.30
N GLU C 274 13.17 -12.60 36.28
CA GLU C 274 12.10 -12.07 37.15
C GLU C 274 11.29 -10.97 36.46
N GLU C 275 11.97 -10.07 35.76
CA GLU C 275 11.31 -9.08 34.93
C GLU C 275 10.26 -9.72 34.03
N ALA C 276 10.66 -10.74 33.29
CA ALA C 276 9.78 -11.39 32.30
C ALA C 276 8.55 -12.02 32.97
N THR C 277 8.74 -12.54 34.18
CA THR C 277 7.66 -13.11 34.93
C THR C 277 6.74 -12.01 35.41
N ALA C 278 7.32 -10.94 35.94
CA ALA C 278 6.58 -9.90 36.62
C ALA C 278 5.73 -9.08 35.64
N HIS C 279 6.33 -8.79 34.50
CA HIS C 279 5.64 -8.05 33.43
C HIS C 279 4.40 -8.84 32.95
N LEU C 280 4.57 -10.14 32.72
CA LEU C 280 3.44 -10.94 32.27
C LEU C 280 2.35 -10.99 33.34
N SER C 281 2.73 -11.15 34.60
CA SER C 281 1.73 -11.15 35.68
C SER C 281 0.97 -9.82 35.78
N ALA C 282 1.70 -8.72 35.75
CA ALA C 282 1.09 -7.38 35.73
C ALA C 282 0.10 -7.22 34.56
N MET C 283 0.45 -7.73 33.37
CA MET C 283 -0.44 -7.63 32.21
C MET C 283 -1.71 -8.44 32.39
N ASN C 284 -1.60 -9.56 33.10
CA ASN C 284 -2.76 -10.40 33.39
C ASN C 284 -3.54 -9.95 34.62
N ALA C 285 -3.07 -8.91 35.32
CA ALA C 285 -3.87 -8.33 36.40
C ALA C 285 -4.57 -7.02 35.97
N LEU C 286 -4.69 -6.78 34.67
CA LEU C 286 -5.33 -5.54 34.16
C LEU C 286 -6.83 -5.68 33.76
N GLY C 287 -7.46 -6.81 34.10
CA GLY C 287 -8.85 -7.04 33.68
C GLY C 287 -8.98 -7.75 32.34
N ALA C 288 -10.22 -7.91 31.88
CA ALA C 288 -10.55 -8.73 30.71
C ALA C 288 -9.87 -8.22 29.44
N LEU C 289 -9.25 -9.14 28.71
CA LEU C 289 -8.55 -8.84 27.46
C LEU C 289 -9.08 -9.76 26.38
N PRO C 290 -8.98 -9.31 25.12
CA PRO C 290 -9.55 -10.06 24.00
C PRO C 290 -8.70 -11.27 23.55
N TRP C 291 -7.50 -11.40 24.09
CA TRP C 291 -6.68 -12.57 23.80
C TRP C 291 -6.04 -13.03 25.08
N LYS C 292 -5.65 -14.31 25.11
CA LYS C 292 -4.84 -14.82 26.18
C LYS C 292 -3.48 -14.18 26.10
N LEU C 293 -2.92 -13.80 27.25
CA LEU C 293 -1.53 -13.36 27.33
C LEU C 293 -0.73 -14.38 28.13
N THR C 294 0.26 -15.00 27.50
CA THR C 294 1.10 -15.96 28.20
C THR C 294 2.54 -15.79 27.74
N PHE C 295 3.35 -16.83 27.97
CA PHE C 295 4.77 -16.81 27.65
C PHE C 295 5.17 -17.74 26.49
N SER C 296 6.20 -17.33 25.77
CA SER C 296 6.97 -18.22 24.92
C SER C 296 8.44 -17.86 25.18
N TYR C 297 8.94 -18.30 26.32
CA TYR C 297 10.26 -17.87 26.78
C TYR C 297 11.34 -18.90 26.48
N GLY C 298 12.52 -18.37 26.16
CA GLY C 298 13.73 -19.15 25.99
C GLY C 298 14.64 -18.88 27.16
N ARG C 299 15.39 -17.79 27.09
CA ARG C 299 16.29 -17.40 28.19
C ARG C 299 15.61 -17.38 29.56
N ALA C 300 14.44 -16.77 29.66
CA ALA C 300 13.78 -16.57 30.94
C ALA C 300 13.24 -17.86 31.61
N LEU C 301 13.18 -18.95 30.84
CA LEU C 301 12.84 -20.27 31.36
C LEU C 301 14.06 -21.19 31.49
N GLN C 302 15.17 -20.83 30.85
CA GLN C 302 16.31 -21.75 30.68
C GLN C 302 17.62 -21.28 31.29
N ALA C 303 17.83 -19.97 31.41
CA ALA C 303 19.12 -19.42 31.86
C ALA C 303 19.57 -20.05 33.17
N ALA C 304 18.71 -20.03 34.17
CA ALA C 304 19.05 -20.59 35.48
C ALA C 304 19.29 -22.09 35.44
N ALA C 305 18.48 -22.79 34.64
CA ALA C 305 18.60 -24.24 34.54
C ALA C 305 19.93 -24.61 33.88
N LEU C 306 20.30 -23.86 32.86
CA LEU C 306 21.56 -24.08 32.13
C LEU C 306 22.77 -23.90 33.03
N LYS C 307 22.80 -22.80 33.76
CA LYS C 307 23.88 -22.51 34.71
C LYS C 307 24.04 -23.61 35.77
N ALA C 308 22.92 -24.12 36.27
CA ALA C 308 22.94 -25.17 37.28
C ALA C 308 23.35 -26.53 36.68
N TRP C 309 22.97 -26.76 35.42
CA TRP C 309 23.33 -27.99 34.73
C TRP C 309 24.83 -28.11 34.51
N ALA C 310 25.44 -27.03 34.05
CA ALA C 310 26.89 -26.93 33.84
C ALA C 310 27.49 -28.12 33.10
N GLY C 311 26.78 -28.60 32.09
CA GLY C 311 27.21 -29.73 31.28
C GLY C 311 27.48 -31.03 32.05
N LYS C 312 26.86 -31.18 33.22
CA LYS C 312 27.15 -32.31 34.11
C LYS C 312 25.92 -33.18 34.42
N ASN C 313 26.00 -34.46 34.04
CA ASN C 313 24.98 -35.44 34.40
C ASN C 313 24.60 -35.47 35.87
N GLU C 314 25.58 -35.31 36.76
CA GLU C 314 25.30 -35.28 38.21
C GLU C 314 24.48 -34.04 38.63
N ASN C 315 24.48 -33.00 37.81
CA ASN C 315 23.69 -31.80 38.11
C ASN C 315 22.27 -31.84 37.54
N ILE C 316 21.83 -32.99 37.01
CA ILE C 316 20.51 -33.10 36.36
C ILE C 316 19.33 -32.71 37.26
N VAL C 317 19.32 -33.20 38.50
CA VAL C 317 18.19 -32.94 39.40
C VAL C 317 18.10 -31.47 39.76
N VAL C 318 19.25 -30.88 40.08
CA VAL C 318 19.33 -29.47 40.47
C VAL C 318 18.94 -28.55 39.33
N ALA C 319 19.29 -28.91 38.09
CA ALA C 319 18.88 -28.12 36.93
C ALA C 319 17.38 -28.22 36.71
N GLN C 320 16.83 -29.42 36.83
CA GLN C 320 15.38 -29.61 36.70
C GLN C 320 14.60 -28.77 37.72
N LYS C 321 15.09 -28.70 38.96
CA LYS C 321 14.44 -27.93 40.01
C LYS C 321 14.42 -26.44 39.67
N ALA C 322 15.50 -25.94 39.09
CA ALA C 322 15.59 -24.53 38.72
C ALA C 322 14.58 -24.18 37.62
N PHE C 323 14.58 -25.00 36.56
CA PHE C 323 13.59 -24.92 35.51
C PHE C 323 12.16 -25.04 36.04
N CYS C 324 11.92 -26.05 36.87
CA CYS C 324 10.58 -26.25 37.47
C CYS C 324 10.11 -25.02 38.23
N HIS C 325 11.01 -24.35 38.94
CA HIS C 325 10.63 -23.15 39.67
C HIS C 325 10.21 -22.03 38.70
N ARG C 326 11.01 -21.78 37.67
CA ARG C 326 10.73 -20.71 36.73
C ARG C 326 9.48 -21.01 35.89
N ALA C 327 9.29 -22.28 35.54
CA ALA C 327 8.06 -22.71 34.89
C ALA C 327 6.84 -22.41 35.75
N ARG C 328 6.92 -22.72 37.04
CA ARG C 328 5.81 -22.50 37.94
C ARG C 328 5.52 -21.00 38.11
N MET C 329 6.57 -20.21 38.26
CA MET C 329 6.39 -18.77 38.45
C MET C 329 5.70 -18.19 37.23
N ASN C 330 6.10 -18.66 36.06
CA ASN C 330 5.53 -18.17 34.83
C ASN C 330 4.10 -18.64 34.60
N HIS C 331 3.84 -19.88 35.03
CA HIS C 331 2.49 -20.38 35.14
C HIS C 331 1.63 -19.42 35.96
N LEU C 332 2.15 -18.99 37.11
CA LEU C 332 1.41 -18.08 37.99
C LEU C 332 1.20 -16.72 37.30
N ALA C 333 2.21 -16.27 36.56
CA ALA C 333 2.13 -15.02 35.83
C ALA C 333 1.02 -15.07 34.77
N ALA C 334 0.97 -16.18 34.04
CA ALA C 334 -0.05 -16.34 33.03
C ALA C 334 -1.44 -16.26 33.63
N LEU C 335 -1.58 -16.55 34.92
CA LEU C 335 -2.86 -16.45 35.65
C LEU C 335 -3.03 -15.10 36.37
N GLY C 336 -2.04 -14.23 36.25
CA GLY C 336 -2.02 -12.97 36.99
C GLY C 336 -1.87 -13.16 38.50
N GLN C 337 -1.32 -14.29 38.92
CA GLN C 337 -1.26 -14.68 40.33
C GLN C 337 0.14 -14.60 40.94
N TRP C 338 1.14 -14.20 40.15
CA TRP C 338 2.51 -14.09 40.66
C TRP C 338 2.68 -12.90 41.60
N THR C 339 3.40 -13.12 42.69
CA THR C 339 3.91 -12.05 43.54
C THR C 339 5.38 -12.34 43.83
N LYS C 340 6.11 -11.30 44.22
CA LYS C 340 7.54 -11.43 44.50
C LYS C 340 7.79 -12.39 45.67
N ASP C 341 6.87 -12.42 46.63
CA ASP C 341 6.94 -13.34 47.78
C ASP C 341 7.19 -14.77 47.34
N GLN C 342 6.55 -15.17 46.25
CA GLN C 342 6.55 -16.56 45.80
C GLN C 342 7.82 -17.03 45.11
N GLU C 343 8.78 -16.13 44.89
CA GLU C 343 10.13 -16.51 44.45
C GLU C 343 10.90 -17.16 45.59
N LYS C 344 10.56 -16.79 46.82
CA LYS C 344 11.13 -17.40 48.03
C LYS C 344 10.27 -18.58 48.50
N SER D 4 -5.00 14.79 27.59
CA SER D 4 -6.22 15.53 28.04
C SER D 4 -7.20 15.73 26.88
N MET D 5 -6.68 16.07 25.69
CA MET D 5 -7.55 16.03 24.51
C MET D 5 -7.99 14.59 24.27
N ASN D 6 -7.01 13.69 24.26
CA ASN D 6 -7.24 12.25 24.17
C ASN D 6 -8.24 11.74 25.20
N GLU D 7 -8.03 12.15 26.45
CA GLU D 7 -8.87 11.73 27.59
C GLU D 7 -10.31 12.21 27.43
N ARG D 8 -10.49 13.43 26.93
CA ARG D 8 -11.84 13.95 26.70
C ARG D 8 -12.55 13.25 25.54
N LEU D 9 -11.83 12.98 24.45
CA LEU D 9 -12.43 12.23 23.34
C LEU D 9 -12.86 10.85 23.81
N GLU D 10 -11.98 10.20 24.57
CA GLU D 10 -12.26 8.89 25.12
C GLU D 10 -13.51 8.88 25.99
N ASP D 11 -13.64 9.90 26.85
CA ASP D 11 -14.76 9.98 27.78
C ASP D 11 -16.06 10.21 27.03
N ILE D 12 -16.03 11.10 26.05
CA ILE D 12 -17.20 11.36 25.22
C ILE D 12 -17.57 10.06 24.51
N ALA D 13 -16.59 9.43 23.86
CA ALA D 13 -16.80 8.16 23.15
C ALA D 13 -17.44 7.11 24.03
N LEU D 14 -16.89 6.90 25.22
CA LEU D 14 -17.45 5.94 26.17
C LEU D 14 -18.91 6.24 26.56
N THR D 15 -19.22 7.51 26.80
CA THR D 15 -20.57 7.91 27.15
C THR D 15 -21.56 7.56 26.03
N LEU D 16 -21.10 7.70 24.79
CA LEU D 16 -21.95 7.47 23.63
C LEU D 16 -22.37 5.99 23.48
N VAL D 17 -21.58 5.07 24.05
CA VAL D 17 -21.88 3.62 23.96
C VAL D 17 -22.11 2.96 25.31
N GLY D 18 -22.27 3.75 26.37
CA GLY D 18 -22.28 3.20 27.70
C GLY D 18 -23.67 2.81 28.17
N ALA D 19 -23.72 1.85 29.09
CA ALA D 19 -24.90 1.65 29.94
C ALA D 19 -26.15 1.24 29.16
N GLY D 20 -25.95 0.47 28.10
CA GLY D 20 -27.04 -0.02 27.28
C GLY D 20 -27.78 1.08 26.54
N LYS D 21 -27.10 2.17 26.24
CA LYS D 21 -27.71 3.26 25.49
C LYS D 21 -27.15 3.26 24.08
N GLY D 22 -27.78 4.04 23.21
CA GLY D 22 -27.37 4.12 21.81
C GLY D 22 -27.76 5.42 21.14
N ILE D 23 -27.37 5.55 19.89
CA ILE D 23 -27.46 6.81 19.17
C ILE D 23 -28.73 6.88 18.31
N LEU D 24 -29.48 7.97 18.43
CA LEU D 24 -30.55 8.28 17.50
C LEU D 24 -29.96 9.03 16.32
N ALA D 25 -29.94 8.38 15.16
CA ALA D 25 -29.45 8.98 13.92
C ALA D 25 -30.56 9.80 13.25
N ALA D 26 -30.64 11.08 13.58
CA ALA D 26 -31.70 11.96 13.08
C ALA D 26 -31.14 13.01 12.11
N ASP D 27 -30.00 12.69 11.52
CA ASP D 27 -29.22 13.60 10.67
C ASP D 27 -29.56 13.53 9.16
N GLU D 28 -30.71 13.00 8.80
CA GLU D 28 -31.08 12.91 7.39
C GLU D 28 -31.04 14.32 6.77
N SER D 29 -30.40 14.43 5.62
CA SER D 29 -30.37 15.69 4.87
C SER D 29 -31.72 16.00 4.25
N THR D 30 -31.83 17.21 3.71
CA THR D 30 -33.06 17.72 3.14
C THR D 30 -33.68 16.71 2.18
N ALA D 31 -32.90 16.29 1.19
CA ALA D 31 -33.35 15.31 0.20
C ALA D 31 -33.76 13.96 0.82
N THR D 32 -32.99 13.51 1.81
CA THR D 32 -33.25 12.20 2.43
C THR D 32 -34.52 12.22 3.27
N ILE D 33 -34.66 13.22 4.14
CA ILE D 33 -35.87 13.35 4.93
C ILE D 33 -37.11 13.56 4.04
N GLY D 34 -36.93 14.29 2.94
CA GLY D 34 -37.98 14.47 1.93
C GLY D 34 -38.49 13.16 1.32
N LYS D 35 -37.58 12.22 1.06
CA LYS D 35 -37.99 10.88 0.61
C LYS D 35 -38.87 10.19 1.67
N ARG D 36 -38.44 10.27 2.93
CA ARG D 36 -39.12 9.60 4.04
C ARG D 36 -40.52 10.19 4.24
N PHE D 37 -40.59 11.52 4.24
CA PHE D 37 -41.84 12.25 4.35
C PHE D 37 -42.77 11.96 3.18
N GLU D 38 -42.23 11.93 1.96
CA GLU D 38 -43.06 11.71 0.76
C GLU D 38 -43.73 10.32 0.82
N SER D 39 -42.97 9.32 1.29
CA SER D 39 -43.49 7.96 1.49
C SER D 39 -44.84 7.96 2.22
N ILE D 40 -44.93 8.66 3.35
CA ILE D 40 -46.19 8.75 4.12
C ILE D 40 -47.12 9.93 3.76
N GLY D 41 -46.87 10.59 2.62
CA GLY D 41 -47.73 11.67 2.12
C GLY D 41 -47.59 13.04 2.77
N VAL D 42 -46.45 13.32 3.40
CA VAL D 42 -46.26 14.59 4.11
C VAL D 42 -45.26 15.51 3.41
N GLU D 43 -45.67 16.76 3.19
CA GLU D 43 -44.85 17.75 2.51
C GLU D 43 -43.58 18.06 3.31
N CYS D 44 -42.45 18.07 2.62
CA CYS D 44 -41.15 18.33 3.24
C CYS D 44 -40.87 19.82 3.27
N THR D 45 -41.49 20.49 4.23
CA THR D 45 -41.22 21.88 4.51
C THR D 45 -40.27 21.96 5.68
N GLU D 46 -39.66 23.12 5.87
CA GLU D 46 -38.82 23.34 7.03
C GLU D 46 -39.60 23.23 8.36
N ASP D 47 -40.85 23.68 8.39
CA ASP D 47 -41.62 23.59 9.61
C ASP D 47 -42.03 22.16 9.96
N ASN D 48 -42.36 21.34 8.97
CA ASN D 48 -42.68 19.94 9.23
C ASN D 48 -41.45 19.15 9.71
N ARG D 49 -40.27 19.45 9.17
CA ARG D 49 -39.03 18.85 9.67
C ARG D 49 -38.75 19.26 11.12
N ARG D 50 -38.88 20.55 11.44
CA ARG D 50 -38.74 21.01 12.82
C ARG D 50 -39.74 20.28 13.72
N ALA D 51 -41.01 20.34 13.36
CA ALA D 51 -42.07 19.74 14.18
C ALA D 51 -41.82 18.26 14.39
N TYR D 52 -41.40 17.56 13.33
CA TYR D 52 -41.14 16.12 13.39
C TYR D 52 -40.00 15.80 14.36
N ARG D 53 -38.92 16.54 14.25
CA ARG D 53 -37.77 16.27 15.10
C ARG D 53 -38.06 16.68 16.53
N GLU D 54 -38.77 17.78 16.70
CA GLU D 54 -39.18 18.20 18.03
C GLU D 54 -39.94 17.08 18.74
N MET D 55 -40.82 16.42 17.99
CA MET D 55 -41.62 15.32 18.53
C MET D 55 -40.75 14.21 19.08
N LEU D 56 -39.69 13.88 18.36
CA LEU D 56 -38.75 12.86 18.82
C LEU D 56 -37.98 13.28 20.05
N PHE D 57 -37.46 14.52 20.02
CA PHE D 57 -36.53 14.98 21.07
C PHE D 57 -37.20 15.32 22.37
N THR D 58 -38.52 15.54 22.36
CA THR D 58 -39.31 15.73 23.58
C THR D 58 -39.98 14.43 24.09
N ALA D 59 -39.68 13.27 23.50
CA ALA D 59 -40.18 12.01 24.02
C ALA D 59 -39.36 11.62 25.25
N LYS D 60 -39.79 12.10 26.42
CA LYS D 60 -38.98 12.07 27.64
C LYS D 60 -38.38 10.72 27.91
N GLU D 61 -39.22 9.71 28.04
CA GLU D 61 -38.80 8.38 28.51
C GLU D 61 -37.76 7.79 27.57
N ALA D 62 -38.02 7.88 26.27
CA ALA D 62 -37.08 7.39 25.28
C ALA D 62 -35.75 8.15 25.36
N MET D 63 -35.82 9.47 25.42
CA MET D 63 -34.59 10.28 25.41
C MET D 63 -33.76 10.11 26.69
N GLU D 64 -34.41 9.97 27.84
CA GLU D 64 -33.68 9.89 29.10
C GLU D 64 -33.02 8.54 29.32
N SER D 65 -33.71 7.46 28.97
CA SER D 65 -33.30 6.11 29.34
C SER D 65 -32.55 5.34 28.25
N ALA D 66 -32.83 5.63 26.98
CA ALA D 66 -32.27 4.82 25.88
C ALA D 66 -31.24 5.55 25.00
N ILE D 67 -31.38 6.86 24.83
CA ILE D 67 -30.60 7.61 23.84
C ILE D 67 -29.41 8.36 24.46
N SER D 68 -28.20 7.91 24.16
CA SER D 68 -26.97 8.54 24.64
C SER D 68 -26.58 9.79 23.86
N GLY D 69 -27.00 9.84 22.60
CA GLY D 69 -26.62 10.92 21.70
C GLY D 69 -27.54 10.96 20.49
N VAL D 70 -27.61 12.14 19.86
CA VAL D 70 -28.45 12.37 18.69
C VAL D 70 -27.60 12.98 17.59
N ILE D 71 -27.57 12.33 16.43
CA ILE D 71 -26.88 12.89 15.28
C ILE D 71 -27.86 13.83 14.61
N LEU D 72 -27.38 15.03 14.28
CA LEU D 72 -28.22 16.09 13.70
C LEU D 72 -27.67 16.53 12.36
N PHE D 73 -28.59 16.93 11.48
CA PHE D 73 -28.24 17.66 10.28
C PHE D 73 -28.08 19.13 10.66
N ASP D 74 -27.21 19.83 9.94
CA ASP D 74 -26.94 21.26 10.18
C ASP D 74 -28.18 22.10 10.53
N GLU D 75 -29.20 22.02 9.68
CA GLU D 75 -30.42 22.81 9.83
C GLU D 75 -30.99 22.63 11.24
N THR D 76 -31.06 21.38 11.67
CA THR D 76 -31.67 21.00 12.94
C THR D 76 -30.82 21.48 14.12
N LEU D 77 -29.50 21.40 13.98
CA LEU D 77 -28.60 21.92 15.01
C LEU D 77 -28.82 23.42 15.28
N ARG D 78 -29.29 24.16 14.28
CA ARG D 78 -29.56 25.61 14.43
C ARG D 78 -31.04 25.96 14.68
N GLN D 79 -31.89 24.95 14.83
CA GLN D 79 -33.34 25.14 14.96
C GLN D 79 -33.81 25.30 16.40
N LYS D 80 -34.83 26.13 16.58
CA LYS D 80 -35.51 26.29 17.85
C LYS D 80 -36.76 25.42 17.88
N ALA D 81 -37.10 24.92 19.06
CA ALA D 81 -38.41 24.29 19.27
C ALA D 81 -39.51 25.35 19.26
N SER D 82 -40.75 24.87 19.16
CA SER D 82 -41.94 25.71 19.23
C SER D 82 -41.95 26.59 20.49
N THR D 83 -41.34 26.08 21.55
CA THR D 83 -41.25 26.80 22.83
C THR D 83 -40.21 27.92 22.83
N GLY D 84 -39.42 28.03 21.76
CA GLY D 84 -38.41 29.11 21.64
C GLY D 84 -37.03 28.68 22.09
N GLN D 85 -36.93 27.45 22.58
CA GLN D 85 -35.69 26.89 23.14
C GLN D 85 -34.90 26.19 22.03
N MET D 86 -33.56 26.25 22.07
CA MET D 86 -32.77 25.54 21.06
C MET D 86 -33.01 24.05 21.18
N LEU D 87 -33.15 23.36 20.05
CA LEU D 87 -33.35 21.90 20.06
C LEU D 87 -32.18 21.16 20.69
N THR D 88 -30.97 21.69 20.55
CA THR D 88 -29.80 21.14 21.24
C THR D 88 -29.94 21.21 22.78
N ASP D 89 -30.61 22.21 23.30
CA ASP D 89 -30.83 22.29 24.75
C ASP D 89 -31.89 21.29 25.22
N LEU D 90 -32.93 21.07 24.42
CA LEU D 90 -33.88 19.99 24.70
C LEU D 90 -33.15 18.67 24.81
N ILE D 91 -32.24 18.43 23.86
CA ILE D 91 -31.47 17.19 23.79
C ILE D 91 -30.58 17.06 25.02
N ARG D 92 -29.89 18.13 25.39
CA ARG D 92 -29.03 18.13 26.58
C ARG D 92 -29.81 17.96 27.86
N ASP D 93 -31.02 18.51 27.91
CA ASP D 93 -31.83 18.40 29.13
C ASP D 93 -32.34 16.98 29.39
N ALA D 94 -32.38 16.14 28.36
CA ALA D 94 -32.71 14.71 28.55
C ALA D 94 -31.48 13.83 28.91
N GLY D 95 -30.30 14.42 28.97
CA GLY D 95 -29.06 13.67 29.28
C GLY D 95 -28.35 13.13 28.05
N ALA D 96 -28.82 13.53 26.86
CA ALA D 96 -28.21 13.11 25.60
C ALA D 96 -27.25 14.17 25.06
N VAL D 97 -26.23 13.70 24.35
CA VAL D 97 -25.18 14.55 23.80
C VAL D 97 -25.54 14.87 22.35
N PRO D 98 -25.47 16.15 21.96
CA PRO D 98 -25.70 16.48 20.55
C PRO D 98 -24.49 16.17 19.70
N GLY D 99 -24.73 15.69 18.49
CA GLY D 99 -23.68 15.49 17.52
C GLY D 99 -24.13 15.97 16.16
N ILE D 100 -23.19 16.06 15.23
CA ILE D 100 -23.42 16.70 13.93
C ILE D 100 -22.83 15.87 12.79
N LYS D 101 -23.65 15.56 11.79
CA LYS D 101 -23.17 15.00 10.53
C LYS D 101 -22.52 16.13 9.74
N VAL D 102 -21.31 15.88 9.21
CA VAL D 102 -20.56 16.95 8.55
C VAL D 102 -20.28 16.71 7.06
N ASP D 103 -20.63 15.55 6.53
CA ASP D 103 -20.45 15.29 5.11
C ASP D 103 -21.51 16.01 4.27
N THR D 104 -21.13 16.33 3.04
CA THR D 104 -22.04 16.97 2.08
C THR D 104 -22.62 16.01 1.03
N GLY D 105 -22.57 14.70 1.30
CA GLY D 105 -23.24 13.71 0.45
C GLY D 105 -22.33 12.77 -0.34
N ALA D 106 -22.88 11.64 -0.71
CA ALA D 106 -22.15 10.63 -1.48
C ALA D 106 -22.38 10.97 -2.94
N LYS D 107 -21.29 11.29 -3.66
CA LYS D 107 -21.34 11.73 -5.07
C LYS D 107 -20.70 10.70 -5.99
N PRO D 108 -21.07 10.68 -7.28
CA PRO D 108 -20.42 9.73 -8.19
C PRO D 108 -18.91 9.87 -8.17
N LEU D 109 -18.21 8.75 -8.23
CA LEU D 109 -16.76 8.76 -8.18
C LEU D 109 -16.26 8.71 -9.61
N ALA D 110 -15.51 9.73 -10.00
CA ALA D 110 -14.99 9.85 -11.35
C ALA D 110 -14.14 8.62 -11.67
N ALA D 111 -14.40 8.04 -12.85
CA ALA D 111 -13.70 6.84 -13.37
C ALA D 111 -14.06 5.50 -12.70
N PHE D 112 -15.04 5.53 -11.80
CA PHE D 112 -15.56 4.34 -11.14
C PHE D 112 -17.09 4.29 -11.25
N PRO D 113 -17.61 3.88 -12.41
CA PRO D 113 -19.05 3.81 -12.62
C PRO D 113 -19.80 3.04 -11.51
N GLN D 114 -20.95 3.59 -11.13
CA GLN D 114 -21.84 3.02 -10.12
C GLN D 114 -21.30 3.10 -8.68
N GLU D 115 -20.14 3.73 -8.48
CA GLU D 115 -19.64 3.90 -7.11
C GLU D 115 -19.57 5.38 -6.74
N THR D 116 -19.40 5.64 -5.45
CA THR D 116 -19.42 6.98 -4.93
C THR D 116 -18.22 7.36 -4.09
N ILE D 117 -18.05 8.66 -3.91
CA ILE D 117 -17.06 9.20 -2.99
C ILE D 117 -17.76 10.30 -2.21
N THR D 118 -17.55 10.35 -0.90
CA THR D 118 -18.24 11.30 -0.06
C THR D 118 -17.45 12.60 0.03
N GLU D 119 -18.15 13.72 -0.13
CA GLU D 119 -17.56 15.04 -0.04
C GLU D 119 -17.84 15.71 1.29
N GLY D 120 -17.10 16.81 1.54
CA GLY D 120 -17.29 17.62 2.74
C GLY D 120 -16.05 18.00 3.52
N LEU D 121 -14.85 17.73 3.00
CA LEU D 121 -13.62 18.06 3.74
C LEU D 121 -13.26 19.53 3.73
N ASP D 122 -13.75 20.29 2.75
CA ASP D 122 -13.33 21.67 2.55
C ASP D 122 -13.94 22.60 3.60
N GLY D 123 -13.10 23.43 4.18
CA GLY D 123 -13.56 24.30 5.26
C GLY D 123 -14.08 23.54 6.48
N LEU D 124 -13.72 22.26 6.61
CA LEU D 124 -14.21 21.43 7.72
C LEU D 124 -13.69 21.84 9.10
N ARG D 125 -12.42 22.20 9.19
CA ARG D 125 -11.86 22.69 10.44
C ARG D 125 -12.70 23.85 10.98
N GLU D 126 -13.08 24.78 10.11
CA GLU D 126 -13.84 25.96 10.52
C GLU D 126 -15.27 25.54 10.92
N ARG D 127 -15.93 24.70 10.11
CA ARG D 127 -17.28 24.21 10.46
CA ARG D 127 -17.27 24.22 10.46
C ARG D 127 -17.26 23.51 11.82
N LEU D 128 -16.24 22.70 12.05
CA LEU D 128 -16.12 21.92 13.30
C LEU D 128 -15.99 22.83 14.53
N LYS D 129 -15.13 23.84 14.43
CA LYS D 129 -14.95 24.83 15.49
C LYS D 129 -16.28 25.52 15.80
N ASP D 130 -17.05 25.85 14.76
CA ASP D 130 -18.37 26.48 14.97
C ASP D 130 -19.37 25.50 15.61
N TYR D 131 -19.34 24.24 15.17
CA TYR D 131 -20.23 23.24 15.74
C TYR D 131 -19.89 22.97 17.22
N TYR D 132 -18.60 22.96 17.55
CA TYR D 132 -18.20 22.75 18.94
C TYR D 132 -18.79 23.83 19.84
N THR D 133 -18.63 25.09 19.43
CA THR D 133 -19.16 26.20 20.19
C THR D 133 -20.67 26.06 20.41
N LEU D 134 -21.36 25.55 19.40
CA LEU D 134 -22.81 25.38 19.43
C LEU D 134 -23.29 24.17 20.27
N GLY D 135 -22.34 23.40 20.81
CA GLY D 135 -22.65 22.32 21.75
C GLY D 135 -22.46 20.90 21.22
N ALA D 136 -22.14 20.74 19.94
CA ALA D 136 -21.86 19.41 19.39
C ALA D 136 -20.57 18.85 19.94
N ARG D 137 -20.60 17.58 20.33
CA ARG D 137 -19.44 16.93 20.90
C ARG D 137 -19.01 15.66 20.16
N PHE D 138 -19.74 15.28 19.12
CA PHE D 138 -19.29 14.25 18.21
C PHE D 138 -19.79 14.54 16.82
N ALA D 139 -19.16 13.92 15.82
CA ALA D 139 -19.55 14.14 14.42
C ALA D 139 -19.79 12.82 13.69
N LYS D 140 -20.27 12.89 12.45
CA LYS D 140 -20.51 11.70 11.66
C LYS D 140 -20.24 11.95 10.19
N TRP D 141 -19.73 10.93 9.51
CA TRP D 141 -19.44 10.99 8.09
C TRP D 141 -19.76 9.64 7.52
N ARG D 142 -20.54 9.63 6.44
CA ARG D 142 -20.98 8.40 5.81
C ARG D 142 -20.30 8.14 4.47
N ALA D 143 -19.59 7.03 4.38
CA ALA D 143 -19.12 6.49 3.09
C ALA D 143 -20.08 5.40 2.62
N VAL D 144 -20.48 5.47 1.35
CA VAL D 144 -21.43 4.52 0.78
C VAL D 144 -20.66 3.57 -0.14
N ILE D 145 -20.66 2.30 0.22
CA ILE D 145 -20.00 1.25 -0.56
C ILE D 145 -21.01 0.43 -1.35
N ALA D 146 -21.00 0.57 -2.67
CA ALA D 146 -21.86 -0.23 -3.56
C ALA D 146 -21.41 -1.68 -3.52
N ILE D 147 -22.31 -2.60 -3.84
CA ILE D 147 -21.97 -4.02 -3.80
C ILE D 147 -22.77 -4.83 -4.83
N ASP D 148 -22.08 -5.75 -5.51
CA ASP D 148 -22.76 -6.79 -6.27
C ASP D 148 -22.04 -8.13 -6.11
N ALA D 149 -22.36 -9.11 -6.95
CA ALA D 149 -21.84 -10.47 -6.77
C ALA D 149 -20.34 -10.59 -6.94
N GLN D 150 -19.76 -9.76 -7.83
CA GLN D 150 -18.38 -9.99 -8.28
C GLN D 150 -17.55 -8.72 -8.46
N THR D 151 -18.12 -7.70 -9.12
CA THR D 151 -17.32 -6.58 -9.60
C THR D 151 -17.27 -5.40 -8.63
N LEU D 152 -18.40 -5.07 -8.02
CA LEU D 152 -18.42 -3.98 -7.03
C LEU D 152 -18.43 -4.52 -5.63
N PRO D 153 -17.80 -3.80 -4.69
CA PRO D 153 -17.05 -2.55 -4.89
C PRO D 153 -15.61 -2.81 -5.37
N THR D 154 -15.00 -1.80 -5.99
CA THR D 154 -13.60 -1.88 -6.40
C THR D 154 -12.71 -1.49 -5.22
N ARG D 155 -11.44 -1.89 -5.30
CA ARG D 155 -10.46 -1.53 -4.26
C ARG D 155 -10.30 -0.04 -4.23
N GLY D 156 -10.32 0.57 -5.40
CA GLY D 156 -10.18 2.01 -5.57
C GLY D 156 -11.23 2.76 -4.82
N ALA D 157 -12.49 2.42 -5.05
CA ALA D 157 -13.58 3.12 -4.37
C ALA D 157 -13.46 3.02 -2.84
N ILE D 158 -13.15 1.80 -2.36
CA ILE D 158 -12.96 1.57 -0.91
C ILE D 158 -11.81 2.44 -0.37
N SER D 159 -10.68 2.42 -1.06
CA SER D 159 -9.52 3.17 -0.61
C SER D 159 -9.78 4.65 -0.53
N GLN D 160 -10.31 5.22 -1.60
CA GLN D 160 -10.62 6.65 -1.61
C GLN D 160 -11.61 7.06 -0.53
N ASN D 161 -12.60 6.22 -0.28
CA ASN D 161 -13.57 6.53 0.77
C ASN D 161 -12.96 6.42 2.15
N ALA D 162 -12.15 5.37 2.37
CA ALA D 162 -11.43 5.22 3.61
C ALA D 162 -10.50 6.41 3.87
N GLN D 163 -9.83 6.87 2.82
CA GLN D 163 -8.93 8.03 2.92
C GLN D 163 -9.70 9.33 3.25
N ALA D 164 -10.85 9.53 2.64
CA ALA D 164 -11.68 10.67 3.03
C ALA D 164 -12.15 10.54 4.49
N LEU D 165 -12.55 9.33 4.88
CA LEU D 165 -12.97 9.08 6.25
C LEU D 165 -11.87 9.48 7.27
N ALA D 166 -10.64 9.10 6.97
CA ALA D 166 -9.52 9.34 7.88
C ALA D 166 -9.21 10.84 7.99
N ARG D 167 -9.30 11.55 6.87
CA ARG D 167 -9.12 13.00 6.87
C ARG D 167 -10.13 13.69 7.80
N TYR D 168 -11.39 13.26 7.68
CA TYR D 168 -12.48 13.77 8.51
C TYR D 168 -12.24 13.47 9.97
N ALA D 169 -11.86 12.24 10.27
CA ALA D 169 -11.67 11.80 11.64
C ALA D 169 -10.54 12.56 12.32
N ALA D 170 -9.42 12.74 11.62
CA ALA D 170 -8.32 13.55 12.16
C ALA D 170 -8.77 14.99 12.50
N LEU D 171 -9.53 15.60 11.60
CA LEU D 171 -10.01 16.96 11.79
C LEU D 171 -10.97 17.06 12.96
N CYS D 172 -11.90 16.11 13.07
CA CYS D 172 -12.83 16.05 14.20
C CYS D 172 -12.08 16.05 15.53
N GLN D 173 -11.13 15.12 15.64
CA GLN D 173 -10.39 14.93 16.88
C GLN D 173 -9.61 16.19 17.27
N GLU D 174 -9.04 16.88 16.27
CA GLU D 174 -8.29 18.12 16.49
C GLU D 174 -9.19 19.20 17.08
N ALA D 175 -10.43 19.27 16.60
CA ALA D 175 -11.43 20.24 17.10
C ALA D 175 -12.10 19.74 18.37
N GLY D 176 -11.85 18.50 18.76
CA GLY D 176 -12.37 18.00 20.03
C GLY D 176 -13.69 17.26 19.92
N LEU D 177 -14.12 16.96 18.70
CA LEU D 177 -15.31 16.12 18.53
C LEU D 177 -14.90 14.68 18.30
N VAL D 178 -15.69 13.75 18.84
CA VAL D 178 -15.52 12.33 18.56
C VAL D 178 -16.13 12.01 17.20
N PRO D 179 -15.32 11.52 16.25
CA PRO D 179 -15.86 11.13 14.96
C PRO D 179 -16.51 9.75 14.96
N ILE D 180 -17.77 9.67 14.55
CA ILE D 180 -18.38 8.41 14.18
C ILE D 180 -17.94 8.17 12.75
N VAL D 181 -17.31 7.01 12.53
CA VAL D 181 -16.86 6.57 11.20
C VAL D 181 -17.88 5.58 10.63
N GLU D 182 -18.60 5.98 9.58
CA GLU D 182 -19.69 5.17 9.03
C GLU D 182 -19.40 4.72 7.61
N PRO D 183 -18.84 3.50 7.46
CA PRO D 183 -18.68 2.96 6.12
C PRO D 183 -19.74 1.90 5.87
N GLU D 184 -20.72 2.22 5.03
CA GLU D 184 -21.88 1.35 4.84
C GLU D 184 -21.79 0.58 3.55
N VAL D 185 -21.65 -0.76 3.67
CA VAL D 185 -21.88 -1.66 2.55
C VAL D 185 -23.38 -1.80 2.43
N LEU D 186 -23.95 -1.38 1.31
CA LEU D 186 -25.41 -1.31 1.16
C LEU D 186 -26.06 -2.67 1.01
N MET D 187 -27.12 -2.91 1.78
CA MET D 187 -27.95 -4.09 1.56
C MET D 187 -29.10 -3.78 0.61
N ASP D 188 -29.35 -2.48 0.36
CA ASP D 188 -30.57 -2.03 -0.32
C ASP D 188 -30.32 -1.02 -1.45
N GLY D 189 -29.16 -1.11 -2.08
CA GLY D 189 -28.83 -0.28 -3.23
C GLY D 189 -29.37 -0.94 -4.51
N PRO D 190 -28.91 -0.43 -5.67
CA PRO D 190 -29.40 -0.90 -6.97
C PRO D 190 -29.38 -2.42 -7.09
N SER D 191 -28.24 -3.03 -6.76
CA SER D 191 -28.10 -4.49 -6.73
C SER D 191 -28.17 -4.93 -5.30
N ARG D 192 -28.97 -5.96 -5.04
CA ARG D 192 -29.24 -6.34 -3.68
C ARG D 192 -29.76 -7.76 -3.56
N GLN D 193 -29.11 -8.64 -4.30
CA GLN D 193 -29.36 -10.06 -4.20
C GLN D 193 -28.09 -10.80 -3.86
N HIS D 194 -27.09 -10.05 -3.40
CA HIS D 194 -25.85 -10.65 -2.94
C HIS D 194 -26.11 -11.42 -1.66
N SER D 195 -25.32 -12.47 -1.44
CA SER D 195 -25.44 -13.33 -0.26
C SER D 195 -24.73 -12.77 0.97
N ILE D 196 -25.00 -13.36 2.12
CA ILE D 196 -24.36 -12.95 3.36
C ILE D 196 -22.85 -13.23 3.35
N THR D 197 -22.44 -14.29 2.66
CA THR D 197 -21.02 -14.59 2.46
C THR D 197 -20.34 -13.47 1.68
N ARG D 198 -20.97 -13.05 0.59
CA ARG D 198 -20.43 -11.97 -0.20
C ARG D 198 -20.31 -10.67 0.65
N CYS D 199 -21.36 -10.36 1.41
CA CYS D 199 -21.30 -9.22 2.34
C CYS D 199 -20.20 -9.37 3.38
N PHE D 200 -20.03 -10.58 3.87
CA PHE D 200 -18.97 -10.85 4.81
C PHE D 200 -17.60 -10.52 4.22
N GLU D 201 -17.34 -10.98 2.99
CA GLU D 201 -16.03 -10.69 2.37
C GLU D 201 -15.83 -9.20 2.07
N VAL D 202 -16.84 -8.56 1.49
CA VAL D 202 -16.74 -7.14 1.17
C VAL D 202 -16.56 -6.30 2.45
N THR D 203 -17.37 -6.55 3.46
CA THR D 203 -17.30 -5.78 4.71
C THR D 203 -15.93 -5.92 5.36
N LYS D 204 -15.37 -7.11 5.24
CA LYS D 204 -14.06 -7.39 5.83
C LYS D 204 -12.96 -6.53 5.20
N VAL D 205 -12.94 -6.45 3.86
CA VAL D 205 -11.95 -5.61 3.16
C VAL D 205 -12.19 -4.13 3.46
N VAL D 206 -13.46 -3.72 3.49
CA VAL D 206 -13.82 -2.35 3.85
C VAL D 206 -13.32 -2.00 5.25
N LEU D 207 -13.67 -2.79 6.25
CA LEU D 207 -13.24 -2.45 7.63
C LEU D 207 -11.72 -2.49 7.75
N HIS D 208 -11.08 -3.44 7.08
CA HIS D 208 -9.63 -3.51 7.08
C HIS D 208 -9.00 -2.24 6.50
N THR D 209 -9.54 -1.77 5.38
CA THR D 209 -9.00 -0.58 4.71
C THR D 209 -9.26 0.68 5.53
N VAL D 210 -10.45 0.82 6.10
CA VAL D 210 -10.80 1.96 6.92
C VAL D 210 -9.80 2.13 8.07
N PHE D 211 -9.56 1.06 8.81
CA PHE D 211 -8.68 1.15 9.97
C PHE D 211 -7.22 1.32 9.60
N LYS D 212 -6.83 0.76 8.47
CA LYS D 212 -5.50 1.01 7.93
C LYS D 212 -5.27 2.51 7.66
N GLU D 213 -6.25 3.16 7.04
CA GLU D 213 -6.12 4.59 6.71
C GLU D 213 -6.26 5.48 7.94
N LEU D 214 -7.14 5.13 8.87
CA LEU D 214 -7.20 5.86 10.14
C LEU D 214 -5.85 5.79 10.86
N PHE D 215 -5.25 4.60 10.88
CA PHE D 215 -3.93 4.40 11.47
C PHE D 215 -2.93 5.36 10.86
N GLU D 216 -2.86 5.40 9.53
CA GLU D 216 -1.87 6.22 8.79
C GLU D 216 -2.10 7.72 8.98
N ALA D 217 -3.35 8.10 9.15
CA ALA D 217 -3.70 9.48 9.39
C ALA D 217 -3.64 9.85 10.89
N ARG D 218 -3.13 8.94 11.73
CA ARG D 218 -2.88 9.22 13.16
C ARG D 218 -4.15 9.51 13.94
N VAL D 219 -5.21 8.79 13.61
CA VAL D 219 -6.49 8.87 14.31
C VAL D 219 -6.40 8.05 15.59
N LEU D 220 -6.83 8.63 16.71
CA LEU D 220 -6.89 7.93 17.98
C LEU D 220 -8.08 6.99 18.00
N PHE D 221 -7.80 5.69 18.09
CA PHE D 221 -8.83 4.66 18.01
C PHE D 221 -9.73 4.75 19.22
N GLU D 222 -9.13 5.09 20.35
CA GLU D 222 -9.83 5.20 21.61
C GLU D 222 -10.84 6.36 21.63
N GLY D 223 -10.74 7.29 20.68
CA GLY D 223 -11.60 8.48 20.63
C GLY D 223 -12.48 8.56 19.40
N MET D 224 -13.00 7.43 18.97
CA MET D 224 -13.89 7.38 17.83
C MET D 224 -14.90 6.26 18.05
N ILE D 225 -15.92 6.24 17.22
CA ILE D 225 -16.94 5.19 17.23
C ILE D 225 -17.16 4.71 15.80
N LEU D 226 -17.24 3.39 15.61
CA LEU D 226 -17.53 2.83 14.32
C LEU D 226 -19.03 2.63 14.17
N LYS D 227 -19.53 2.98 12.99
CA LYS D 227 -20.91 2.71 12.63
C LYS D 227 -20.95 1.94 11.30
N PRO D 228 -20.82 0.60 11.37
CA PRO D 228 -20.85 -0.25 10.21
C PRO D 228 -22.21 -0.85 9.99
N ASN D 229 -22.44 -1.36 8.78
CA ASN D 229 -23.48 -2.32 8.53
C ASN D 229 -23.20 -3.63 9.25
N MET D 230 -24.28 -4.35 9.58
CA MET D 230 -24.15 -5.73 10.00
C MET D 230 -23.82 -6.54 8.77
N VAL D 231 -23.32 -7.77 8.99
CA VAL D 231 -23.05 -8.70 7.92
C VAL D 231 -24.37 -9.41 7.63
N ILE D 232 -24.89 -9.14 6.45
CA ILE D 232 -26.25 -9.52 6.13
C ILE D 232 -26.35 -9.63 4.62
N ASP D 233 -27.25 -10.48 4.16
CA ASP D 233 -27.47 -10.64 2.75
C ASP D 233 -28.29 -9.47 2.22
N GLY D 234 -28.29 -9.31 0.90
CA GLY D 234 -29.08 -8.28 0.25
C GLY D 234 -30.57 -8.35 0.58
N LYS D 235 -31.23 -7.20 0.46
CA LYS D 235 -32.62 -7.04 0.85
C LYS D 235 -33.57 -7.98 0.11
N ASP D 236 -33.24 -8.30 -1.13
CA ASP D 236 -34.09 -9.17 -1.96
C ASP D 236 -33.61 -10.62 -2.01
N ALA D 237 -32.75 -11.00 -1.07
CA ALA D 237 -32.25 -12.38 -1.02
C ALA D 237 -31.98 -12.77 0.42
N ARG D 238 -32.83 -12.27 1.32
CA ARG D 238 -32.69 -12.50 2.75
C ARG D 238 -33.00 -13.96 3.08
N ILE D 239 -31.97 -14.68 3.51
CA ILE D 239 -32.13 -16.02 4.03
C ILE D 239 -31.39 -16.24 5.36
N ALA D 240 -30.33 -15.48 5.60
CA ALA D 240 -29.60 -15.59 6.87
C ALA D 240 -30.52 -15.42 8.08
N SER D 241 -30.46 -16.39 8.99
CA SER D 241 -31.19 -16.35 10.25
C SER D 241 -30.67 -15.23 11.14
N VAL D 242 -31.41 -14.90 12.19
CA VAL D 242 -30.94 -13.94 13.19
C VAL D 242 -29.59 -14.35 13.76
N GLU D 243 -29.49 -15.62 14.12
CA GLU D 243 -28.31 -16.16 14.79
C GLU D 243 -27.06 -16.04 13.90
N GLU D 244 -27.24 -16.32 12.61
CA GLU D 244 -26.16 -16.31 11.62
C GLU D 244 -25.65 -14.90 11.38
N VAL D 245 -26.56 -13.92 11.30
CA VAL D 245 -26.16 -12.52 11.10
C VAL D 245 -25.34 -12.05 12.30
N ALA D 246 -25.88 -12.28 13.49
CA ALA D 246 -25.20 -11.93 14.73
C ALA D 246 -23.81 -12.51 14.71
N GLU D 247 -23.73 -13.81 14.42
CA GLU D 247 -22.47 -14.55 14.53
C GLU D 247 -21.43 -14.09 13.53
N LYS D 248 -21.84 -13.92 12.28
CA LYS D 248 -20.92 -13.47 11.23
C LYS D 248 -20.53 -12.00 11.41
N THR D 249 -21.42 -11.18 11.97
CA THR D 249 -21.10 -9.79 12.20
C THR D 249 -20.01 -9.69 13.24
N VAL D 250 -20.20 -10.39 14.35
CA VAL D 250 -19.23 -10.35 15.42
C VAL D 250 -17.87 -10.93 14.99
N HIS D 251 -17.93 -11.95 14.15
CA HIS D 251 -16.75 -12.57 13.58
C HIS D 251 -15.96 -11.55 12.74
N VAL D 252 -16.62 -10.88 11.80
CA VAL D 252 -15.89 -9.92 10.96
C VAL D 252 -15.33 -8.77 11.79
N LEU D 253 -16.03 -8.39 12.86
CA LEU D 253 -15.54 -7.28 13.69
C LEU D 253 -14.31 -7.67 14.53
N LYS D 254 -14.24 -8.91 15.00
CA LYS D 254 -13.07 -9.40 15.71
C LYS D 254 -11.86 -9.52 14.79
N GLN D 255 -12.12 -9.76 13.50
CA GLN D 255 -11.05 -9.77 12.51
C GLN D 255 -10.48 -8.40 12.17
N THR D 256 -11.32 -7.36 12.22
CA THR D 256 -10.96 -6.07 11.63
C THR D 256 -11.00 -4.80 12.52
N VAL D 257 -11.75 -4.81 13.62
CA VAL D 257 -11.92 -3.61 14.41
C VAL D 257 -11.12 -3.74 15.70
N PRO D 258 -10.06 -2.94 15.86
CA PRO D 258 -9.19 -3.00 17.01
C PRO D 258 -9.92 -2.96 18.34
N ALA D 259 -9.41 -3.71 19.31
CA ALA D 259 -9.94 -3.71 20.67
C ALA D 259 -9.92 -2.31 21.28
N ALA D 260 -9.03 -1.45 20.79
CA ALA D 260 -8.86 -0.12 21.34
C ALA D 260 -10.08 0.76 21.08
N VAL D 261 -10.86 0.42 20.07
CA VAL D 261 -12.07 1.16 19.75
C VAL D 261 -13.12 0.88 20.83
N PRO D 262 -13.65 1.93 21.45
CA PRO D 262 -14.50 1.68 22.61
C PRO D 262 -15.87 1.16 22.23
N GLY D 263 -16.36 1.50 21.04
CA GLY D 263 -17.71 1.11 20.68
C GLY D 263 -18.04 1.05 19.23
N ILE D 264 -18.98 0.16 18.91
CA ILE D 264 -19.51 -0.06 17.57
C ILE D 264 -21.02 0.10 17.64
N ALA D 265 -21.56 1.02 16.83
CA ALA D 265 -22.99 1.34 16.86
C ALA D 265 -23.58 1.13 15.46
N PHE D 266 -24.36 0.08 15.31
CA PHE D 266 -24.70 -0.39 13.98
C PHE D 266 -25.72 0.51 13.32
N LEU D 267 -25.63 0.65 12.01
CA LEU D 267 -26.70 1.27 11.22
C LEU D 267 -27.72 0.19 10.92
N SER D 268 -28.98 0.56 10.73
CA SER D 268 -30.04 -0.43 10.49
C SER D 268 -30.12 -0.76 9.00
N GLY D 269 -29.82 0.22 8.15
CA GLY D 269 -29.45 -0.04 6.76
C GLY D 269 -30.50 -0.56 5.81
N GLY D 270 -31.77 -0.49 6.20
CA GLY D 270 -32.87 -1.05 5.41
C GLY D 270 -33.50 -2.30 6.04
N GLN D 271 -32.94 -2.77 7.14
CA GLN D 271 -33.54 -3.87 7.88
C GLN D 271 -34.89 -3.42 8.44
N THR D 272 -35.75 -4.39 8.76
CA THR D 272 -36.98 -4.08 9.48
C THR D 272 -36.62 -3.64 10.90
N ASP D 273 -37.58 -3.00 11.57
CA ASP D 273 -37.39 -2.49 12.91
C ASP D 273 -37.01 -3.63 13.83
N GLU D 274 -37.75 -4.73 13.73
CA GLU D 274 -37.60 -5.87 14.63
C GLU D 274 -36.28 -6.65 14.41
N GLU D 275 -35.95 -6.95 13.15
CA GLU D 275 -34.65 -7.53 12.75
C GLU D 275 -33.47 -6.79 13.35
N ALA D 276 -33.50 -5.46 13.20
CA ALA D 276 -32.43 -4.60 13.69
C ALA D 276 -32.20 -4.75 15.19
N THR D 277 -33.28 -4.86 15.94
CA THR D 277 -33.26 -5.04 17.37
C THR D 277 -32.79 -6.44 17.70
N ALA D 278 -33.40 -7.44 17.07
CA ALA D 278 -33.08 -8.84 17.38
C ALA D 278 -31.63 -9.17 17.09
N HIS D 279 -31.12 -8.68 15.97
CA HIS D 279 -29.71 -8.93 15.62
C HIS D 279 -28.77 -8.35 16.68
N LEU D 280 -29.03 -7.12 17.10
CA LEU D 280 -28.16 -6.46 18.09
C LEU D 280 -28.19 -7.20 19.40
N SER D 281 -29.39 -7.64 19.78
CA SER D 281 -29.57 -8.38 21.02
C SER D 281 -28.82 -9.74 20.98
N ALA D 282 -29.00 -10.49 19.91
CA ALA D 282 -28.24 -11.75 19.75
C ALA D 282 -26.72 -11.56 19.82
N MET D 283 -26.22 -10.49 19.21
CA MET D 283 -24.78 -10.20 19.23
C MET D 283 -24.27 -9.96 20.65
N ASN D 284 -25.10 -9.31 21.47
CA ASN D 284 -24.76 -9.05 22.87
C ASN D 284 -25.04 -10.23 23.79
N ALA D 285 -25.46 -11.37 23.24
CA ALA D 285 -25.65 -12.60 24.04
C ALA D 285 -24.60 -13.64 23.70
N LEU D 286 -23.52 -13.20 23.05
CA LEU D 286 -22.46 -14.11 22.62
C LEU D 286 -21.23 -14.03 23.54
N GLY D 287 -21.41 -13.54 24.75
CA GLY D 287 -20.29 -13.47 25.70
C GLY D 287 -19.41 -12.25 25.50
N ALA D 288 -18.34 -12.19 26.29
CA ALA D 288 -17.50 -10.98 26.40
C ALA D 288 -16.93 -10.55 25.05
N LEU D 289 -17.08 -9.26 24.74
CA LEU D 289 -16.52 -8.68 23.51
C LEU D 289 -15.57 -7.54 23.85
N PRO D 290 -14.61 -7.26 22.95
CA PRO D 290 -13.62 -6.21 23.22
C PRO D 290 -14.13 -4.78 23.15
N TRP D 291 -15.33 -4.58 22.61
CA TRP D 291 -15.94 -3.24 22.51
C TRP D 291 -17.41 -3.37 22.86
N LYS D 292 -18.03 -2.23 23.16
CA LYS D 292 -19.48 -2.15 23.28
C LYS D 292 -20.11 -2.27 21.89
N LEU D 293 -21.23 -2.98 21.83
CA LEU D 293 -22.01 -3.13 20.62
C LEU D 293 -23.39 -2.55 20.89
N THR D 294 -23.74 -1.50 20.16
CA THR D 294 -25.02 -0.85 20.34
C THR D 294 -25.58 -0.33 19.00
N PHE D 295 -26.49 0.63 19.04
CA PHE D 295 -27.21 1.03 17.85
C PHE D 295 -26.94 2.49 17.56
N SER D 296 -26.86 2.80 16.27
CA SER D 296 -26.99 4.16 15.75
C SER D 296 -28.06 4.12 14.66
N TYR D 297 -29.32 3.96 15.09
CA TYR D 297 -30.41 3.69 14.14
C TYR D 297 -31.12 4.96 13.71
N GLY D 298 -31.41 5.01 12.40
CA GLY D 298 -32.22 6.03 11.79
C GLY D 298 -33.58 5.44 11.54
N ARG D 299 -33.70 4.69 10.45
CA ARG D 299 -34.99 4.10 10.10
C ARG D 299 -35.52 3.17 11.18
N ALA D 300 -34.66 2.36 11.78
CA ALA D 300 -35.12 1.38 12.76
C ALA D 300 -35.67 2.00 14.05
N LEU D 301 -35.33 3.26 14.33
CA LEU D 301 -35.88 3.99 15.47
C LEU D 301 -37.03 4.96 15.11
N GLN D 302 -37.23 5.27 13.83
CA GLN D 302 -38.13 6.37 13.44
C GLN D 302 -39.32 6.02 12.53
N ALA D 303 -39.14 5.04 11.65
CA ALA D 303 -40.16 4.68 10.64
C ALA D 303 -41.56 4.59 11.22
N ALA D 304 -41.70 3.93 12.36
CA ALA D 304 -43.00 3.73 12.99
C ALA D 304 -43.53 5.03 13.59
N ALA D 305 -42.64 5.78 14.25
CA ALA D 305 -43.02 7.11 14.79
C ALA D 305 -43.47 8.06 13.66
N LEU D 306 -42.75 8.04 12.54
CA LEU D 306 -43.07 8.90 11.38
C LEU D 306 -44.43 8.54 10.80
N LYS D 307 -44.65 7.24 10.58
CA LYS D 307 -45.95 6.73 10.09
C LYS D 307 -47.10 7.15 11.00
N ALA D 308 -46.89 7.04 12.31
CA ALA D 308 -47.91 7.39 13.29
C ALA D 308 -48.13 8.89 13.40
N TRP D 309 -47.06 9.66 13.27
CA TRP D 309 -47.12 11.12 13.29
C TRP D 309 -47.98 11.65 12.14
N ALA D 310 -47.69 11.18 10.94
CA ALA D 310 -48.48 11.48 9.75
C ALA D 310 -48.59 12.98 9.44
N GLY D 311 -47.60 13.77 9.89
CA GLY D 311 -47.56 15.21 9.63
C GLY D 311 -48.49 16.07 10.46
N LYS D 312 -49.11 15.49 11.49
CA LYS D 312 -50.15 16.18 12.28
C LYS D 312 -49.76 16.35 13.76
N ASN D 313 -49.98 17.54 14.31
CA ASN D 313 -49.78 17.81 15.75
C ASN D 313 -50.69 16.96 16.61
N GLU D 314 -51.87 16.66 16.08
CA GLU D 314 -52.88 15.85 16.73
C GLU D 314 -52.33 14.47 17.16
N ASN D 315 -51.31 13.97 16.45
CA ASN D 315 -50.75 12.64 16.68
C ASN D 315 -49.40 12.64 17.40
N ILE D 316 -49.04 13.73 18.09
CA ILE D 316 -47.73 13.79 18.74
C ILE D 316 -47.55 12.68 19.78
N VAL D 317 -48.58 12.47 20.59
CA VAL D 317 -48.57 11.44 21.64
C VAL D 317 -48.43 10.03 21.06
N VAL D 318 -49.25 9.68 20.08
CA VAL D 318 -49.20 8.34 19.48
C VAL D 318 -47.87 8.11 18.73
N ALA D 319 -47.27 9.18 18.21
CA ALA D 319 -45.94 9.10 17.59
C ALA D 319 -44.84 8.94 18.64
N GLN D 320 -44.92 9.71 19.73
CA GLN D 320 -43.91 9.57 20.77
C GLN D 320 -43.97 8.20 21.43
N LYS D 321 -45.19 7.65 21.58
CA LYS D 321 -45.34 6.30 22.14
C LYS D 321 -44.66 5.24 21.27
N ALA D 322 -44.84 5.34 19.95
CA ALA D 322 -44.26 4.35 19.04
C ALA D 322 -42.74 4.48 18.99
N PHE D 323 -42.24 5.70 19.13
CA PHE D 323 -40.79 5.93 19.22
C PHE D 323 -40.22 5.40 20.57
N CYS D 324 -40.89 5.69 21.68
CA CYS D 324 -40.47 5.18 23.01
C CYS D 324 -40.37 3.64 23.04
N HIS D 325 -41.29 2.95 22.40
CA HIS D 325 -41.29 1.50 22.42
C HIS D 325 -40.06 0.98 21.68
N ARG D 326 -39.76 1.54 20.51
CA ARG D 326 -38.56 1.13 19.77
C ARG D 326 -37.26 1.54 20.50
N ALA D 327 -37.21 2.73 21.08
CA ALA D 327 -36.05 3.12 21.90
C ALA D 327 -35.80 2.09 23.01
N ARG D 328 -36.87 1.65 23.67
CA ARG D 328 -36.75 0.70 24.76
C ARG D 328 -36.36 -0.70 24.24
N MET D 329 -36.99 -1.14 23.16
CA MET D 329 -36.61 -2.44 22.57
C MET D 329 -35.13 -2.44 22.24
N ASN D 330 -34.62 -1.35 21.70
CA ASN D 330 -33.19 -1.30 21.36
C ASN D 330 -32.24 -1.11 22.58
N HIS D 331 -32.72 -0.45 23.63
CA HIS D 331 -32.02 -0.41 24.91
C HIS D 331 -31.82 -1.84 25.42
N LEU D 332 -32.89 -2.64 25.39
CA LEU D 332 -32.81 -4.04 25.83
C LEU D 332 -31.86 -4.84 24.96
N ALA D 333 -31.87 -4.58 23.65
CA ALA D 333 -30.94 -5.20 22.71
C ALA D 333 -29.49 -4.85 23.04
N ALA D 334 -29.23 -3.59 23.37
CA ALA D 334 -27.89 -3.14 23.75
C ALA D 334 -27.40 -3.91 24.99
N LEU D 335 -28.33 -4.34 25.81
CA LEU D 335 -28.02 -5.13 27.01
C LEU D 335 -28.05 -6.65 26.80
N GLY D 336 -28.32 -7.11 25.58
CA GLY D 336 -28.55 -8.53 25.30
C GLY D 336 -29.78 -9.14 25.99
N GLN D 337 -30.79 -8.31 26.24
CA GLN D 337 -31.98 -8.71 27.02
C GLN D 337 -33.29 -8.68 26.23
N TRP D 338 -33.23 -8.43 24.93
CA TRP D 338 -34.45 -8.44 24.11
C TRP D 338 -34.98 -9.86 23.86
N THR D 339 -36.31 -9.97 23.85
CA THR D 339 -37.01 -11.16 23.39
C THR D 339 -38.24 -10.72 22.59
N LYS D 340 -38.73 -11.63 21.76
CA LYS D 340 -39.91 -11.39 20.93
C LYS D 340 -41.10 -11.01 21.82
N ASP D 341 -41.19 -11.66 22.99
CA ASP D 341 -42.30 -11.42 23.92
C ASP D 341 -42.37 -9.98 24.43
N GLN D 342 -41.25 -9.29 24.46
CA GLN D 342 -41.22 -7.90 24.97
C GLN D 342 -41.76 -6.87 23.97
N GLU D 343 -41.91 -7.25 22.69
CA GLU D 343 -42.59 -6.40 21.72
C GLU D 343 -44.06 -6.16 22.09
N LYS D 344 -44.65 -7.04 22.90
CA LYS D 344 -46.06 -6.92 23.34
C LYS D 344 -46.28 -5.76 24.33
#